data_8RKX
#
_entry.id   8RKX
#
_cell.length_a   1.00
_cell.length_b   1.00
_cell.length_c   1.00
_cell.angle_alpha   90.00
_cell.angle_beta   90.00
_cell.angle_gamma   90.00
#
_symmetry.space_group_name_H-M   'P 1'
#
_entity_poly.entity_id   1
_entity_poly.type   'polypeptide(L)'
_entity_poly.pdbx_seq_one_letter_code
;IITPALISALKTSFQKHFQDALATAPSTYLQVATVIPSTTASNTYGWLGQFPKLREWIGQRVIKDMAAQGYQITNKLFES
TVGVKRTDIEDDNLGVYGPLMQEMGRAAGAHPDELVFALLKAGNANLCYDGQNFFDTDHPVYPNVDGTGTATTVSNLFAP
AADPGAAWYLLDTSRSLKPLIYQERMKPSFTSMTKEDDEQVFMADEYRYGVRSRCNVGFGFWQLAAMSTEELNQVNFEKV
YDAMRNQKADGGRPLDIRPNLLVVPTTLRSKAKEVVGVQRLANGADNPNFELVQVLDTAWLN
;
_entity_poly.pdbx_strand_id   L,V,Q,a,f,k,p
#
# COMPACT_ATOMS: atom_id res chain seq x y z
N ILE A 1 42.19 -36.57 -48.08
CA ILE A 1 41.14 -36.58 -47.07
C ILE A 1 40.56 -35.19 -46.89
N ILE A 2 41.34 -34.17 -47.28
CA ILE A 2 40.92 -32.78 -47.24
C ILE A 2 40.69 -32.32 -48.68
N THR A 3 39.48 -31.84 -48.95
CA THR A 3 39.06 -31.45 -50.29
C THR A 3 38.38 -30.09 -50.24
N PRO A 4 38.24 -29.42 -51.39
CA PRO A 4 37.61 -28.10 -51.39
C PRO A 4 36.19 -28.10 -50.86
N ALA A 5 35.49 -29.23 -50.90
CA ALA A 5 34.13 -29.27 -50.36
C ALA A 5 34.13 -28.97 -48.87
N LEU A 6 35.09 -29.52 -48.13
CA LEU A 6 35.21 -29.20 -46.71
C LEU A 6 35.50 -27.73 -46.51
N ILE A 7 36.33 -27.14 -47.37
CA ILE A 7 36.64 -25.72 -47.27
C ILE A 7 35.37 -24.90 -47.46
N SER A 8 34.57 -25.26 -48.47
CA SER A 8 33.33 -24.53 -48.72
C SER A 8 32.36 -24.67 -47.55
N ALA A 9 32.24 -25.87 -46.99
CA ALA A 9 31.36 -26.07 -45.86
C ALA A 9 31.81 -25.24 -44.66
N LEU A 10 33.12 -25.21 -44.40
CA LEU A 10 33.63 -24.40 -43.30
C LEU A 10 33.39 -22.92 -43.55
N LYS A 11 33.54 -22.47 -44.79
CA LYS A 11 33.28 -21.08 -45.12
C LYS A 11 31.82 -20.74 -44.87
N THR A 12 30.90 -21.62 -45.27
CA THR A 12 29.49 -21.37 -45.04
C THR A 12 29.18 -21.33 -43.54
N SER A 13 29.78 -22.24 -42.76
CA SER A 13 29.55 -22.24 -41.33
C SER A 13 30.08 -20.96 -40.69
N PHE A 14 31.27 -20.52 -41.10
CA PHE A 14 31.82 -19.28 -40.56
C PHE A 14 30.96 -18.08 -40.95
N GLN A 15 30.43 -18.07 -42.17
CA GLN A 15 29.52 -17.01 -42.58
C GLN A 15 28.27 -16.99 -41.71
N LYS A 16 27.70 -18.17 -41.44
CA LYS A 16 26.54 -18.24 -40.57
C LYS A 16 26.85 -17.73 -39.17
N HIS A 17 28.01 -18.13 -38.63
CA HIS A 17 28.40 -17.66 -37.29
C HIS A 17 28.55 -16.14 -37.28
N PHE A 18 29.22 -15.59 -38.30
CA PHE A 18 29.43 -14.15 -38.35
C PHE A 18 28.10 -13.40 -38.47
N GLN A 19 27.20 -13.89 -39.31
CA GLN A 19 25.89 -13.25 -39.46
C GLN A 19 25.11 -13.31 -38.16
N ASP A 20 25.12 -14.46 -37.47
CA ASP A 20 24.41 -14.57 -36.21
C ASP A 20 24.98 -13.63 -35.17
N ALA A 21 26.30 -13.51 -35.11
CA ALA A 21 26.91 -12.58 -34.16
C ALA A 21 26.56 -11.14 -34.49
N LEU A 22 26.60 -10.77 -35.77
CA LEU A 22 26.29 -9.40 -36.16
C LEU A 22 24.84 -9.06 -35.86
N ALA A 23 23.93 -10.01 -36.08
CA ALA A 23 22.51 -9.73 -35.84
C ALA A 23 22.27 -9.39 -34.37
N THR A 24 22.92 -10.11 -33.46
CA THR A 24 22.77 -9.89 -32.03
C THR A 24 23.81 -8.93 -31.46
N ALA A 25 24.46 -8.13 -32.32
CA ALA A 25 25.46 -7.18 -31.85
C ALA A 25 24.78 -5.96 -31.26
N PRO A 26 24.98 -5.64 -29.98
CA PRO A 26 24.34 -4.44 -29.42
C PRO A 26 24.84 -3.18 -30.10
N SER A 27 23.95 -2.18 -30.21
CA SER A 27 24.27 -0.88 -30.76
C SER A 27 23.94 0.18 -29.72
N THR A 28 24.94 0.99 -29.35
CA THR A 28 24.76 2.04 -28.37
C THR A 28 25.31 3.40 -28.82
N TYR A 29 26.21 3.44 -29.80
CA TYR A 29 26.70 4.72 -30.29
C TYR A 29 25.59 5.56 -30.91
N LEU A 30 24.55 4.93 -31.44
CA LEU A 30 23.44 5.67 -32.03
C LEU A 30 22.73 6.56 -31.03
N GLN A 31 22.91 6.33 -29.72
CA GLN A 31 22.27 7.17 -28.73
C GLN A 31 22.87 8.56 -28.69
N VAL A 32 24.19 8.66 -28.88
CA VAL A 32 24.89 9.94 -28.78
C VAL A 32 25.75 10.19 -30.01
N ALA A 33 25.36 9.61 -31.15
CA ALA A 33 26.10 9.82 -32.38
C ALA A 33 25.14 9.74 -33.57
N THR A 34 25.43 10.52 -34.60
CA THR A 34 24.64 10.55 -35.82
C THR A 34 25.44 9.94 -36.95
N VAL A 35 24.76 9.18 -37.81
CA VAL A 35 25.39 8.47 -38.92
C VAL A 35 25.09 9.23 -40.20
N ILE A 36 26.14 9.63 -40.91
CA ILE A 36 26.01 10.33 -42.19
C ILE A 36 26.80 9.56 -43.24
N PRO A 37 26.15 8.76 -44.10
CA PRO A 37 26.90 8.01 -45.11
C PRO A 37 27.54 8.93 -46.13
N SER A 38 28.65 8.46 -46.70
CA SER A 38 29.40 9.22 -47.68
C SER A 38 29.71 8.34 -48.88
N THR A 39 30.03 9.00 -50.01
CA THR A 39 30.39 8.32 -51.24
C THR A 39 31.69 8.88 -51.82
N THR A 40 32.54 9.48 -51.00
CA THR A 40 33.79 10.06 -51.47
C THR A 40 34.83 9.90 -50.38
N ALA A 41 35.98 10.57 -50.56
CA ALA A 41 37.10 10.39 -49.64
C ALA A 41 36.76 10.89 -48.24
N SER A 42 36.16 12.07 -48.14
CA SER A 42 35.90 12.70 -46.85
C SER A 42 34.70 13.61 -46.97
N ASN A 43 34.34 14.23 -45.84
CA ASN A 43 33.22 15.15 -45.77
C ASN A 43 33.68 16.47 -45.17
N THR A 44 33.02 17.55 -45.60
CA THR A 44 33.30 18.90 -45.10
C THR A 44 32.11 19.38 -44.30
N TYR A 45 32.37 19.80 -43.05
CA TYR A 45 31.33 20.28 -42.14
C TYR A 45 31.78 21.63 -41.58
N GLY A 46 31.47 22.71 -42.30
CA GLY A 46 31.79 24.04 -41.83
C GLY A 46 30.57 24.77 -41.29
N TRP A 47 29.39 24.20 -41.50
CA TRP A 47 28.14 24.86 -41.13
C TRP A 47 27.79 24.67 -39.67
N LEU A 48 28.38 23.71 -38.99
CA LEU A 48 28.08 23.50 -37.58
C LEU A 48 28.42 24.75 -36.79
N GLY A 49 27.54 25.10 -35.84
CA GLY A 49 27.61 26.35 -35.13
C GLY A 49 26.66 27.40 -35.67
N GLN A 50 26.18 27.24 -36.90
CA GLN A 50 25.16 28.12 -37.45
C GLN A 50 23.79 27.56 -37.09
N PHE A 51 22.95 28.41 -36.49
CA PHE A 51 21.63 28.01 -35.99
C PHE A 51 20.58 28.82 -36.73
N PRO A 52 20.00 28.30 -37.81
CA PRO A 52 18.95 29.04 -38.52
C PRO A 52 17.80 29.38 -37.58
N LYS A 53 17.28 30.59 -37.73
CA LYS A 53 16.19 31.07 -36.88
C LYS A 53 15.32 32.03 -37.66
N LEU A 54 14.04 32.09 -37.27
CA LEU A 54 13.11 32.99 -37.93
C LEU A 54 13.48 34.44 -37.64
N ARG A 55 13.67 35.21 -38.70
CA ARG A 55 14.20 36.56 -38.62
C ARG A 55 13.09 37.59 -38.85
N GLU A 56 13.27 38.76 -38.27
CA GLU A 56 12.26 39.80 -38.26
C GLU A 56 12.51 40.80 -39.38
N TRP A 57 11.44 41.24 -40.03
CA TRP A 57 11.57 42.18 -41.14
C TRP A 57 11.95 43.55 -40.63
N ILE A 58 12.96 44.15 -41.27
CA ILE A 58 13.31 45.55 -41.08
C ILE A 58 13.42 46.27 -42.42
N GLY A 59 12.71 45.78 -43.45
CA GLY A 59 12.88 46.30 -44.79
C GLY A 59 14.16 45.80 -45.43
N GLN A 60 14.55 44.57 -45.09
CA GLN A 60 15.81 44.01 -45.53
C GLN A 60 15.66 42.50 -45.69
N ARG A 61 16.73 41.86 -46.17
CA ARG A 61 16.77 40.42 -46.33
C ARG A 61 18.09 39.90 -45.78
N VAL A 62 18.04 38.73 -45.13
CA VAL A 62 19.23 38.11 -44.53
C VAL A 62 19.35 36.70 -45.08
N ILE A 63 20.45 36.44 -45.77
CA ILE A 63 20.76 35.11 -46.28
C ILE A 63 21.59 34.36 -45.24
N LYS A 64 21.64 33.04 -45.37
CA LYS A 64 22.42 32.21 -44.46
C LYS A 64 23.80 32.83 -44.22
N ASP A 65 24.30 32.65 -43.00
CA ASP A 65 25.55 33.29 -42.58
C ASP A 65 26.78 32.44 -42.90
N MET A 66 26.85 31.24 -42.35
CA MET A 66 28.07 30.44 -42.44
C MET A 66 28.31 29.96 -43.86
N ALA A 67 29.58 29.94 -44.25
CA ALA A 67 29.99 29.50 -45.58
C ALA A 67 31.51 29.48 -45.63
N ALA A 68 32.03 28.84 -46.68
CA ALA A 68 33.47 28.77 -46.93
C ALA A 68 34.22 28.27 -45.69
N GLN A 69 33.89 27.05 -45.29
CA GLN A 69 34.52 26.42 -44.14
C GLN A 69 34.30 24.92 -44.22
N GLY A 70 35.09 24.18 -43.46
CA GLY A 70 34.98 22.73 -43.45
C GLY A 70 35.49 22.18 -42.13
N TYR A 71 35.47 20.85 -42.04
CA TYR A 71 35.94 20.15 -40.84
C TYR A 71 37.04 19.14 -41.12
N GLN A 72 37.10 18.57 -42.32
CA GLN A 72 38.15 17.61 -42.70
C GLN A 72 38.16 16.42 -41.74
N ILE A 73 37.07 15.64 -41.82
CA ILE A 73 36.94 14.46 -40.97
C ILE A 73 38.06 13.47 -41.24
N THR A 74 38.41 13.28 -42.51
CA THR A 74 39.51 12.40 -42.92
C THR A 74 39.27 10.97 -42.39
N ASN A 75 38.22 10.36 -42.94
CA ASN A 75 37.86 9.00 -42.54
C ASN A 75 39.06 8.08 -42.62
N LYS A 76 39.04 7.03 -41.80
CA LYS A 76 40.13 6.07 -41.68
C LYS A 76 39.60 4.66 -41.89
N LEU A 77 40.48 3.68 -41.69
CA LEU A 77 40.15 2.27 -41.90
C LEU A 77 40.69 1.43 -40.76
N PHE A 78 40.02 0.30 -40.53
CA PHE A 78 40.38 -0.61 -39.45
C PHE A 78 40.28 -2.05 -39.96
N GLU A 79 41.01 -2.95 -39.30
CA GLU A 79 40.99 -4.35 -39.71
C GLU A 79 41.45 -5.22 -38.55
N SER A 80 41.20 -6.52 -38.67
CA SER A 80 41.67 -7.51 -37.72
C SER A 80 41.84 -8.83 -38.46
N THR A 81 42.62 -9.73 -37.86
CA THR A 81 42.85 -11.04 -38.46
C THR A 81 43.11 -12.07 -37.37
N VAL A 82 42.76 -13.32 -37.66
CA VAL A 82 42.94 -14.43 -36.75
C VAL A 82 43.49 -15.62 -37.53
N GLY A 83 43.99 -16.61 -36.81
CA GLY A 83 44.60 -17.78 -37.38
C GLY A 83 43.94 -19.08 -36.91
N VAL A 84 44.42 -20.18 -37.49
CA VAL A 84 43.91 -21.51 -37.16
C VAL A 84 45.00 -22.50 -36.79
N LYS A 85 46.24 -22.30 -37.23
CA LYS A 85 47.41 -23.12 -36.96
C LYS A 85 47.43 -24.41 -37.79
N ARG A 86 46.37 -24.73 -38.54
CA ARG A 86 46.32 -25.84 -39.48
C ARG A 86 46.43 -27.21 -38.80
N THR A 87 46.51 -27.27 -37.48
CA THR A 87 46.73 -28.55 -36.81
C THR A 87 45.43 -29.22 -36.38
N ASP A 88 44.55 -28.48 -35.70
CA ASP A 88 43.34 -29.08 -35.15
C ASP A 88 42.37 -29.57 -36.22
N ILE A 89 42.57 -29.17 -37.48
CA ILE A 89 41.70 -29.67 -38.54
C ILE A 89 41.82 -31.19 -38.66
N GLU A 90 43.04 -31.71 -38.59
CA GLU A 90 43.24 -33.16 -38.63
C GLU A 90 42.58 -33.84 -37.44
N ASP A 91 42.71 -33.24 -36.25
CA ASP A 91 42.10 -33.80 -35.05
C ASP A 91 40.58 -33.68 -35.05
N ASP A 92 40.00 -32.92 -35.98
CA ASP A 92 38.55 -32.74 -36.05
C ASP A 92 38.03 -31.99 -34.83
N ASN A 93 38.85 -31.14 -34.22
CA ASN A 93 38.44 -30.30 -33.10
C ASN A 93 37.82 -29.00 -33.60
N LEU A 94 36.81 -29.13 -34.46
CA LEU A 94 36.18 -27.96 -35.06
C LEU A 94 35.25 -27.23 -34.10
N GLY A 95 35.13 -27.69 -32.86
CA GLY A 95 34.33 -26.95 -31.89
C GLY A 95 34.86 -25.54 -31.69
N VAL A 96 36.17 -25.37 -31.72
CA VAL A 96 36.79 -24.06 -31.67
C VAL A 96 36.38 -23.31 -32.94
N TYR A 97 36.54 -21.99 -32.94
CA TYR A 97 36.31 -21.11 -34.08
C TYR A 97 34.84 -20.80 -34.30
N GLY A 98 33.92 -21.34 -33.49
CA GLY A 98 32.56 -20.88 -33.50
C GLY A 98 32.42 -19.65 -32.63
N PRO A 99 32.66 -19.80 -31.33
CA PRO A 99 32.68 -18.63 -30.44
C PRO A 99 33.76 -17.64 -30.82
N LEU A 100 34.86 -18.09 -31.43
CA LEU A 100 35.89 -17.15 -31.88
C LEU A 100 35.34 -16.18 -32.91
N MET A 101 34.71 -16.70 -33.96
CA MET A 101 34.11 -15.81 -34.96
C MET A 101 32.96 -15.00 -34.36
N GLN A 102 32.19 -15.60 -33.45
CA GLN A 102 31.12 -14.84 -32.83
C GLN A 102 31.67 -13.63 -32.08
N GLU A 103 32.76 -13.83 -31.33
CA GLU A 103 33.35 -12.73 -30.58
C GLU A 103 34.01 -11.73 -31.50
N MET A 104 34.60 -12.18 -32.61
CA MET A 104 35.14 -11.23 -33.58
C MET A 104 34.03 -10.35 -34.15
N GLY A 105 32.89 -10.95 -34.48
CA GLY A 105 31.75 -10.16 -34.94
C GLY A 105 31.25 -9.19 -33.89
N ARG A 106 31.14 -9.65 -32.65
CA ARG A 106 30.68 -8.77 -31.57
C ARG A 106 31.65 -7.61 -31.37
N ALA A 107 32.96 -7.89 -31.40
CA ALA A 107 33.95 -6.84 -31.24
C ALA A 107 33.91 -5.86 -32.39
N ALA A 108 33.73 -6.35 -33.62
CA ALA A 108 33.60 -5.45 -34.75
C ALA A 108 32.37 -4.56 -34.61
N GLY A 109 31.26 -5.14 -34.15
CA GLY A 109 30.06 -4.35 -33.95
C GLY A 109 30.22 -3.30 -32.86
N ALA A 110 30.93 -3.65 -31.79
CA ALA A 110 31.15 -2.71 -30.69
C ALA A 110 32.26 -1.71 -30.98
N HIS A 111 33.09 -1.97 -31.99
CA HIS A 111 34.17 -1.05 -32.31
C HIS A 111 33.68 0.37 -32.57
N PRO A 112 32.62 0.60 -33.34
CA PRO A 112 32.14 1.99 -33.48
C PRO A 112 31.88 2.66 -32.16
N ASP A 113 31.19 1.97 -31.24
CA ASP A 113 30.95 2.54 -29.91
C ASP A 113 32.27 2.78 -29.17
N GLU A 114 33.19 1.82 -29.25
CA GLU A 114 34.47 1.97 -28.57
C GLU A 114 35.18 3.23 -29.05
N LEU A 115 35.31 3.41 -30.36
CA LEU A 115 36.00 4.57 -30.90
C LEU A 115 35.27 5.87 -30.57
N VAL A 116 33.93 5.86 -30.70
CA VAL A 116 33.16 7.08 -30.44
C VAL A 116 33.39 7.54 -29.00
N PHE A 117 33.26 6.61 -28.05
CA PHE A 117 33.40 7.00 -26.64
C PHE A 117 34.86 7.26 -26.26
N ALA A 118 35.81 6.61 -26.94
CA ALA A 118 37.22 6.92 -26.68
C ALA A 118 37.56 8.33 -27.12
N LEU A 119 37.05 8.75 -28.28
CA LEU A 119 37.25 10.14 -28.71
C LEU A 119 36.47 11.10 -27.81
N LEU A 120 35.28 10.69 -27.37
CA LEU A 120 34.47 11.53 -26.52
C LEU A 120 35.15 11.80 -25.18
N LYS A 121 35.80 10.78 -24.62
CA LYS A 121 36.51 10.96 -23.34
C LYS A 121 37.67 11.93 -23.48
N ALA A 122 38.29 11.99 -24.66
CA ALA A 122 39.46 12.83 -24.90
C ALA A 122 39.10 14.16 -25.55
N GLY A 123 37.94 14.72 -25.23
CA GLY A 123 37.55 15.97 -25.84
C GLY A 123 38.51 17.12 -25.56
N ASN A 124 39.11 17.12 -24.36
CA ASN A 124 40.06 18.16 -24.01
C ASN A 124 41.28 18.16 -24.93
N ALA A 125 41.58 17.04 -25.59
CA ALA A 125 42.77 16.92 -26.41
C ALA A 125 42.45 16.94 -27.91
N ASN A 126 41.24 17.36 -28.27
CA ASN A 126 40.84 17.46 -29.67
C ASN A 126 40.21 18.81 -29.93
N LEU A 127 40.38 19.31 -31.16
CA LEU A 127 39.86 20.59 -31.58
C LEU A 127 38.70 20.39 -32.54
N CYS A 128 37.65 21.20 -32.37
CA CYS A 128 36.46 21.10 -33.21
C CYS A 128 36.62 22.02 -34.42
N TYR A 129 35.53 22.24 -35.16
CA TYR A 129 35.61 22.95 -36.42
C TYR A 129 36.15 24.37 -36.24
N ASP A 130 35.72 25.06 -35.20
CA ASP A 130 36.08 26.46 -35.02
C ASP A 130 37.57 26.66 -34.73
N GLY A 131 38.31 25.59 -34.45
CA GLY A 131 39.71 25.70 -34.12
C GLY A 131 40.01 25.71 -32.64
N GLN A 132 39.05 25.38 -31.79
CA GLN A 132 39.24 25.36 -30.35
C GLN A 132 38.80 24.01 -29.80
N ASN A 133 39.30 23.70 -28.61
CA ASN A 133 39.00 22.41 -28.00
C ASN A 133 37.50 22.23 -27.82
N PHE A 134 37.02 21.00 -28.02
CA PHE A 134 35.59 20.74 -27.93
C PHE A 134 35.03 21.14 -26.57
N PHE A 135 35.73 20.77 -25.50
CA PHE A 135 35.42 21.22 -24.16
C PHE A 135 36.48 22.24 -23.76
N ASP A 136 36.10 23.50 -23.68
CA ASP A 136 37.05 24.57 -23.40
C ASP A 136 36.35 25.65 -22.58
N THR A 137 37.16 26.44 -21.88
CA THR A 137 36.67 27.50 -21.01
C THR A 137 36.53 28.83 -21.73
N ASP A 138 37.02 28.95 -22.96
CA ASP A 138 37.12 30.23 -23.67
C ASP A 138 36.59 30.11 -25.09
N HIS A 139 35.41 29.53 -25.25
CA HIS A 139 34.77 29.51 -26.55
C HIS A 139 34.37 30.92 -26.96
N PRO A 140 34.47 31.26 -28.25
CA PRO A 140 34.07 32.61 -28.69
C PRO A 140 32.61 32.69 -29.11
N VAL A 141 31.95 33.76 -28.66
CA VAL A 141 30.58 34.06 -29.05
C VAL A 141 30.48 35.57 -29.17
N TYR A 142 30.36 36.07 -30.40
CA TYR A 142 30.38 37.50 -30.65
C TYR A 142 29.03 38.12 -30.30
N PRO A 143 29.01 39.42 -30.00
CA PRO A 143 27.74 40.09 -29.67
C PRO A 143 26.89 40.45 -30.88
N ASN A 144 27.38 40.20 -32.10
CA ASN A 144 26.64 40.52 -33.30
C ASN A 144 26.68 39.34 -34.26
N VAL A 145 25.67 39.24 -35.11
CA VAL A 145 25.60 38.14 -36.07
C VAL A 145 26.78 38.22 -37.04
N ASP A 146 27.10 39.42 -37.52
CA ASP A 146 28.20 39.57 -38.47
C ASP A 146 29.55 39.20 -37.86
N GLY A 147 29.65 39.18 -36.52
CA GLY A 147 30.89 38.82 -35.87
C GLY A 147 31.83 39.99 -35.68
N THR A 148 31.35 41.04 -35.01
CA THR A 148 32.15 42.22 -34.75
C THR A 148 31.96 42.65 -33.30
N GLY A 149 32.96 43.34 -32.77
CA GLY A 149 32.93 43.82 -31.41
C GLY A 149 33.64 42.88 -30.45
N THR A 150 33.77 43.35 -29.20
CA THR A 150 34.42 42.56 -28.17
C THR A 150 33.67 41.25 -27.94
N ALA A 151 34.42 40.16 -27.87
CA ALA A 151 33.85 38.84 -27.66
C ALA A 151 33.53 38.63 -26.18
N THR A 152 32.88 37.51 -25.87
CA THR A 152 32.52 37.15 -24.51
C THR A 152 33.01 35.74 -24.23
N THR A 153 33.24 35.46 -22.94
CA THR A 153 33.75 34.16 -22.51
C THR A 153 32.59 33.27 -22.10
N VAL A 154 32.43 32.15 -22.79
CA VAL A 154 31.45 31.13 -22.45
C VAL A 154 32.19 29.82 -22.23
N SER A 155 31.91 29.17 -21.10
CA SER A 155 32.67 27.99 -20.67
C SER A 155 31.76 26.78 -20.60
N ASN A 156 32.20 25.67 -21.20
CA ASN A 156 31.59 24.37 -21.02
C ASN A 156 32.54 23.40 -20.32
N LEU A 157 33.59 23.91 -19.69
CA LEU A 157 34.62 23.10 -19.03
C LEU A 157 34.71 23.53 -17.58
N PHE A 158 34.31 22.64 -16.67
CA PHE A 158 34.33 22.90 -15.23
C PHE A 158 35.28 21.92 -14.57
N ALA A 159 36.20 22.44 -13.77
CA ALA A 159 37.16 21.62 -13.04
C ALA A 159 37.35 22.19 -11.64
N PRO A 160 37.72 21.35 -10.68
CA PRO A 160 37.95 21.83 -9.31
C PRO A 160 39.33 22.46 -9.15
N ALA A 161 39.49 23.19 -8.05
CA ALA A 161 40.77 23.84 -7.77
C ALA A 161 41.88 22.81 -7.59
N ALA A 162 41.61 21.73 -6.86
CA ALA A 162 42.61 20.71 -6.59
C ALA A 162 41.89 19.39 -6.33
N ASP A 163 42.68 18.32 -6.24
CA ASP A 163 42.14 16.98 -6.06
C ASP A 163 41.14 16.67 -7.16
N PRO A 164 41.61 16.55 -8.41
CA PRO A 164 40.68 16.29 -9.52
C PRO A 164 39.93 14.98 -9.33
N GLY A 165 38.66 14.98 -9.74
CA GLY A 165 37.81 13.82 -9.65
C GLY A 165 37.55 13.20 -11.01
N ALA A 166 36.55 12.30 -11.02
CA ALA A 166 36.18 11.62 -12.25
C ALA A 166 35.43 12.57 -13.18
N ALA A 167 35.30 12.16 -14.44
CA ALA A 167 34.69 12.98 -15.48
C ALA A 167 33.30 12.43 -15.81
N TRP A 168 32.30 13.31 -15.73
CA TRP A 168 30.92 12.97 -16.07
C TRP A 168 30.36 14.07 -16.97
N TYR A 169 29.57 13.67 -17.96
CA TYR A 169 29.18 14.56 -19.05
C TYR A 169 27.67 14.66 -19.14
N LEU A 170 27.19 15.84 -19.55
CA LEU A 170 25.77 16.12 -19.74
C LEU A 170 25.56 16.49 -21.20
N LEU A 171 24.94 15.59 -21.95
CA LEU A 171 24.74 15.76 -23.38
C LEU A 171 23.28 16.07 -23.69
N ASP A 172 23.05 16.59 -24.89
CA ASP A 172 21.71 16.90 -25.38
C ASP A 172 21.46 16.11 -26.67
N THR A 173 20.24 15.58 -26.79
CA THR A 173 19.87 14.77 -27.93
C THR A 173 18.59 15.23 -28.62
N SER A 174 17.83 16.16 -28.04
CA SER A 174 16.60 16.60 -28.67
C SER A 174 16.85 17.21 -30.04
N ARG A 175 18.03 17.80 -30.24
CA ARG A 175 18.36 18.40 -31.52
C ARG A 175 18.48 17.33 -32.61
N SER A 176 18.29 17.76 -33.85
CA SER A 176 18.37 16.82 -34.97
C SER A 176 19.77 16.22 -35.08
N LEU A 177 20.79 17.03 -34.89
CA LEU A 177 22.19 16.59 -35.01
C LEU A 177 22.76 16.41 -33.61
N LYS A 178 23.20 15.20 -33.30
CA LYS A 178 23.78 14.90 -32.01
C LYS A 178 25.19 15.47 -31.93
N PRO A 179 25.74 15.60 -30.72
CA PRO A 179 27.07 16.23 -30.58
C PRO A 179 28.16 15.55 -31.39
N LEU A 180 28.07 14.23 -31.59
CA LEU A 180 29.07 13.49 -32.34
C LEU A 180 28.50 12.94 -33.63
N ILE A 181 29.36 12.85 -34.65
CA ILE A 181 29.00 12.28 -35.95
C ILE A 181 29.93 11.11 -36.21
N TYR A 182 29.35 9.96 -36.56
CA TYR A 182 30.10 8.75 -36.88
C TYR A 182 29.92 8.46 -38.37
N GLN A 183 30.99 8.63 -39.14
CA GLN A 183 30.95 8.35 -40.56
C GLN A 183 31.01 6.84 -40.82
N GLU A 184 30.41 6.42 -41.92
CA GLU A 184 30.40 5.01 -42.32
C GLU A 184 30.52 4.94 -43.84
N ARG A 185 31.73 4.67 -44.32
CA ARG A 185 31.95 4.56 -45.75
C ARG A 185 31.56 3.17 -46.26
N MET A 186 32.19 2.13 -45.72
CA MET A 186 31.95 0.75 -46.14
C MET A 186 31.57 -0.10 -44.93
N LYS A 187 30.57 -0.95 -45.11
CA LYS A 187 30.18 -1.86 -44.05
C LYS A 187 31.30 -2.89 -43.82
N PRO A 188 31.52 -3.31 -42.58
CA PRO A 188 32.57 -4.30 -42.33
C PRO A 188 32.32 -5.58 -43.13
N SER A 189 33.40 -6.15 -43.66
CA SER A 189 33.34 -7.36 -44.46
C SER A 189 34.44 -8.32 -44.03
N PHE A 190 34.21 -9.61 -44.26
CA PHE A 190 35.14 -10.66 -43.90
C PHE A 190 35.91 -11.12 -45.13
N THR A 191 37.22 -11.25 -44.99
CA THR A 191 38.09 -11.73 -46.06
C THR A 191 38.74 -13.03 -45.59
N SER A 192 38.53 -14.10 -46.34
CA SER A 192 39.02 -15.43 -45.99
C SER A 192 39.83 -16.02 -47.13
N MET A 193 40.83 -16.82 -46.76
CA MET A 193 41.65 -17.52 -47.73
C MET A 193 42.14 -18.82 -47.11
N THR A 194 41.92 -19.93 -47.81
CA THR A 194 42.27 -21.26 -47.31
C THR A 194 42.95 -22.12 -48.36
N LYS A 195 43.44 -21.52 -49.45
CA LYS A 195 44.04 -22.29 -50.53
C LYS A 195 45.34 -22.95 -50.05
N GLU A 196 45.64 -24.12 -50.61
CA GLU A 196 46.84 -24.87 -50.25
C GLU A 196 48.08 -24.41 -50.99
N ASP A 197 47.94 -23.50 -51.97
CA ASP A 197 49.03 -23.04 -52.81
C ASP A 197 49.07 -21.52 -52.84
N ASP A 198 48.97 -20.90 -51.66
CA ASP A 198 49.00 -19.46 -51.53
C ASP A 198 49.86 -19.09 -50.33
N GLU A 199 50.24 -17.82 -50.26
CA GLU A 199 51.12 -17.35 -49.20
C GLU A 199 50.46 -17.56 -47.83
N GLN A 200 51.31 -17.60 -46.80
CA GLN A 200 50.91 -17.76 -45.40
C GLN A 200 50.25 -19.12 -45.14
N VAL A 201 50.38 -20.07 -46.06
CA VAL A 201 49.96 -21.45 -45.82
C VAL A 201 51.18 -22.33 -45.94
N PHE A 202 51.83 -22.31 -47.11
CA PHE A 202 53.13 -22.94 -47.25
C PHE A 202 54.23 -22.15 -46.55
N MET A 203 54.04 -20.85 -46.38
CA MET A 203 55.04 -20.00 -45.74
C MET A 203 54.80 -19.90 -44.24
N ALA A 204 53.54 -19.79 -43.83
CA ALA A 204 53.18 -19.62 -42.43
C ALA A 204 52.16 -20.68 -42.01
N ASP A 205 52.24 -21.08 -40.75
CA ASP A 205 51.33 -22.08 -40.20
C ASP A 205 50.14 -21.39 -39.51
N GLU A 206 49.42 -20.59 -40.30
CA GLU A 206 48.22 -19.93 -39.84
C GLU A 206 47.33 -19.63 -41.04
N TYR A 207 46.07 -20.04 -40.97
CA TYR A 207 45.10 -19.73 -42.01
C TYR A 207 44.46 -18.37 -41.70
N ARG A 208 44.51 -17.46 -42.67
CA ARG A 208 44.09 -16.09 -42.44
C ARG A 208 42.57 -15.97 -42.51
N TYR A 209 42.00 -15.34 -41.49
CA TYR A 209 40.58 -15.01 -41.45
C TYR A 209 40.47 -13.60 -40.90
N GLY A 210 40.25 -12.63 -41.79
CA GLY A 210 40.30 -11.23 -41.40
C GLY A 210 39.02 -10.50 -41.75
N VAL A 211 38.86 -9.34 -41.13
CA VAL A 211 37.73 -8.45 -41.33
C VAL A 211 38.25 -7.05 -41.60
N ARG A 212 37.64 -6.35 -42.55
CA ARG A 212 38.06 -5.01 -42.93
C ARG A 212 36.89 -4.05 -42.84
N SER A 213 37.17 -2.81 -42.44
CA SER A 213 36.14 -1.80 -42.28
C SER A 213 36.74 -0.43 -42.56
N ARG A 214 35.87 0.54 -42.84
CA ARG A 214 36.26 1.91 -43.14
C ARG A 214 35.26 2.84 -42.46
N CYS A 215 35.64 3.40 -41.32
CA CYS A 215 34.76 4.30 -40.58
C CYS A 215 35.61 5.30 -39.80
N ASN A 216 34.96 6.37 -39.35
CA ASN A 216 35.60 7.37 -38.50
C ASN A 216 34.52 8.18 -37.82
N VAL A 217 34.93 8.88 -36.77
CA VAL A 217 34.01 9.66 -35.93
C VAL A 217 34.54 11.08 -35.80
N GLY A 218 33.63 12.06 -35.87
CA GLY A 218 33.98 13.45 -35.69
C GLY A 218 32.98 14.15 -34.78
N PHE A 219 33.40 15.32 -34.31
CA PHE A 219 32.58 16.10 -33.41
C PHE A 219 31.48 16.83 -34.17
N GLY A 220 30.47 17.28 -33.42
CA GLY A 220 29.43 18.13 -33.97
C GLY A 220 29.68 19.58 -33.61
N PHE A 221 28.74 20.21 -32.92
CA PHE A 221 28.92 21.55 -32.38
C PHE A 221 28.89 21.49 -30.87
N TRP A 222 29.83 22.19 -30.24
CA TRP A 222 30.09 22.07 -28.80
C TRP A 222 28.96 22.58 -27.93
N GLN A 223 27.97 23.27 -28.51
CA GLN A 223 26.95 23.93 -27.70
C GLN A 223 26.15 22.94 -26.86
N LEU A 224 26.18 21.65 -27.18
CA LEU A 224 25.39 20.65 -26.46
C LEU A 224 26.22 19.98 -25.35
N ALA A 225 27.34 19.37 -25.71
CA ALA A 225 28.12 18.60 -24.74
C ALA A 225 28.73 19.52 -23.68
N ALA A 226 29.04 18.94 -22.52
CA ALA A 226 29.63 19.67 -21.41
C ALA A 226 30.60 18.79 -20.66
N MET A 227 31.70 19.40 -20.20
CA MET A 227 32.70 18.74 -19.39
C MET A 227 32.54 19.14 -17.93
N SER A 228 32.66 18.16 -17.03
CA SER A 228 32.62 18.44 -15.60
C SER A 228 33.34 17.31 -14.89
N THR A 229 34.55 17.60 -14.39
CA THR A 229 35.34 16.63 -13.65
C THR A 229 35.27 16.82 -12.15
N GLU A 230 34.41 17.71 -11.67
CA GLU A 230 34.24 17.93 -10.24
C GLU A 230 33.36 16.83 -9.64
N GLU A 231 33.30 16.81 -8.31
CA GLU A 231 32.51 15.80 -7.62
C GLU A 231 31.05 15.89 -8.07
N LEU A 232 30.44 14.74 -8.31
CA LEU A 232 29.05 14.65 -8.74
C LEU A 232 28.15 14.84 -7.52
N ASN A 233 27.62 16.05 -7.36
CA ASN A 233 26.77 16.39 -6.24
C ASN A 233 25.54 17.13 -6.73
N GLN A 234 24.49 17.14 -5.90
CA GLN A 234 23.24 17.78 -6.31
C GLN A 234 23.45 19.27 -6.60
N VAL A 235 24.19 19.96 -5.73
CA VAL A 235 24.44 21.39 -5.94
C VAL A 235 25.24 21.60 -7.23
N ASN A 236 26.28 20.78 -7.43
CA ASN A 236 27.10 20.92 -8.64
C ASN A 236 26.28 20.60 -9.89
N PHE A 237 25.46 19.55 -9.83
CA PHE A 237 24.63 19.21 -10.97
C PHE A 237 23.66 20.33 -11.30
N GLU A 238 23.02 20.91 -10.28
CA GLU A 238 22.12 22.03 -10.52
C GLU A 238 22.85 23.22 -11.11
N LYS A 239 24.05 23.52 -10.60
CA LYS A 239 24.83 24.63 -11.14
C LYS A 239 25.14 24.40 -12.61
N VAL A 240 25.61 23.20 -12.96
CA VAL A 240 25.94 22.92 -14.35
C VAL A 240 24.68 23.01 -15.21
N TYR A 241 23.57 22.47 -14.73
CA TYR A 241 22.34 22.46 -15.52
C TYR A 241 21.84 23.87 -15.79
N ASP A 242 21.75 24.70 -14.75
CA ASP A 242 21.21 26.04 -14.93
C ASP A 242 22.19 26.98 -15.60
N ALA A 243 23.50 26.66 -15.58
CA ALA A 243 24.45 27.42 -16.38
C ALA A 243 24.34 27.05 -17.86
N MET A 244 24.16 25.76 -18.15
CA MET A 244 23.97 25.33 -19.54
C MET A 244 22.68 25.89 -20.13
N ARG A 245 21.60 25.87 -19.35
CA ARG A 245 20.31 26.36 -19.84
C ARG A 245 20.32 27.87 -20.09
N ASN A 246 21.29 28.59 -19.51
CA ASN A 246 21.38 30.05 -19.64
C ASN A 246 22.46 30.46 -20.64
N GLN A 247 22.61 29.71 -21.72
CA GLN A 247 23.57 30.03 -22.76
C GLN A 247 22.84 30.62 -23.97
N LYS A 248 23.37 31.73 -24.48
CA LYS A 248 22.76 32.44 -25.61
C LYS A 248 23.77 32.54 -26.74
N ALA A 249 23.27 32.44 -27.97
CA ALA A 249 24.10 32.54 -29.16
C ALA A 249 24.37 34.01 -29.47
N ASP A 250 24.91 34.29 -30.65
CA ASP A 250 25.17 35.66 -31.05
C ASP A 250 23.86 36.46 -31.06
N GLY A 251 23.92 37.68 -30.54
CA GLY A 251 22.75 38.52 -30.43
C GLY A 251 21.96 38.38 -29.16
N GLY A 252 22.41 37.55 -28.22
CA GLY A 252 21.73 37.38 -26.95
C GLY A 252 20.34 36.83 -27.08
N ARG A 253 20.18 35.79 -27.90
CA ARG A 253 18.89 35.12 -28.08
C ARG A 253 19.00 33.68 -27.59
N PRO A 254 18.36 33.33 -26.46
CA PRO A 254 18.53 31.98 -25.92
C PRO A 254 18.10 30.91 -26.93
N LEU A 255 18.81 29.78 -26.90
CA LEU A 255 18.59 28.69 -27.84
C LEU A 255 17.58 27.68 -27.35
N ASP A 256 17.15 27.74 -26.09
CA ASP A 256 16.23 26.78 -25.51
C ASP A 256 16.80 25.36 -25.60
N ILE A 257 17.99 25.20 -25.03
CA ILE A 257 18.64 23.89 -24.99
C ILE A 257 17.96 23.01 -23.96
N ARG A 258 17.96 21.70 -24.22
CA ARG A 258 17.29 20.71 -23.37
C ARG A 258 18.26 19.59 -23.03
N PRO A 259 19.08 19.77 -21.98
CA PRO A 259 19.97 18.68 -21.55
C PRO A 259 19.19 17.39 -21.30
N ASN A 260 19.50 16.35 -22.08
CA ASN A 260 18.70 15.12 -22.09
C ASN A 260 19.29 14.02 -21.21
N LEU A 261 20.54 13.64 -21.44
CA LEU A 261 21.12 12.47 -20.80
C LEU A 261 22.42 12.84 -20.10
N LEU A 262 22.77 12.05 -19.08
CA LEU A 262 23.99 12.21 -18.32
C LEU A 262 24.79 10.92 -18.42
N VAL A 263 26.06 11.04 -18.79
CA VAL A 263 26.95 9.90 -18.96
C VAL A 263 28.01 9.97 -17.86
N VAL A 264 28.19 8.86 -17.15
CA VAL A 264 29.15 8.81 -16.04
C VAL A 264 30.03 7.57 -16.22
N PRO A 265 31.22 7.58 -15.63
CA PRO A 265 32.06 6.38 -15.66
C PRO A 265 31.45 5.27 -14.82
N THR A 266 31.87 4.03 -15.13
CA THR A 266 31.36 2.88 -14.41
C THR A 266 31.65 2.98 -12.91
N THR A 267 32.72 3.68 -12.53
CA THR A 267 33.10 3.78 -11.13
C THR A 267 32.22 4.73 -10.33
N LEU A 268 31.39 5.54 -11.00
CA LEU A 268 30.50 6.48 -10.31
C LEU A 268 29.05 6.32 -10.75
N ARG A 269 28.71 5.22 -11.42
CA ARG A 269 27.32 5.00 -11.83
C ARG A 269 26.42 4.88 -10.61
N SER A 270 26.86 4.16 -9.58
CA SER A 270 26.06 4.04 -8.37
C SER A 270 25.88 5.39 -7.69
N LYS A 271 26.94 6.19 -7.64
CA LYS A 271 26.83 7.51 -7.02
C LYS A 271 25.86 8.40 -7.78
N ALA A 272 25.91 8.35 -9.12
CA ALA A 272 24.95 9.11 -9.92
C ALA A 272 23.53 8.61 -9.66
N LYS A 273 23.34 7.29 -9.57
CA LYS A 273 22.02 6.73 -9.35
C LYS A 273 21.45 7.18 -8.00
N GLU A 274 22.27 7.13 -6.95
CA GLU A 274 21.77 7.45 -5.62
C GLU A 274 21.58 8.96 -5.46
N VAL A 275 22.48 9.76 -6.03
CA VAL A 275 22.32 11.21 -5.96
C VAL A 275 21.15 11.66 -6.81
N VAL A 276 21.05 11.14 -8.04
CA VAL A 276 20.00 11.50 -8.98
C VAL A 276 19.36 10.22 -9.51
N GLY A 277 18.02 10.22 -9.56
CA GLY A 277 17.27 9.06 -9.97
C GLY A 277 16.46 8.42 -8.86
N VAL A 278 16.60 8.89 -7.62
CA VAL A 278 15.85 8.40 -6.48
C VAL A 278 15.21 9.59 -5.79
N GLN A 279 13.92 9.50 -5.50
CA GLN A 279 13.20 10.59 -4.88
C GLN A 279 13.43 10.69 -3.37
N ARG A 280 14.17 9.75 -2.79
CA ARG A 280 14.51 9.77 -1.38
C ARG A 280 16.00 10.04 -1.23
N LEU A 281 16.34 11.07 -0.47
CA LEU A 281 17.73 11.47 -0.27
C LEU A 281 18.28 10.87 1.02
N ALA A 282 19.58 11.03 1.21
CA ALA A 282 20.23 10.44 2.37
C ALA A 282 19.68 11.02 3.67
N ASN A 283 19.46 12.34 3.70
CA ASN A 283 18.94 12.98 4.91
C ASN A 283 17.42 12.85 5.04
N GLY A 284 16.72 12.47 3.97
CA GLY A 284 15.28 12.32 4.03
C GLY A 284 14.55 13.51 3.43
N ALA A 285 15.04 14.01 2.29
CA ALA A 285 14.44 15.14 1.59
C ALA A 285 14.16 14.74 0.15
N ASP A 286 13.13 15.36 -0.42
CA ASP A 286 12.72 15.03 -1.78
C ASP A 286 13.73 15.58 -2.78
N ASN A 287 14.14 14.73 -3.72
CA ASN A 287 15.10 15.12 -4.73
C ASN A 287 14.37 15.71 -5.93
N PRO A 288 14.63 16.96 -6.32
CA PRO A 288 13.95 17.54 -7.48
C PRO A 288 14.52 17.11 -8.84
N ASN A 289 15.36 16.07 -8.88
CA ASN A 289 16.00 15.64 -10.12
C ASN A 289 15.61 14.22 -10.50
N PHE A 290 14.45 13.73 -10.04
CA PHE A 290 14.04 12.37 -10.35
C PHE A 290 13.67 12.25 -11.83
N GLU A 291 14.28 11.26 -12.50
CA GLU A 291 13.99 10.96 -13.90
C GLU A 291 14.08 12.21 -14.77
N LEU A 292 14.91 13.17 -14.36
CA LEU A 292 15.10 14.37 -15.16
C LEU A 292 15.91 14.08 -16.41
N VAL A 293 16.87 13.16 -16.32
CA VAL A 293 17.70 12.78 -17.44
C VAL A 293 17.80 11.26 -17.49
N GLN A 294 18.15 10.74 -18.67
CA GLN A 294 18.30 9.30 -18.89
C GLN A 294 19.78 8.95 -18.81
N VAL A 295 20.16 8.26 -17.74
CA VAL A 295 21.55 7.86 -17.57
C VAL A 295 21.91 6.76 -18.57
N LEU A 296 23.12 6.83 -19.11
CA LEU A 296 23.61 5.86 -20.10
C LEU A 296 24.89 5.22 -19.54
N ASP A 297 24.75 4.03 -18.98
CA ASP A 297 25.91 3.30 -18.48
C ASP A 297 26.76 2.82 -19.67
N THR A 298 28.08 2.92 -19.50
CA THR A 298 29.01 2.49 -20.54
C THR A 298 30.32 2.10 -19.89
N ALA A 299 30.95 1.04 -20.39
CA ALA A 299 32.19 0.52 -19.84
C ALA A 299 33.43 1.08 -20.54
N TRP A 300 33.26 1.92 -21.56
CA TRP A 300 34.39 2.45 -22.31
C TRP A 300 35.00 3.69 -21.66
N LEU A 301 34.39 4.24 -20.61
CA LEU A 301 34.92 5.37 -19.88
C LEU A 301 35.63 4.94 -18.60
N ASN A 302 36.21 3.74 -18.60
CA ASN A 302 36.90 3.20 -17.43
C ASN A 302 35.96 3.09 -16.24
N ILE B 1 23.46 17.79 -67.11
CA ILE B 1 23.39 16.79 -66.05
C ILE B 1 22.40 17.22 -64.99
N ILE B 2 22.11 18.53 -64.94
CA ILE B 2 21.14 19.09 -64.02
C ILE B 2 19.90 19.47 -64.82
N THR B 3 18.75 18.96 -64.41
CA THR B 3 17.49 19.15 -65.11
C THR B 3 16.41 19.54 -64.11
N PRO B 4 15.29 20.10 -64.59
CA PRO B 4 14.22 20.50 -63.67
C PRO B 4 13.65 19.36 -62.86
N ALA B 5 13.81 18.11 -63.31
CA ALA B 5 13.32 16.98 -62.52
C ALA B 5 14.03 16.91 -61.18
N LEU B 6 15.36 17.11 -61.17
CA LEU B 6 16.09 17.12 -59.92
C LEU B 6 15.63 18.26 -59.03
N ILE B 7 15.34 19.42 -59.63
CA ILE B 7 14.85 20.57 -58.86
C ILE B 7 13.52 20.21 -58.20
N SER B 8 12.61 19.60 -58.95
CA SER B 8 11.31 19.23 -58.39
C SER B 8 11.46 18.19 -57.28
N ALA B 9 12.35 17.21 -57.48
CA ALA B 9 12.58 16.21 -56.45
C ALA B 9 13.13 16.85 -55.18
N LEU B 10 14.08 17.77 -55.33
CA LEU B 10 14.62 18.47 -54.17
C LEU B 10 13.54 19.29 -53.48
N LYS B 11 12.66 19.93 -54.25
CA LYS B 11 11.57 20.70 -53.67
C LYS B 11 10.66 19.79 -52.85
N THR B 12 10.33 18.61 -53.39
CA THR B 12 9.48 17.68 -52.64
C THR B 12 10.18 17.21 -51.36
N SER B 13 11.48 16.92 -51.45
CA SER B 13 12.20 16.47 -50.26
C SER B 13 12.23 17.56 -49.19
N PHE B 14 12.47 18.80 -49.60
CA PHE B 14 12.52 19.90 -48.63
C PHE B 14 11.13 20.17 -48.06
N GLN B 15 10.08 20.02 -48.87
CA GLN B 15 8.72 20.13 -48.35
C GLN B 15 8.45 19.08 -47.29
N LYS B 16 8.86 17.83 -47.54
CA LYS B 16 8.70 16.78 -46.55
C LYS B 16 9.47 17.11 -45.28
N HIS B 17 10.71 17.60 -45.42
CA HIS B 17 11.51 17.95 -44.25
C HIS B 17 10.82 19.04 -43.45
N PHE B 18 10.31 20.08 -44.12
CA PHE B 18 9.66 21.19 -43.43
C PHE B 18 8.40 20.72 -42.72
N GLN B 19 7.61 19.87 -43.38
CA GLN B 19 6.39 19.36 -42.75
C GLN B 19 6.73 18.52 -41.52
N ASP B 20 7.74 17.66 -41.63
CA ASP B 20 8.13 16.85 -40.48
C ASP B 20 8.62 17.72 -39.33
N ALA B 21 9.40 18.75 -39.63
CA ALA B 21 9.88 19.65 -38.58
C ALA B 21 8.72 20.39 -37.92
N LEU B 22 7.75 20.85 -38.72
CA LEU B 22 6.61 21.57 -38.16
C LEU B 22 5.77 20.66 -37.29
N ALA B 23 5.59 19.39 -37.71
CA ALA B 23 4.73 18.49 -36.96
C ALA B 23 5.24 18.28 -35.53
N THR B 24 6.55 18.12 -35.38
CA THR B 24 7.16 17.89 -34.07
C THR B 24 7.59 19.19 -33.39
N ALA B 25 7.06 20.33 -33.82
CA ALA B 25 7.46 21.60 -33.24
C ALA B 25 6.77 21.79 -31.89
N PRO B 26 7.51 21.94 -30.79
CA PRO B 26 6.87 22.19 -29.50
C PRO B 26 6.12 23.52 -29.50
N SER B 27 5.01 23.54 -28.76
CA SER B 27 4.23 24.75 -28.57
C SER B 27 4.14 25.05 -27.08
N THR B 28 4.50 26.28 -26.70
CA THR B 28 4.55 26.66 -25.30
C THR B 28 3.82 27.98 -25.06
N TYR B 29 3.73 28.83 -26.09
CA TYR B 29 3.10 30.13 -25.91
C TYR B 29 1.63 30.00 -25.57
N LEU B 30 0.98 28.91 -26.00
CA LEU B 30 -0.44 28.72 -25.72
C LEU B 30 -0.74 28.67 -24.23
N GLN B 31 0.27 28.34 -23.40
CA GLN B 31 0.03 28.22 -21.97
C GLN B 31 -0.37 29.57 -21.37
N VAL B 32 0.28 30.65 -21.80
CA VAL B 32 0.08 31.96 -21.19
C VAL B 32 -0.32 32.98 -22.24
N ALA B 33 -0.99 32.54 -23.30
CA ALA B 33 -1.40 33.43 -24.37
C ALA B 33 -2.67 32.91 -25.01
N THR B 34 -3.39 33.83 -25.67
CA THR B 34 -4.62 33.52 -26.38
C THR B 34 -4.46 33.92 -27.84
N VAL B 35 -4.94 33.07 -28.74
CA VAL B 35 -4.84 33.29 -30.18
C VAL B 35 -6.18 33.81 -30.68
N ILE B 36 -6.16 34.96 -31.33
CA ILE B 36 -7.34 35.57 -31.92
C ILE B 36 -7.06 35.82 -33.40
N PRO B 37 -7.52 34.94 -34.29
CA PRO B 37 -7.29 35.17 -35.72
C PRO B 37 -8.02 36.41 -36.21
N SER B 38 -7.43 37.08 -37.19
CA SER B 38 -7.95 38.31 -37.74
C SER B 38 -8.14 38.18 -39.24
N THR B 39 -8.91 39.12 -39.81
CA THR B 39 -9.14 39.14 -41.25
C THR B 39 -9.04 40.55 -41.81
N THR B 40 -8.31 41.44 -41.16
CA THR B 40 -8.18 42.82 -41.60
C THR B 40 -6.80 43.33 -41.21
N ALA B 41 -6.63 44.66 -41.26
CA ALA B 41 -5.32 45.25 -41.00
C ALA B 41 -4.87 45.02 -39.56
N SER B 42 -5.78 45.19 -38.60
CA SER B 42 -5.43 45.07 -37.19
C SER B 42 -6.70 44.78 -36.40
N ASN B 43 -6.56 44.74 -35.08
CA ASN B 43 -7.68 44.50 -34.17
C ASN B 43 -7.72 45.60 -33.13
N THR B 44 -8.93 46.03 -32.78
CA THR B 44 -9.15 47.05 -31.76
C THR B 44 -9.64 46.37 -30.49
N TYR B 45 -8.98 46.65 -29.37
CA TYR B 45 -9.30 46.05 -28.08
C TYR B 45 -9.44 47.18 -27.07
N GLY B 46 -10.65 47.75 -27.00
CA GLY B 46 -10.95 48.79 -26.03
C GLY B 46 -11.85 48.30 -24.93
N TRP B 47 -12.37 47.08 -25.07
CA TRP B 47 -13.27 46.50 -24.08
C TRP B 47 -12.53 45.81 -22.94
N LEU B 48 -11.22 45.65 -23.04
CA LEU B 48 -10.46 45.00 -21.98
C LEU B 48 -10.45 45.87 -20.73
N GLY B 49 -10.40 45.20 -19.58
CA GLY B 49 -10.54 45.85 -18.28
C GLY B 49 -11.94 45.74 -17.75
N GLN B 50 -12.93 45.76 -18.64
CA GLN B 50 -14.31 45.54 -18.25
C GLN B 50 -14.44 44.12 -17.67
N PHE B 51 -15.15 44.02 -16.54
CA PHE B 51 -15.29 42.75 -15.82
C PHE B 51 -16.78 42.40 -15.79
N PRO B 52 -17.28 41.65 -16.78
CA PRO B 52 -18.72 41.33 -16.80
C PRO B 52 -19.15 40.61 -15.55
N LYS B 53 -20.22 41.12 -14.94
CA LYS B 53 -20.81 40.55 -13.73
C LYS B 53 -22.30 40.31 -13.97
N LEU B 54 -23.01 39.94 -12.91
CA LEU B 54 -24.47 39.87 -12.93
C LEU B 54 -25.05 40.98 -12.06
N ARG B 55 -26.18 41.50 -12.49
CA ARG B 55 -26.80 42.68 -11.92
C ARG B 55 -28.26 42.38 -11.62
N GLU B 56 -28.81 43.10 -10.64
CA GLU B 56 -30.16 42.82 -10.16
C GLU B 56 -31.18 43.35 -11.17
N TRP B 57 -32.45 43.37 -10.77
CA TRP B 57 -33.50 44.01 -11.54
C TRP B 57 -34.16 45.14 -10.74
N ILE B 58 -33.34 45.94 -10.06
CA ILE B 58 -33.87 47.05 -9.27
C ILE B 58 -34.62 48.03 -10.17
N GLY B 59 -34.27 48.08 -11.44
CA GLY B 59 -34.92 48.98 -12.38
C GLY B 59 -34.41 48.80 -13.79
N GLN B 60 -34.12 49.91 -14.47
CA GLN B 60 -33.64 49.86 -15.84
C GLN B 60 -32.37 49.03 -15.92
N ARG B 61 -32.31 48.13 -16.89
CA ARG B 61 -31.14 47.27 -17.05
C ARG B 61 -29.91 48.11 -17.42
N VAL B 62 -28.81 47.88 -16.72
CA VAL B 62 -27.60 48.66 -16.92
C VAL B 62 -26.79 48.05 -18.06
N ILE B 63 -26.40 48.88 -19.03
CA ILE B 63 -25.59 48.46 -20.16
C ILE B 63 -24.41 49.40 -20.28
N LYS B 64 -23.22 48.84 -20.47
CA LYS B 64 -21.99 49.62 -20.55
C LYS B 64 -21.72 50.05 -21.99
N ASP B 65 -21.17 51.25 -22.15
CA ASP B 65 -20.75 51.78 -23.44
C ASP B 65 -19.24 52.00 -23.37
N MET B 66 -18.49 51.00 -23.81
CA MET B 66 -17.03 51.07 -23.73
C MET B 66 -16.49 52.17 -24.64
N ALA B 67 -15.37 52.75 -24.23
CA ALA B 67 -14.77 53.84 -24.99
C ALA B 67 -14.32 53.35 -26.36
N ALA B 68 -14.38 54.25 -27.34
CA ALA B 68 -14.01 53.92 -28.71
C ALA B 68 -12.51 53.70 -28.88
N GLN B 69 -11.70 54.08 -27.90
CA GLN B 69 -10.26 53.89 -28.01
C GLN B 69 -9.91 52.40 -28.05
N GLY B 70 -8.84 52.08 -28.77
CA GLY B 70 -8.44 50.70 -28.95
C GLY B 70 -6.96 50.50 -28.65
N TYR B 71 -6.57 49.23 -28.62
CA TYR B 71 -5.20 48.86 -28.30
C TYR B 71 -4.25 49.10 -29.48
N GLN B 72 -4.74 48.97 -30.71
CA GLN B 72 -3.94 49.20 -31.92
C GLN B 72 -2.72 48.27 -31.96
N ILE B 73 -3.03 46.98 -32.11
CA ILE B 73 -1.99 45.94 -32.05
C ILE B 73 -0.94 46.17 -33.13
N THR B 74 -1.38 46.53 -34.35
CA THR B 74 -0.47 46.82 -35.46
C THR B 74 0.45 45.63 -35.77
N ASN B 75 -0.20 44.57 -36.26
CA ASN B 75 0.52 43.33 -36.56
C ASN B 75 1.70 43.58 -37.49
N LYS B 76 2.66 42.66 -37.46
CA LYS B 76 3.86 42.75 -38.27
C LYS B 76 4.18 41.40 -38.94
N LEU B 77 5.34 41.27 -39.57
CA LEU B 77 5.68 40.09 -40.35
C LEU B 77 7.14 39.71 -40.14
N PHE B 78 7.44 38.44 -40.40
CA PHE B 78 8.77 37.88 -40.19
C PHE B 78 9.08 36.89 -41.32
N GLU B 79 10.38 36.70 -41.58
CA GLU B 79 10.81 35.58 -42.41
C GLU B 79 12.27 35.30 -42.13
N SER B 80 12.74 34.13 -42.56
CA SER B 80 14.14 33.78 -42.56
C SER B 80 14.50 33.11 -43.89
N THR B 81 15.71 33.33 -44.36
CA THR B 81 16.17 32.79 -45.63
C THR B 81 17.55 32.16 -45.47
N VAL B 82 17.80 31.10 -46.24
CA VAL B 82 19.06 30.37 -46.20
C VAL B 82 19.53 30.13 -47.64
N GLY B 83 20.82 29.78 -47.76
CA GLY B 83 21.46 29.65 -49.05
C GLY B 83 22.07 28.27 -49.26
N VAL B 84 22.58 28.06 -50.48
CA VAL B 84 23.14 26.78 -50.88
C VAL B 84 24.54 26.88 -51.48
N LYS B 85 24.94 28.05 -51.98
CA LYS B 85 26.24 28.28 -52.63
C LYS B 85 26.36 27.61 -54.00
N ARG B 86 25.36 26.83 -54.41
CA ARG B 86 25.34 26.20 -55.72
C ARG B 86 26.53 25.27 -55.96
N THR B 87 27.39 25.06 -54.95
CA THR B 87 28.65 24.37 -55.15
C THR B 87 28.57 22.89 -54.81
N ASP B 88 28.01 22.54 -53.65
CA ASP B 88 28.00 21.15 -53.21
C ASP B 88 27.00 20.29 -53.96
N ILE B 89 26.13 20.88 -54.77
CA ILE B 89 25.23 20.08 -55.60
C ILE B 89 26.03 19.24 -56.58
N GLU B 90 27.06 19.83 -57.19
CA GLU B 90 27.93 19.07 -58.07
C GLU B 90 28.64 17.95 -57.30
N ASP B 91 29.08 18.25 -56.07
CA ASP B 91 29.67 17.23 -55.22
C ASP B 91 28.65 16.24 -54.69
N ASP B 92 27.35 16.51 -54.88
CA ASP B 92 26.28 15.61 -54.43
C ASP B 92 26.32 15.42 -52.92
N ASN B 93 26.74 16.45 -52.18
CA ASN B 93 26.75 16.41 -50.72
C ASN B 93 25.41 16.88 -50.17
N LEU B 94 24.37 16.13 -50.52
CA LEU B 94 23.00 16.47 -50.17
C LEU B 94 22.59 15.94 -48.80
N GLY B 95 23.48 15.24 -48.10
CA GLY B 95 23.16 14.83 -46.74
C GLY B 95 22.84 16.02 -45.85
N VAL B 96 23.59 17.11 -46.02
CA VAL B 96 23.30 18.39 -45.38
C VAL B 96 22.04 18.94 -46.06
N TYR B 97 21.49 20.02 -45.51
CA TYR B 97 20.24 20.66 -45.92
C TYR B 97 19.02 19.93 -45.38
N GLY B 98 19.18 18.78 -44.73
CA GLY B 98 18.10 18.17 -44.00
C GLY B 98 17.97 18.75 -42.60
N PRO B 99 19.00 18.57 -41.78
CA PRO B 99 18.99 19.17 -40.44
C PRO B 99 18.90 20.68 -40.47
N LEU B 100 19.47 21.33 -41.49
CA LEU B 100 19.39 22.79 -41.57
C LEU B 100 17.94 23.25 -41.64
N MET B 101 17.16 22.68 -42.58
CA MET B 101 15.77 23.08 -42.71
C MET B 101 14.93 22.57 -41.55
N GLN B 102 15.30 21.42 -40.97
CA GLN B 102 14.58 20.97 -39.77
C GLN B 102 14.74 21.97 -38.63
N GLU B 103 15.97 22.45 -38.41
CA GLU B 103 16.20 23.46 -37.39
C GLU B 103 15.50 24.77 -37.74
N MET B 104 15.48 25.13 -39.02
CA MET B 104 14.75 26.34 -39.43
C MET B 104 13.27 26.22 -39.10
N GLY B 105 12.67 25.06 -39.37
CA GLY B 105 11.27 24.86 -39.04
C GLY B 105 11.02 24.89 -37.55
N ARG B 106 11.90 24.26 -36.77
CA ARG B 106 11.75 24.30 -35.32
C ARG B 106 11.83 25.72 -34.79
N ALA B 107 12.78 26.51 -35.32
CA ALA B 107 12.90 27.90 -34.89
C ALA B 107 11.68 28.70 -35.29
N ALA B 108 11.13 28.44 -36.48
CA ALA B 108 9.90 29.11 -36.88
C ALA B 108 8.76 28.77 -35.92
N GLY B 109 8.67 27.51 -35.52
CA GLY B 109 7.63 27.12 -34.57
C GLY B 109 7.81 27.78 -33.22
N ALA B 110 9.06 27.91 -32.76
CA ALA B 110 9.34 28.50 -31.47
C ALA B 110 9.33 30.02 -31.48
N HIS B 111 9.35 30.64 -32.65
CA HIS B 111 9.37 32.11 -32.72
C HIS B 111 8.25 32.76 -31.95
N PRO B 112 6.99 32.37 -32.09
CA PRO B 112 5.94 33.05 -31.32
C PRO B 112 6.18 33.02 -29.82
N ASP B 113 6.63 31.90 -29.28
CA ASP B 113 6.94 31.84 -27.85
C ASP B 113 8.07 32.79 -27.50
N GLU B 114 9.12 32.82 -28.32
CA GLU B 114 10.24 33.72 -28.05
C GLU B 114 9.78 35.17 -28.02
N LEU B 115 9.01 35.58 -29.02
CA LEU B 115 8.55 36.96 -29.07
C LEU B 115 7.62 37.29 -27.90
N VAL B 116 6.70 36.37 -27.57
CA VAL B 116 5.76 36.61 -26.48
C VAL B 116 6.52 36.80 -25.17
N PHE B 117 7.48 35.92 -24.89
CA PHE B 117 8.18 36.00 -23.62
C PHE B 117 9.16 37.18 -23.59
N ALA B 118 9.73 37.55 -24.75
CA ALA B 118 10.56 38.74 -24.80
C ALA B 118 9.74 39.98 -24.50
N LEU B 119 8.52 40.06 -25.05
CA LEU B 119 7.64 41.18 -24.72
C LEU B 119 7.26 41.16 -23.24
N LEU B 120 6.98 39.98 -22.70
CA LEU B 120 6.63 39.89 -21.28
C LEU B 120 7.76 40.38 -20.40
N LYS B 121 9.00 40.00 -20.72
CA LYS B 121 10.13 40.43 -19.91
C LYS B 121 10.29 41.94 -19.90
N ALA B 122 9.88 42.60 -20.98
CA ALA B 122 9.96 44.06 -21.11
C ALA B 122 8.64 44.73 -20.79
N GLY B 123 7.86 44.17 -19.86
CA GLY B 123 6.58 44.76 -19.52
C GLY B 123 6.71 46.16 -18.95
N ASN B 124 7.76 46.41 -18.18
CA ASN B 124 7.96 47.73 -17.59
C ASN B 124 8.19 48.81 -18.63
N ALA B 125 8.61 48.44 -19.85
CA ALA B 125 8.88 49.39 -20.92
C ALA B 125 7.78 49.43 -21.96
N ASN B 126 6.63 48.81 -21.67
CA ASN B 126 5.51 48.79 -22.59
C ASN B 126 4.23 49.19 -21.86
N LEU B 127 3.33 49.84 -22.58
CA LEU B 127 2.09 50.36 -22.02
C LEU B 127 0.91 49.56 -22.56
N CYS B 128 -0.08 49.32 -21.70
CA CYS B 128 -1.26 48.55 -22.05
C CYS B 128 -2.32 49.48 -22.63
N TYR B 129 -3.55 48.96 -22.77
CA TYR B 129 -4.61 49.71 -23.43
C TYR B 129 -4.93 51.02 -22.71
N ASP B 130 -4.97 50.98 -21.38
CA ASP B 130 -5.37 52.16 -20.61
C ASP B 130 -4.37 53.31 -20.72
N GLY B 131 -3.18 53.06 -21.25
CA GLY B 131 -2.16 54.07 -21.35
C GLY B 131 -1.10 54.02 -20.27
N GLN B 132 -1.05 52.95 -19.48
CA GLN B 132 -0.09 52.81 -18.40
C GLN B 132 0.67 51.50 -18.58
N ASN B 133 1.83 51.43 -17.93
CA ASN B 133 2.66 50.23 -18.05
C ASN B 133 1.92 49.00 -17.53
N PHE B 134 2.18 47.87 -18.18
CA PHE B 134 1.50 46.63 -17.80
C PHE B 134 1.79 46.26 -16.35
N PHE B 135 3.04 46.40 -15.92
CA PHE B 135 3.44 46.19 -14.54
C PHE B 135 3.81 47.55 -13.96
N ASP B 136 2.88 48.17 -13.25
CA ASP B 136 3.08 49.51 -12.70
C ASP B 136 2.59 49.55 -11.27
N THR B 137 3.13 50.51 -10.52
CA THR B 137 2.82 50.66 -9.10
C THR B 137 1.62 51.56 -8.83
N ASP B 138 1.13 52.30 -9.83
CA ASP B 138 0.06 53.27 -9.64
C ASP B 138 -1.05 53.06 -10.66
N HIS B 139 -1.47 51.80 -10.82
CA HIS B 139 -2.58 51.52 -11.71
C HIS B 139 -3.85 52.18 -11.17
N PRO B 140 -4.70 52.75 -12.04
CA PRO B 140 -5.90 53.43 -11.54
C PRO B 140 -7.11 52.53 -11.43
N VAL B 141 -7.82 52.62 -10.30
CA VAL B 141 -9.10 51.94 -10.10
C VAL B 141 -10.00 52.89 -9.33
N TYR B 142 -11.13 53.26 -9.93
CA TYR B 142 -12.00 54.24 -9.32
C TYR B 142 -12.94 53.59 -8.30
N PRO B 143 -13.40 54.35 -7.29
CA PRO B 143 -14.32 53.77 -6.30
C PRO B 143 -15.74 53.60 -6.81
N ASN B 144 -16.07 54.14 -7.98
CA ASN B 144 -17.40 54.05 -8.54
C ASN B 144 -17.32 53.48 -9.96
N VAL B 145 -18.40 52.81 -10.37
CA VAL B 145 -18.45 52.22 -11.71
C VAL B 145 -18.34 53.30 -12.77
N ASP B 146 -19.06 54.42 -12.58
CA ASP B 146 -19.04 55.49 -13.56
C ASP B 146 -17.66 56.14 -13.68
N GLY B 147 -16.80 55.97 -12.68
CA GLY B 147 -15.47 56.53 -12.73
C GLY B 147 -15.40 57.95 -12.20
N THR B 148 -15.84 58.16 -10.97
CA THR B 148 -15.79 59.46 -10.32
C THR B 148 -15.27 59.30 -8.90
N GLY B 149 -14.69 60.37 -8.38
CA GLY B 149 -14.12 60.37 -7.04
C GLY B 149 -12.63 60.10 -7.05
N THR B 150 -12.03 60.26 -5.87
CA THR B 150 -10.60 60.06 -5.73
C THR B 150 -10.23 58.63 -6.08
N ALA B 151 -9.16 58.48 -6.86
CA ALA B 151 -8.68 57.16 -7.24
C ALA B 151 -7.84 56.55 -6.12
N THR B 152 -7.58 55.25 -6.26
CA THR B 152 -6.79 54.51 -5.29
C THR B 152 -5.60 53.87 -5.97
N THR B 153 -4.55 53.63 -5.18
CA THR B 153 -3.30 53.09 -5.69
C THR B 153 -3.29 51.58 -5.52
N VAL B 154 -3.11 50.86 -6.64
CA VAL B 154 -2.96 49.41 -6.64
C VAL B 154 -1.68 49.08 -7.39
N SER B 155 -0.83 48.25 -6.78
CA SER B 155 0.49 47.95 -7.31
C SER B 155 0.58 46.49 -7.71
N ASN B 156 1.11 46.23 -8.90
CA ASN B 156 1.42 44.88 -9.35
C ASN B 156 2.90 44.71 -9.68
N LEU B 157 3.73 45.70 -9.35
CA LEU B 157 5.17 45.65 -9.56
C LEU B 157 5.85 45.82 -8.21
N PHE B 158 6.61 44.81 -7.79
CA PHE B 158 7.33 44.82 -6.53
C PHE B 158 8.83 44.77 -6.80
N ALA B 159 9.56 45.73 -6.22
CA ALA B 159 11.00 45.82 -6.42
C ALA B 159 11.69 46.03 -5.08
N PRO B 160 12.94 45.61 -4.96
CA PRO B 160 13.67 45.81 -3.70
C PRO B 160 14.24 47.23 -3.59
N ALA B 161 14.60 47.59 -2.36
CA ALA B 161 15.19 48.90 -2.13
C ALA B 161 16.52 49.04 -2.88
N ALA B 162 17.34 47.99 -2.87
CA ALA B 162 18.62 48.00 -3.55
C ALA B 162 19.01 46.56 -3.85
N ASP B 163 20.14 46.41 -4.55
CA ASP B 163 20.64 45.10 -4.92
C ASP B 163 19.56 44.35 -5.70
N PRO B 164 19.20 44.83 -6.89
CA PRO B 164 18.13 44.15 -7.66
C PRO B 164 18.50 42.72 -7.99
N GLY B 165 17.49 41.84 -7.94
CA GLY B 165 17.66 40.45 -8.25
C GLY B 165 16.98 40.04 -9.53
N ALA B 166 16.79 38.74 -9.69
CA ALA B 166 16.11 38.21 -10.87
C ALA B 166 14.64 38.59 -10.85
N ALA B 167 14.05 38.67 -12.04
CA ALA B 167 12.65 39.05 -12.20
C ALA B 167 11.83 37.80 -12.49
N TRP B 168 10.79 37.58 -11.68
CA TRP B 168 9.88 36.47 -11.86
C TRP B 168 8.45 37.00 -11.91
N TYR B 169 7.57 36.23 -12.55
CA TYR B 169 6.21 36.66 -12.84
C TYR B 169 5.21 35.64 -12.32
N LEU B 170 4.07 36.15 -11.85
CA LEU B 170 2.96 35.32 -11.41
C LEU B 170 1.75 35.63 -12.28
N LEU B 171 1.27 34.63 -13.01
CA LEU B 171 0.21 34.80 -13.99
C LEU B 171 -1.01 33.98 -13.61
N ASP B 172 -2.10 34.21 -14.34
CA ASP B 172 -3.35 33.48 -14.17
C ASP B 172 -3.84 33.03 -15.53
N THR B 173 -4.28 31.77 -15.61
CA THR B 173 -4.80 31.22 -16.85
C THR B 173 -6.17 30.59 -16.70
N SER B 174 -6.76 30.59 -15.51
CA SER B 174 -8.10 30.05 -15.35
C SER B 174 -9.12 30.87 -16.13
N ARG B 175 -8.93 32.19 -16.18
CA ARG B 175 -9.85 33.04 -16.92
C ARG B 175 -9.87 32.65 -18.40
N SER B 176 -10.91 33.10 -19.09
CA SER B 176 -11.06 32.78 -20.51
C SER B 176 -9.99 33.45 -21.36
N LEU B 177 -9.59 34.67 -20.99
CA LEU B 177 -8.59 35.44 -21.73
C LEU B 177 -7.32 35.52 -20.91
N LYS B 178 -6.22 35.02 -21.49
CA LYS B 178 -4.93 35.07 -20.81
C LYS B 178 -4.37 36.49 -20.86
N PRO B 179 -3.39 36.80 -19.99
CA PRO B 179 -2.87 38.17 -19.95
C PRO B 179 -2.31 38.65 -21.28
N LEU B 180 -1.85 37.75 -22.14
CA LEU B 180 -1.25 38.11 -23.42
C LEU B 180 -2.06 37.54 -24.57
N ILE B 181 -2.08 38.27 -25.68
CA ILE B 181 -2.78 37.86 -26.89
C ILE B 181 -1.76 37.78 -28.02
N TYR B 182 -1.75 36.64 -28.72
CA TYR B 182 -0.86 36.41 -29.85
C TYR B 182 -1.68 36.38 -31.13
N GLN B 183 -1.57 37.44 -31.93
CA GLN B 183 -2.27 37.50 -33.21
C GLN B 183 -1.58 36.61 -34.24
N GLU B 184 -2.36 36.13 -35.19
CA GLU B 184 -1.85 35.26 -36.24
C GLU B 184 -2.64 35.56 -37.52
N ARG B 185 -2.04 36.38 -38.39
CA ARG B 185 -2.72 36.77 -39.62
C ARG B 185 -2.57 35.72 -40.72
N MET B 186 -1.34 35.30 -40.99
CA MET B 186 -1.06 34.30 -42.02
C MET B 186 -0.18 33.20 -41.44
N LYS B 187 -0.54 31.97 -41.70
CA LYS B 187 0.30 30.84 -41.31
C LYS B 187 1.64 30.96 -42.03
N PRO B 188 2.76 30.69 -41.36
CA PRO B 188 4.06 30.77 -42.04
C PRO B 188 4.10 29.84 -43.24
N SER B 189 4.73 30.31 -44.32
CA SER B 189 4.84 29.57 -45.56
C SER B 189 6.27 29.65 -46.07
N PHE B 190 6.65 28.63 -46.84
CA PHE B 190 7.97 28.54 -47.43
C PHE B 190 7.94 29.08 -48.85
N THR B 191 9.01 29.78 -49.24
CA THR B 191 9.14 30.38 -50.55
C THR B 191 10.48 29.98 -51.14
N SER B 192 10.45 29.09 -52.13
CA SER B 192 11.66 28.61 -52.76
C SER B 192 11.77 29.14 -54.19
N MET B 193 12.99 29.07 -54.73
CA MET B 193 13.25 29.46 -56.11
C MET B 193 14.60 28.90 -56.51
N THR B 194 14.64 28.23 -57.66
CA THR B 194 15.82 27.49 -58.06
C THR B 194 16.14 27.63 -59.55
N LYS B 195 15.48 28.56 -60.25
CA LYS B 195 15.66 28.65 -61.70
C LYS B 195 17.08 29.07 -62.05
N GLU B 196 17.55 28.59 -63.20
CA GLU B 196 18.91 28.90 -63.64
C GLU B 196 19.03 30.30 -64.22
N ASP B 197 17.90 30.95 -64.53
CA ASP B 197 17.89 32.25 -65.20
C ASP B 197 17.08 33.25 -64.38
N ASP B 198 17.34 33.29 -63.08
CA ASP B 198 16.67 34.22 -62.17
C ASP B 198 17.73 34.91 -61.30
N GLU B 199 17.27 35.81 -60.45
CA GLU B 199 18.18 36.65 -59.68
C GLU B 199 18.92 35.84 -58.62
N GLN B 200 20.13 36.28 -58.31
CA GLN B 200 20.96 35.71 -57.26
C GLN B 200 21.44 34.30 -57.60
N VAL B 201 21.03 33.78 -58.75
CA VAL B 201 21.57 32.52 -59.27
C VAL B 201 22.65 32.88 -60.27
N PHE B 202 22.43 33.95 -61.02
CA PHE B 202 23.45 34.54 -61.88
C PHE B 202 24.28 35.57 -61.15
N MET B 203 23.67 36.36 -60.27
CA MET B 203 24.39 37.35 -59.47
C MET B 203 24.82 36.70 -58.15
N ALA B 204 26.09 36.86 -57.81
CA ALA B 204 26.65 36.17 -56.65
C ALA B 204 26.28 34.68 -56.80
N ASP B 205 26.08 33.98 -55.69
CA ASP B 205 25.61 32.60 -55.77
C ASP B 205 24.92 32.18 -54.48
N GLU B 206 23.58 32.18 -54.48
CA GLU B 206 22.81 31.75 -53.32
C GLU B 206 21.42 31.34 -53.79
N TYR B 207 21.14 30.04 -53.76
CA TYR B 207 19.80 29.54 -54.05
C TYR B 207 18.93 29.79 -52.83
N ARG B 208 18.17 30.88 -52.87
CA ARG B 208 17.44 31.33 -51.69
C ARG B 208 16.35 30.34 -51.30
N TYR B 209 16.16 30.16 -50.00
CA TYR B 209 15.12 29.30 -49.44
C TYR B 209 14.52 30.04 -48.25
N GLY B 210 13.39 30.72 -48.47
CA GLY B 210 12.81 31.56 -47.45
C GLY B 210 11.55 30.99 -46.82
N VAL B 211 11.23 31.46 -45.62
CA VAL B 211 10.02 31.05 -44.91
C VAL B 211 9.36 32.29 -44.32
N ARG B 212 8.20 32.68 -44.83
CA ARG B 212 7.53 33.89 -44.40
C ARG B 212 6.58 33.60 -43.24
N SER B 213 6.02 34.66 -42.69
CA SER B 213 5.06 34.58 -41.60
C SER B 213 4.52 35.97 -41.32
N ARG B 214 3.42 36.02 -40.57
CA ARG B 214 2.79 37.30 -40.21
C ARG B 214 2.07 37.13 -38.88
N CYS B 215 2.68 37.62 -37.79
CA CYS B 215 2.11 37.49 -36.47
C CYS B 215 2.56 38.65 -35.60
N ASN B 216 1.84 38.87 -34.51
CA ASN B 216 2.21 39.86 -33.51
C ASN B 216 1.54 39.50 -32.20
N VAL B 217 2.05 40.08 -31.11
CA VAL B 217 1.59 39.78 -29.76
C VAL B 217 1.25 41.09 -29.05
N GLY B 218 0.14 41.07 -28.30
CA GLY B 218 -0.27 42.23 -27.54
C GLY B 218 -0.69 41.82 -26.14
N PHE B 219 -0.79 42.83 -25.27
CA PHE B 219 -1.16 42.60 -23.88
C PHE B 219 -2.65 42.37 -23.74
N GLY B 220 -3.04 41.79 -22.60
CA GLY B 220 -4.44 41.64 -22.25
C GLY B 220 -4.86 42.69 -21.26
N PHE B 221 -5.34 42.27 -20.08
CA PHE B 221 -5.66 43.18 -18.99
C PHE B 221 -4.76 42.85 -17.81
N TRP B 222 -4.14 43.89 -17.24
CA TRP B 222 -3.05 43.74 -16.28
C TRP B 222 -3.48 43.12 -14.95
N GLN B 223 -4.78 43.00 -14.69
CA GLN B 223 -5.22 42.56 -13.35
C GLN B 223 -4.69 41.19 -12.99
N LEU B 224 -4.31 40.37 -13.97
CA LEU B 224 -3.80 39.03 -13.69
C LEU B 224 -2.28 39.03 -13.49
N ALA B 225 -1.54 39.49 -14.50
CA ALA B 225 -0.09 39.40 -14.47
C ALA B 225 0.49 40.30 -13.38
N ALA B 226 1.65 39.90 -12.88
CA ALA B 226 2.37 40.68 -11.88
C ALA B 226 3.86 40.42 -12.04
N MET B 227 4.66 41.36 -11.55
CA MET B 227 6.11 41.27 -11.61
C MET B 227 6.69 41.49 -10.22
N SER B 228 7.78 40.77 -9.93
CA SER B 228 8.46 40.89 -8.65
C SER B 228 9.93 40.59 -8.86
N THR B 229 10.76 41.62 -8.73
CA THR B 229 12.20 41.48 -8.91
C THR B 229 12.93 41.18 -7.61
N GLU B 230 12.22 41.08 -6.49
CA GLU B 230 12.85 40.78 -5.22
C GLU B 230 13.27 39.32 -5.15
N GLU B 231 14.08 39.00 -4.14
CA GLU B 231 14.54 37.63 -3.95
C GLU B 231 13.35 36.69 -3.81
N LEU B 232 13.43 35.54 -4.46
CA LEU B 232 12.38 34.53 -4.41
C LEU B 232 12.47 33.81 -3.08
N ASN B 233 11.58 34.16 -2.15
CA ASN B 233 11.54 33.57 -0.83
C ASN B 233 10.11 33.20 -0.48
N GLN B 234 9.97 32.28 0.49
CA GLN B 234 8.64 31.83 0.89
C GLN B 234 7.82 33.00 1.44
N VAL B 235 8.42 33.83 2.28
CA VAL B 235 7.69 34.97 2.84
C VAL B 235 7.30 35.94 1.73
N ASN B 236 8.23 36.24 0.82
CA ASN B 236 7.93 37.16 -0.28
C ASN B 236 6.85 36.58 -1.19
N PHE B 237 6.93 35.29 -1.49
CA PHE B 237 5.91 34.66 -2.33
C PHE B 237 4.54 34.72 -1.66
N GLU B 238 4.49 34.44 -0.36
CA GLU B 238 3.22 34.51 0.36
C GLU B 238 2.67 35.94 0.35
N LYS B 239 3.55 36.92 0.55
CA LYS B 239 3.11 38.32 0.52
C LYS B 239 2.53 38.68 -0.85
N VAL B 240 3.22 38.29 -1.91
CA VAL B 240 2.72 38.60 -3.25
C VAL B 240 1.39 37.92 -3.50
N TYR B 241 1.27 36.64 -3.10
CA TYR B 241 0.05 35.90 -3.36
C TYR B 241 -1.13 36.49 -2.60
N ASP B 242 -0.96 36.76 -1.31
CA ASP B 242 -2.06 37.28 -0.51
C ASP B 242 -2.36 38.75 -0.80
N ALA B 243 -1.42 39.48 -1.42
CA ALA B 243 -1.74 40.79 -1.94
C ALA B 243 -2.53 40.69 -3.25
N MET B 244 -2.18 39.74 -4.10
CA MET B 244 -2.91 39.56 -5.35
C MET B 244 -4.34 39.11 -5.10
N ARG B 245 -4.53 38.18 -4.15
CA ARG B 245 -5.86 37.66 -3.89
C ARG B 245 -6.78 38.70 -3.24
N ASN B 246 -6.23 39.79 -2.73
CA ASN B 246 -6.99 40.84 -2.05
C ASN B 246 -7.17 42.07 -2.94
N GLN B 247 -7.34 41.87 -4.24
CA GLN B 247 -7.53 42.96 -5.19
C GLN B 247 -9.00 43.05 -5.56
N LYS B 248 -9.56 44.25 -5.43
CA LYS B 248 -10.96 44.52 -5.71
C LYS B 248 -11.07 45.56 -6.82
N ALA B 249 -12.00 45.32 -7.73
CA ALA B 249 -12.25 46.25 -8.84
C ALA B 249 -13.03 47.45 -8.32
N ASP B 250 -13.44 48.33 -9.23
CA ASP B 250 -14.25 49.48 -8.85
C ASP B 250 -15.52 49.02 -8.15
N GLY B 251 -15.83 49.66 -7.02
CA GLY B 251 -16.97 49.28 -6.21
C GLY B 251 -16.65 48.37 -5.04
N GLY B 252 -15.37 48.05 -4.82
CA GLY B 252 -15.00 47.23 -3.69
C GLY B 252 -15.57 45.83 -3.74
N ARG B 253 -15.56 45.19 -4.90
CA ARG B 253 -16.05 43.83 -5.06
C ARG B 253 -14.92 42.92 -5.51
N PRO B 254 -14.42 42.01 -4.67
CA PRO B 254 -13.31 41.16 -5.10
C PRO B 254 -13.65 40.35 -6.34
N LEU B 255 -12.64 40.16 -7.19
CA LEU B 255 -12.80 39.46 -8.45
C LEU B 255 -12.58 37.95 -8.33
N ASP B 256 -12.11 37.47 -7.17
CA ASP B 256 -11.84 36.05 -6.97
C ASP B 256 -10.80 35.56 -7.97
N ILE B 257 -9.64 36.21 -7.97
CA ILE B 257 -8.56 35.82 -8.85
C ILE B 257 -7.93 34.52 -8.33
N ARG B 258 -7.40 33.72 -9.26
CA ARG B 258 -6.78 32.43 -8.95
C ARG B 258 -5.40 32.38 -9.61
N PRO B 259 -4.39 32.97 -8.98
CA PRO B 259 -3.02 32.88 -9.54
C PRO B 259 -2.63 31.44 -9.82
N ASN B 260 -2.42 31.11 -11.09
CA ASN B 260 -2.27 29.73 -11.52
C ASN B 260 -0.82 29.29 -11.61
N LEU B 261 0.00 29.99 -12.39
CA LEU B 261 1.34 29.56 -12.72
C LEU B 261 2.35 30.65 -12.38
N LEU B 262 3.59 30.21 -12.11
CA LEU B 262 4.70 31.09 -11.80
C LEU B 262 5.81 30.84 -12.83
N VAL B 263 6.38 31.93 -13.34
CA VAL B 263 7.43 31.87 -14.36
C VAL B 263 8.68 32.49 -13.78
N VAL B 264 9.81 31.80 -13.90
CA VAL B 264 11.08 32.28 -13.37
C VAL B 264 12.15 32.09 -14.44
N PRO B 265 13.25 32.83 -14.35
CA PRO B 265 14.36 32.62 -15.29
C PRO B 265 15.05 31.28 -15.05
N THR B 266 15.74 30.82 -16.10
CA THR B 266 16.42 29.53 -16.01
C THR B 266 17.48 29.52 -14.91
N THR B 267 18.04 30.68 -14.59
CA THR B 267 19.10 30.76 -13.59
C THR B 267 18.57 30.68 -12.15
N LEU B 268 17.24 30.73 -11.96
CA LEU B 268 16.66 30.58 -10.64
C LEU B 268 15.61 29.48 -10.59
N ARG B 269 15.54 28.62 -11.62
CA ARG B 269 14.56 27.54 -11.62
C ARG B 269 14.82 26.57 -10.46
N SER B 270 16.09 26.25 -10.22
CA SER B 270 16.42 25.34 -9.12
C SER B 270 16.04 25.93 -7.78
N LYS B 271 16.29 27.24 -7.59
CA LYS B 271 15.92 27.88 -6.33
C LYS B 271 14.41 27.92 -6.16
N ALA B 272 13.67 28.18 -7.24
CA ALA B 272 12.22 28.15 -7.16
C ALA B 272 11.72 26.75 -6.81
N LYS B 273 12.31 25.73 -7.42
CA LYS B 273 11.90 24.35 -7.13
C LYS B 273 12.17 23.99 -5.68
N GLU B 274 13.37 24.30 -5.17
CA GLU B 274 13.71 23.90 -3.82
C GLU B 274 12.94 24.71 -2.78
N VAL B 275 12.70 25.99 -3.06
CA VAL B 275 11.90 26.80 -2.14
C VAL B 275 10.45 26.33 -2.14
N VAL B 276 9.89 26.09 -3.33
CA VAL B 276 8.50 25.66 -3.49
C VAL B 276 8.49 24.39 -4.31
N GLY B 277 7.90 23.33 -3.76
CA GLY B 277 7.79 22.07 -4.45
C GLY B 277 8.49 20.92 -3.75
N VAL B 278 8.95 21.14 -2.53
CA VAL B 278 9.62 20.12 -1.72
C VAL B 278 8.87 19.97 -0.41
N GLN B 279 8.58 18.73 -0.04
CA GLN B 279 7.77 18.48 1.15
C GLN B 279 8.47 18.98 2.41
N ARG B 280 9.72 18.60 2.61
CA ARG B 280 10.46 19.01 3.80
C ARG B 280 11.01 20.42 3.64
N LEU B 281 10.74 21.26 4.63
CA LEU B 281 11.25 22.62 4.63
C LEU B 281 12.74 22.62 4.98
N ALA B 282 13.30 23.83 5.17
CA ALA B 282 14.69 23.93 5.59
C ALA B 282 14.92 23.24 6.92
N ASN B 283 13.99 23.43 7.87
CA ASN B 283 14.04 22.73 9.16
C ASN B 283 12.58 22.50 9.58
N GLY B 284 12.05 21.33 9.23
CA GLY B 284 10.68 21.00 9.52
C GLY B 284 10.03 20.20 8.42
N ALA B 285 8.79 20.53 8.08
CA ALA B 285 8.06 19.81 7.03
C ALA B 285 6.78 20.58 6.73
N ASP B 286 6.02 20.07 5.76
CA ASP B 286 4.74 20.64 5.38
C ASP B 286 4.91 22.08 4.85
N ASN B 287 5.64 22.20 3.74
CA ASN B 287 5.72 23.48 3.06
C ASN B 287 4.33 23.85 2.53
N PRO B 288 3.80 25.03 2.87
CA PRO B 288 2.41 25.33 2.51
C PRO B 288 2.22 25.77 1.06
N ASN B 289 3.21 25.52 0.21
CA ASN B 289 3.14 25.91 -1.20
C ASN B 289 3.43 24.72 -2.10
N PHE B 290 2.98 23.53 -1.71
CA PHE B 290 3.20 22.34 -2.52
C PHE B 290 2.19 22.27 -3.66
N GLU B 291 2.70 22.18 -4.88
CA GLU B 291 1.86 22.04 -6.07
C GLU B 291 0.78 23.12 -6.12
N LEU B 292 1.03 24.26 -5.50
CA LEU B 292 0.06 25.35 -5.54
C LEU B 292 0.02 26.00 -6.92
N VAL B 293 1.16 26.06 -7.61
CA VAL B 293 1.26 26.61 -8.96
C VAL B 293 2.08 25.67 -9.81
N GLN B 294 1.87 25.76 -11.12
CA GLN B 294 2.58 24.93 -12.10
C GLN B 294 3.71 25.75 -12.70
N VAL B 295 4.95 25.42 -12.32
CA VAL B 295 6.10 26.13 -12.84
C VAL B 295 6.22 25.87 -14.34
N LEU B 296 6.50 26.93 -15.10
CA LEU B 296 6.65 26.84 -16.55
C LEU B 296 8.08 27.25 -16.89
N ASP B 297 8.96 26.27 -17.03
CA ASP B 297 10.34 26.54 -17.39
C ASP B 297 10.42 27.11 -18.81
N THR B 298 11.28 28.10 -18.99
CA THR B 298 11.43 28.74 -20.28
C THR B 298 12.81 29.38 -20.36
N ALA B 299 13.47 29.21 -21.51
CA ALA B 299 14.79 29.78 -21.73
C ALA B 299 14.74 31.19 -22.31
N TRP B 300 13.57 31.66 -22.71
CA TRP B 300 13.45 32.98 -23.33
C TRP B 300 13.66 34.12 -22.34
N LEU B 301 13.69 33.84 -21.04
CA LEU B 301 13.93 34.86 -20.02
C LEU B 301 15.37 34.83 -19.52
N ASN B 302 16.31 34.50 -20.40
CA ASN B 302 17.73 34.43 -20.04
C ASN B 302 17.96 33.37 -18.97
N ILE C 2 -34.52 -62.44 22.06
CA ILE C 2 -33.82 -61.20 21.79
C ILE C 2 -34.08 -60.77 20.34
N THR C 3 -35.15 -60.02 20.15
CA THR C 3 -35.57 -59.56 18.84
C THR C 3 -35.99 -58.09 18.95
N PRO C 4 -36.03 -57.37 17.83
CA PRO C 4 -36.46 -55.96 17.89
C PRO C 4 -37.85 -55.78 18.47
N ALA C 5 -38.75 -56.76 18.27
CA ALA C 5 -40.08 -56.66 18.86
C ALA C 5 -40.00 -56.64 20.38
N LEU C 6 -39.11 -57.46 20.96
CA LEU C 6 -38.94 -57.44 22.41
C LEU C 6 -38.45 -56.09 22.89
N ILE C 7 -37.52 -55.48 22.16
CA ILE C 7 -37.02 -54.15 22.53
C ILE C 7 -38.14 -53.13 22.46
N SER C 8 -38.96 -53.18 21.41
CA SER C 8 -40.07 -52.25 21.28
C SER C 8 -41.05 -52.42 22.43
N ALA C 9 -41.38 -53.66 22.78
CA ALA C 9 -42.30 -53.90 23.89
C ALA C 9 -41.72 -53.40 25.19
N LEU C 10 -40.43 -53.64 25.43
CA LEU C 10 -39.80 -53.16 26.65
C LEU C 10 -39.82 -51.64 26.73
N LYS C 11 -39.53 -50.96 25.62
CA LYS C 11 -39.57 -49.50 25.61
C LYS C 11 -40.98 -49.00 25.86
N THR C 12 -41.98 -49.64 25.26
CA THR C 12 -43.36 -49.23 25.50
C THR C 12 -43.74 -49.40 26.96
N SER C 13 -43.35 -50.53 27.56
CA SER C 13 -43.66 -50.76 28.97
C SER C 13 -42.99 -49.72 29.87
N PHE C 14 -41.72 -49.41 29.60
CA PHE C 14 -41.04 -48.40 30.40
C PHE C 14 -41.67 -47.03 30.21
N GLN C 15 -42.06 -46.68 28.98
CA GLN C 15 -42.73 -45.41 28.75
C GLN C 15 -44.05 -45.34 29.51
N LYS C 16 -44.83 -46.42 29.49
CA LYS C 16 -46.08 -46.44 30.22
C LYS C 16 -45.85 -46.30 31.72
N HIS C 17 -44.85 -47.01 32.25
CA HIS C 17 -44.55 -46.90 33.68
C HIS C 17 -44.14 -45.48 34.06
N PHE C 18 -43.30 -44.85 33.24
CA PHE C 18 -42.86 -43.49 33.54
C PHE C 18 -44.01 -42.50 33.44
N GLN C 19 -44.87 -42.65 32.42
CA GLN C 19 -45.99 -41.73 32.25
C GLN C 19 -47.03 -41.93 33.34
N ASP C 20 -47.15 -43.13 33.90
CA ASP C 20 -48.09 -43.36 34.98
C ASP C 20 -47.75 -42.47 36.18
N ALA C 21 -46.47 -42.36 36.51
CA ALA C 21 -46.02 -41.45 37.54
C ALA C 21 -45.88 -40.05 36.94
N LEU C 22 -45.34 -39.12 37.73
CA LEU C 22 -45.08 -37.75 37.28
C LEU C 22 -46.38 -36.94 37.19
N ALA C 23 -47.52 -37.60 37.38
CA ALA C 23 -48.83 -36.96 37.26
C ALA C 23 -49.57 -36.85 38.59
N THR C 24 -49.49 -37.88 39.42
CA THR C 24 -50.20 -37.90 40.71
C THR C 24 -49.29 -37.53 41.87
N ALA C 25 -48.09 -37.04 41.60
CA ALA C 25 -47.18 -36.67 42.68
C ALA C 25 -47.78 -35.53 43.50
N PRO C 26 -47.57 -35.52 44.83
CA PRO C 26 -48.13 -34.43 45.66
C PRO C 26 -47.32 -33.14 45.52
N SER C 27 -47.57 -32.42 44.42
CA SER C 27 -46.85 -31.19 44.14
C SER C 27 -47.32 -30.08 45.07
N THR C 28 -46.35 -29.39 45.69
CA THR C 28 -46.65 -28.23 46.53
C THR C 28 -46.18 -26.92 45.92
N TYR C 29 -45.27 -26.96 44.94
CA TYR C 29 -44.83 -25.74 44.29
C TYR C 29 -45.93 -25.09 43.47
N LEU C 30 -46.85 -25.90 42.95
CA LEU C 30 -47.92 -25.35 42.12
C LEU C 30 -48.75 -24.32 42.87
N GLN C 31 -48.82 -24.45 44.21
CA GLN C 31 -49.53 -23.46 45.00
C GLN C 31 -48.87 -22.09 44.91
N VAL C 32 -47.54 -22.06 44.95
CA VAL C 32 -46.79 -20.80 44.95
C VAL C 32 -46.07 -20.53 43.64
N ALA C 33 -46.05 -21.48 42.71
CA ALA C 33 -45.39 -21.30 41.42
C ALA C 33 -46.42 -21.23 40.30
N THR C 34 -45.98 -20.81 39.13
CA THR C 34 -46.85 -20.68 37.96
C THR C 34 -46.19 -21.34 36.77
N VAL C 35 -46.96 -22.12 36.02
CA VAL C 35 -46.44 -22.80 34.84
C VAL C 35 -46.46 -21.81 33.67
N ILE C 36 -45.31 -21.66 33.01
CA ILE C 36 -45.18 -20.73 31.89
C ILE C 36 -44.48 -21.44 30.73
N PRO C 37 -45.04 -21.43 29.52
CA PRO C 37 -44.37 -22.05 28.38
C PRO C 37 -43.33 -21.11 27.78
N SER C 38 -42.06 -21.48 27.87
CA SER C 38 -40.96 -20.71 27.34
C SER C 38 -40.43 -21.35 26.06
N THR C 39 -39.64 -20.58 25.32
CA THR C 39 -39.07 -21.03 24.05
C THR C 39 -37.58 -20.76 23.91
N THR C 40 -37.01 -19.81 24.64
CA THR C 40 -35.60 -19.46 24.54
C THR C 40 -34.91 -19.71 25.89
N ALA C 41 -33.62 -19.41 25.94
CA ALA C 41 -32.80 -19.68 27.11
C ALA C 41 -32.96 -18.62 28.21
N SER C 42 -33.58 -17.49 27.92
CA SER C 42 -33.75 -16.43 28.92
C SER C 42 -35.00 -15.64 28.60
N ASN C 43 -35.72 -15.25 29.64
CA ASN C 43 -36.94 -14.46 29.50
C ASN C 43 -36.83 -13.21 30.35
N THR C 44 -36.98 -12.05 29.72
CA THR C 44 -36.92 -10.77 30.41
C THR C 44 -38.29 -10.40 30.94
N TYR C 45 -38.31 -9.43 31.86
CA TYR C 45 -39.53 -8.99 32.52
C TYR C 45 -39.69 -7.48 32.34
N GLY C 46 -40.92 -7.02 32.52
CA GLY C 46 -41.24 -5.61 32.43
C GLY C 46 -41.62 -5.04 33.77
N TRP C 47 -42.92 -4.89 34.01
CA TRP C 47 -43.41 -4.46 35.31
C TRP C 47 -43.02 -5.45 36.40
N LEU C 48 -42.86 -4.95 37.62
CA LEU C 48 -42.54 -5.78 38.77
C LEU C 48 -43.48 -5.58 39.96
N GLY C 49 -44.19 -4.47 40.05
CA GLY C 49 -45.09 -4.23 41.18
C GLY C 49 -46.38 -3.58 40.76
N GLN C 50 -46.82 -3.82 39.53
CA GLN C 50 -48.04 -3.23 38.99
C GLN C 50 -49.21 -4.13 39.32
N PHE C 51 -50.05 -3.69 40.25
CA PHE C 51 -51.30 -4.39 40.52
C PHE C 51 -52.28 -4.12 39.39
N PRO C 52 -52.75 -5.15 38.68
CA PRO C 52 -53.74 -4.90 37.61
C PRO C 52 -55.12 -4.61 38.20
N LYS C 53 -55.56 -3.37 38.04
CA LYS C 53 -56.88 -2.96 38.49
C LYS C 53 -57.51 -2.07 37.44
N LEU C 54 -58.80 -1.78 37.62
CA LEU C 54 -59.61 -1.07 36.64
C LEU C 54 -60.11 0.24 37.22
N ARG C 55 -60.40 1.19 36.33
CA ARG C 55 -60.82 2.52 36.72
C ARG C 55 -62.10 2.90 35.98
N GLU C 56 -62.80 3.89 36.54
CA GLU C 56 -64.12 4.27 36.02
C GLU C 56 -64.03 4.78 34.58
N TRP C 57 -63.03 5.61 34.28
CA TRP C 57 -63.00 6.32 33.02
C TRP C 57 -62.98 5.35 31.84
N ILE C 58 -63.36 5.87 30.68
CA ILE C 58 -63.65 5.05 29.51
C ILE C 58 -62.55 5.22 28.47
N GLY C 59 -62.48 4.25 27.55
CA GLY C 59 -61.61 4.31 26.40
C GLY C 59 -60.80 3.05 26.17
N GLN C 60 -60.28 2.42 27.22
CA GLN C 60 -59.22 1.41 27.20
C GLN C 60 -57.83 2.03 27.21
N ARG C 61 -57.73 3.36 27.24
CA ARG C 61 -56.47 4.03 27.57
C ARG C 61 -56.77 5.18 28.52
N VAL C 62 -56.75 4.89 29.82
CA VAL C 62 -57.02 5.88 30.84
C VAL C 62 -55.91 5.94 31.89
N ILE C 63 -55.45 4.78 32.35
CA ILE C 63 -54.42 4.74 33.40
C ILE C 63 -53.68 3.41 33.28
N LYS C 64 -52.37 3.45 33.50
CA LYS C 64 -51.54 2.26 33.55
C LYS C 64 -50.13 2.69 33.96
N ASP C 65 -49.35 1.73 34.44
CA ASP C 65 -48.05 2.05 35.05
C ASP C 65 -46.92 2.06 34.02
N MET C 66 -47.01 1.22 33.00
CA MET C 66 -45.95 1.06 32.00
C MET C 66 -44.76 0.35 32.63
N ALA C 67 -44.02 -0.41 31.84
CA ALA C 67 -43.02 -1.32 32.37
C ALA C 67 -41.77 -0.56 32.82
N ALA C 68 -40.91 -1.28 33.53
CA ALA C 68 -39.65 -0.72 34.03
C ALA C 68 -38.53 -1.68 33.62
N GLN C 69 -37.32 -1.43 34.12
CA GLN C 69 -36.17 -2.29 33.85
C GLN C 69 -36.53 -3.77 34.03
N GLY C 70 -35.77 -4.65 33.40
CA GLY C 70 -36.15 -6.04 33.30
C GLY C 70 -35.46 -6.95 34.31
N TYR C 71 -35.97 -8.18 34.38
CA TYR C 71 -35.46 -9.21 35.28
C TYR C 71 -35.44 -10.52 34.51
N GLN C 72 -34.27 -11.15 34.42
CA GLN C 72 -34.10 -12.38 33.66
C GLN C 72 -34.17 -13.60 34.57
N ILE C 73 -34.45 -14.75 33.95
CA ILE C 73 -34.52 -16.01 34.65
C ILE C 73 -33.24 -16.84 34.46
N THR C 74 -32.73 -16.90 33.23
CA THR C 74 -31.53 -17.68 32.92
C THR C 74 -31.75 -19.15 33.29
N ASN C 75 -32.66 -19.77 32.53
CA ASN C 75 -33.13 -21.11 32.88
C ASN C 75 -31.97 -22.08 33.06
N LYS C 76 -32.05 -22.87 34.12
CA LYS C 76 -31.04 -23.86 34.46
C LYS C 76 -31.49 -25.25 34.01
N LEU C 77 -30.72 -26.26 34.39
CA LEU C 77 -30.90 -27.60 33.90
C LEU C 77 -30.72 -28.61 35.04
N PHE C 78 -31.51 -29.68 35.01
CA PHE C 78 -31.46 -30.74 36.00
C PHE C 78 -31.63 -32.09 35.31
N GLU C 79 -31.16 -33.15 35.97
CA GLU C 79 -31.30 -34.49 35.42
C GLU C 79 -31.27 -35.53 36.52
N SER C 80 -31.90 -36.67 36.23
CA SER C 80 -31.88 -37.86 37.07
C SER C 80 -31.44 -39.04 36.22
N THR C 81 -31.20 -40.17 36.87
CA THR C 81 -30.80 -41.38 36.16
C THR C 81 -30.88 -42.56 37.10
N VAL C 82 -31.28 -43.71 36.56
CA VAL C 82 -31.38 -44.94 37.34
C VAL C 82 -31.41 -46.11 36.36
N GLY C 83 -30.75 -47.19 36.75
CA GLY C 83 -30.85 -48.43 36.01
C GLY C 83 -29.90 -49.51 36.49
N VAL C 84 -30.43 -50.70 36.72
CA VAL C 84 -29.63 -51.88 37.05
C VAL C 84 -30.26 -53.04 36.29
N LYS C 85 -29.64 -53.45 35.19
CA LYS C 85 -30.14 -54.53 34.35
C LYS C 85 -29.04 -55.51 33.98
N ARG C 86 -28.04 -55.65 34.86
CA ARG C 86 -26.99 -56.64 34.62
C ARG C 86 -27.57 -58.04 34.59
N THR C 87 -28.49 -58.34 35.52
CA THR C 87 -29.13 -59.64 35.60
C THR C 87 -30.64 -59.59 35.46
N ASP C 88 -31.25 -58.39 35.39
CA ASP C 88 -32.69 -58.31 35.21
C ASP C 88 -33.11 -58.92 33.88
N ILE C 89 -32.49 -58.49 32.78
CA ILE C 89 -32.88 -58.96 31.47
C ILE C 89 -32.51 -60.43 31.31
N GLU C 90 -33.18 -61.09 30.38
CA GLU C 90 -32.89 -62.48 30.01
C GLU C 90 -32.74 -63.38 31.23
N ASP C 91 -33.41 -63.00 32.33
CA ASP C 91 -33.39 -63.79 33.55
C ASP C 91 -34.74 -63.86 34.24
N ASP C 92 -35.77 -63.21 33.71
CA ASP C 92 -37.09 -63.20 34.32
C ASP C 92 -37.09 -62.49 35.68
N ASN C 93 -36.06 -61.69 35.94
CA ASN C 93 -35.96 -60.91 37.16
C ASN C 93 -36.34 -59.44 36.94
N LEU C 94 -36.87 -59.10 35.76
CA LEU C 94 -37.28 -57.73 35.48
C LEU C 94 -38.55 -57.34 36.22
N GLY C 95 -39.26 -58.30 36.81
CA GLY C 95 -40.43 -57.94 37.60
C GLY C 95 -40.11 -56.92 38.68
N VAL C 96 -38.91 -57.02 39.25
CA VAL C 96 -38.40 -56.01 40.16
C VAL C 96 -37.47 -55.10 39.37
N TYR C 97 -37.10 -53.97 39.96
CA TYR C 97 -36.36 -52.90 39.29
C TYR C 97 -37.26 -52.13 38.33
N GLY C 98 -38.51 -52.58 38.16
CA GLY C 98 -39.45 -51.91 37.30
C GLY C 98 -40.49 -51.07 37.99
N PRO C 99 -41.11 -51.56 39.08
CA PRO C 99 -42.09 -50.73 39.78
C PRO C 99 -41.45 -49.83 40.83
N LEU C 100 -40.21 -50.11 41.19
CA LEU C 100 -39.54 -49.33 42.22
C LEU C 100 -39.16 -47.94 41.71
N MET C 101 -38.96 -47.81 40.40
CA MET C 101 -38.57 -46.52 39.83
C MET C 101 -39.75 -45.56 39.66
N GLN C 102 -40.99 -46.05 39.79
CA GLN C 102 -42.12 -45.12 39.80
C GLN C 102 -42.02 -44.15 40.97
N GLU C 103 -41.46 -44.60 42.10
CA GLU C 103 -41.18 -43.68 43.19
C GLU C 103 -40.12 -42.67 42.79
N MET C 104 -39.13 -43.11 42.00
CA MET C 104 -38.15 -42.16 41.50
C MET C 104 -38.82 -41.08 40.66
N GLY C 105 -39.76 -41.48 39.80
CA GLY C 105 -40.51 -40.49 39.03
C GLY C 105 -41.31 -39.58 39.92
N ARG C 106 -41.99 -40.12 40.93
CA ARG C 106 -42.74 -39.31 41.86
C ARG C 106 -41.84 -38.26 42.52
N ALA C 107 -40.69 -38.68 43.05
CA ALA C 107 -39.80 -37.75 43.72
C ALA C 107 -39.25 -36.71 42.77
N ALA C 108 -38.87 -37.13 41.55
CA ALA C 108 -38.33 -36.19 40.59
C ALA C 108 -39.36 -35.16 40.16
N GLY C 109 -40.64 -35.57 40.07
CA GLY C 109 -41.68 -34.64 39.71
C GLY C 109 -41.90 -33.53 40.72
N ALA C 110 -41.45 -33.73 41.96
CA ALA C 110 -41.57 -32.73 43.01
C ALA C 110 -40.31 -31.87 43.15
N HIS C 111 -39.36 -32.03 42.24
CA HIS C 111 -38.12 -31.25 42.35
C HIS C 111 -38.37 -29.75 42.34
N PRO C 112 -39.24 -29.20 41.49
CA PRO C 112 -39.55 -27.77 41.58
C PRO C 112 -39.86 -27.32 42.99
N ASP C 113 -40.32 -28.23 43.85
CA ASP C 113 -40.57 -27.88 45.24
C ASP C 113 -39.29 -27.44 45.93
N GLU C 114 -38.24 -28.27 45.87
CA GLU C 114 -36.99 -27.87 46.50
C GLU C 114 -36.31 -26.75 45.73
N LEU C 115 -36.58 -26.60 44.43
CA LEU C 115 -36.03 -25.46 43.71
C LEU C 115 -36.63 -24.15 44.23
N VAL C 116 -37.96 -24.09 44.34
CA VAL C 116 -38.60 -22.88 44.85
C VAL C 116 -38.21 -22.65 46.29
N PHE C 117 -38.00 -23.72 47.08
CA PHE C 117 -37.57 -23.53 48.45
C PHE C 117 -36.11 -23.09 48.54
N ALA C 118 -35.27 -23.49 47.58
CA ALA C 118 -33.92 -22.96 47.52
C ALA C 118 -33.93 -21.47 47.23
N LEU C 119 -34.80 -21.03 46.31
CA LEU C 119 -34.96 -19.59 46.11
C LEU C 119 -35.50 -18.92 47.37
N LEU C 120 -36.47 -19.56 48.03
CA LEU C 120 -37.11 -18.97 49.20
C LEU C 120 -36.12 -18.78 50.35
N LYS C 121 -35.27 -19.77 50.60
CA LYS C 121 -34.34 -19.69 51.72
C LYS C 121 -33.27 -18.64 51.49
N ALA C 122 -32.82 -18.48 50.25
CA ALA C 122 -31.75 -17.55 49.89
C ALA C 122 -32.29 -16.30 49.22
N GLY C 123 -33.46 -15.82 49.66
CA GLY C 123 -34.03 -14.61 49.09
C GLY C 123 -33.30 -13.35 49.45
N ASN C 124 -32.53 -13.36 50.55
CA ASN C 124 -31.80 -12.18 51.00
C ASN C 124 -30.46 -12.01 50.30
N ALA C 125 -30.01 -13.01 49.53
CA ALA C 125 -28.71 -12.96 48.86
C ALA C 125 -28.86 -12.94 47.34
N ASN C 126 -30.04 -12.60 46.85
CA ASN C 126 -30.32 -12.53 45.42
C ASN C 126 -30.63 -11.10 45.04
N LEU C 127 -29.96 -10.60 43.99
CA LEU C 127 -30.12 -9.21 43.58
C LEU C 127 -31.53 -8.99 43.04
N CYS C 128 -32.16 -7.91 43.49
CA CYS C 128 -33.47 -7.51 42.99
C CYS C 128 -33.32 -6.43 41.93
N TYR C 129 -34.35 -6.32 41.08
CA TYR C 129 -34.30 -5.34 40.00
C TYR C 129 -34.12 -3.93 40.53
N ASP C 130 -34.61 -3.66 41.75
CA ASP C 130 -34.41 -2.34 42.34
C ASP C 130 -32.93 -2.04 42.56
N GLY C 131 -32.18 -3.03 43.04
CA GLY C 131 -30.77 -2.86 43.27
C GLY C 131 -30.32 -3.35 44.63
N GLN C 132 -31.24 -3.38 45.58
CA GLN C 132 -30.95 -3.80 46.95
C GLN C 132 -31.47 -5.22 47.18
N ASN C 133 -31.37 -5.67 48.43
CA ASN C 133 -31.81 -7.01 48.77
C ASN C 133 -33.32 -7.13 48.66
N PHE C 134 -33.80 -8.37 48.50
CA PHE C 134 -35.23 -8.62 48.37
C PHE C 134 -36.00 -8.08 49.57
N PHE C 135 -35.56 -8.45 50.78
CA PHE C 135 -36.22 -7.99 52.00
C PHE C 135 -35.45 -6.80 52.58
N ASP C 136 -35.49 -5.70 51.85
CA ASP C 136 -34.90 -4.44 52.29
C ASP C 136 -36.00 -3.57 52.89
N THR C 137 -35.63 -2.35 53.29
CA THR C 137 -36.57 -1.42 53.90
C THR C 137 -36.83 -0.21 53.01
N ASP C 138 -36.58 -0.33 51.70
CA ASP C 138 -36.72 0.78 50.76
C ASP C 138 -37.47 0.31 49.51
N HIS C 139 -38.58 -0.39 49.71
CA HIS C 139 -39.39 -0.84 48.59
C HIS C 139 -40.19 0.34 48.04
N PRO C 140 -40.05 0.70 46.76
CA PRO C 140 -40.75 1.87 46.25
C PRO C 140 -42.26 1.74 46.36
N VAL C 141 -42.91 2.88 46.63
CA VAL C 141 -44.37 2.98 46.61
C VAL C 141 -44.72 4.25 45.84
N TYR C 142 -45.71 4.15 44.96
CA TYR C 142 -46.06 5.23 44.05
C TYR C 142 -47.17 6.08 44.63
N PRO C 143 -46.96 7.37 44.92
CA PRO C 143 -48.08 8.21 45.32
C PRO C 143 -48.98 8.61 44.17
N ASN C 144 -48.43 8.73 42.97
CA ASN C 144 -49.22 9.09 41.79
C ASN C 144 -48.60 8.46 40.57
N VAL C 145 -49.40 8.31 39.52
CA VAL C 145 -48.98 7.65 38.28
C VAL C 145 -48.43 8.75 37.36
N ASP C 146 -47.14 9.06 37.52
CA ASP C 146 -46.47 10.01 36.64
C ASP C 146 -44.98 9.73 36.72
N GLY C 147 -44.43 9.10 35.68
CA GLY C 147 -43.02 8.80 35.62
C GLY C 147 -42.50 8.14 36.88
N THR C 148 -41.58 8.81 37.57
CA THR C 148 -40.96 8.34 38.80
C THR C 148 -41.06 9.40 39.88
N GLY C 149 -42.27 9.93 40.06
CA GLY C 149 -42.50 11.06 40.96
C GLY C 149 -41.76 11.00 42.28
N THR C 150 -42.10 10.03 43.13
CA THR C 150 -41.47 9.92 44.43
C THR C 150 -41.67 8.51 45.01
N ALA C 151 -40.60 7.92 45.53
CA ALA C 151 -40.64 6.56 46.06
C ALA C 151 -40.39 6.60 47.56
N THR C 152 -41.47 6.71 48.32
CA THR C 152 -41.39 6.57 49.77
C THR C 152 -41.39 5.08 50.12
N THR C 153 -41.20 4.77 51.40
CA THR C 153 -41.04 3.38 51.82
C THR C 153 -41.29 3.28 53.32
N VAL C 154 -41.28 2.04 53.81
CA VAL C 154 -41.40 1.75 55.23
C VAL C 154 -40.57 0.50 55.54
N SER C 155 -40.48 0.15 56.81
CA SER C 155 -39.87 -1.12 57.20
C SER C 155 -40.85 -2.22 56.86
N ASN C 156 -40.69 -2.80 55.67
CA ASN C 156 -41.73 -3.68 55.13
C ASN C 156 -41.97 -4.89 56.01
N LEU C 157 -40.90 -5.51 56.50
CA LEU C 157 -40.98 -6.79 57.19
C LEU C 157 -40.47 -6.64 58.62
N PHE C 158 -40.50 -7.74 59.37
CA PHE C 158 -40.22 -7.75 60.80
C PHE C 158 -38.91 -8.48 61.07
N ALA C 159 -38.07 -7.88 61.92
CA ALA C 159 -36.86 -8.51 62.40
C ALA C 159 -36.40 -7.81 63.68
N PRO C 160 -36.20 -8.56 64.78
CA PRO C 160 -35.81 -7.89 66.04
C PRO C 160 -34.33 -7.53 66.08
N ALA C 161 -33.88 -7.02 67.21
CA ALA C 161 -32.48 -6.61 67.38
C ALA C 161 -31.64 -7.85 67.67
N ALA C 162 -31.35 -8.60 66.60
CA ALA C 162 -30.48 -9.77 66.67
C ALA C 162 -30.96 -10.76 67.74
N ASP C 163 -32.27 -10.99 67.78
CA ASP C 163 -32.80 -11.95 68.72
C ASP C 163 -32.85 -13.34 68.09
N PRO C 164 -32.50 -14.41 68.81
CA PRO C 164 -32.53 -15.74 68.21
C PRO C 164 -33.94 -16.14 67.80
N GLY C 165 -34.03 -16.92 66.74
CA GLY C 165 -35.31 -17.38 66.26
C GLY C 165 -35.16 -18.17 64.98
N ALA C 166 -36.30 -18.61 64.46
CA ALA C 166 -36.38 -19.37 63.22
C ALA C 166 -37.26 -18.63 62.22
N ALA C 167 -36.83 -18.64 60.96
CA ALA C 167 -37.52 -17.89 59.91
C ALA C 167 -38.73 -18.68 59.42
N TRP C 168 -39.92 -18.12 59.60
CA TRP C 168 -41.16 -18.68 59.09
C TRP C 168 -41.82 -17.66 58.17
N TYR C 169 -42.28 -18.13 57.02
CA TYR C 169 -42.75 -17.25 55.96
C TYR C 169 -44.26 -17.40 55.79
N LEU C 170 -44.93 -16.26 55.55
CA LEU C 170 -46.36 -16.21 55.31
C LEU C 170 -46.60 -15.88 53.85
N LEU C 171 -47.33 -16.76 53.16
CA LEU C 171 -47.49 -16.67 51.71
C LEU C 171 -48.98 -16.69 51.36
N ASP C 172 -49.28 -16.20 50.17
CA ASP C 172 -50.64 -16.17 49.64
C ASP C 172 -50.67 -16.77 48.25
N THR C 173 -51.80 -17.39 47.90
CA THR C 173 -51.93 -18.05 46.61
C THR C 173 -53.28 -17.80 45.94
N SER C 174 -54.14 -16.93 46.50
CA SER C 174 -55.42 -16.66 45.87
C SER C 174 -55.24 -16.05 44.50
N ARG C 175 -54.33 -15.09 44.37
CA ARG C 175 -54.06 -14.45 43.09
C ARG C 175 -53.12 -15.33 42.28
N SER C 176 -53.44 -15.52 40.99
CA SER C 176 -52.60 -16.34 40.14
C SER C 176 -51.23 -15.73 39.89
N LEU C 177 -51.03 -14.46 40.23
CA LEU C 177 -49.71 -13.85 40.26
C LEU C 177 -48.94 -14.35 41.48
N LYS C 178 -48.61 -15.64 41.45
CA LYS C 178 -47.97 -16.25 42.60
C LYS C 178 -46.61 -15.61 42.84
N PRO C 179 -46.17 -15.53 44.09
CA PRO C 179 -44.91 -14.81 44.37
C PRO C 179 -43.74 -15.34 43.59
N LEU C 180 -43.66 -16.65 43.40
CA LEU C 180 -42.57 -17.27 42.66
C LEU C 180 -42.99 -17.52 41.22
N ILE C 181 -42.00 -17.81 40.38
CA ILE C 181 -42.22 -18.10 38.97
C ILE C 181 -41.53 -19.43 38.66
N TYR C 182 -42.04 -20.13 37.65
CA TYR C 182 -41.47 -21.41 37.22
C TYR C 182 -41.47 -21.40 35.69
N GLN C 183 -40.28 -21.23 35.11
CA GLN C 183 -40.10 -21.23 33.67
C GLN C 183 -39.46 -22.55 33.25
N GLU C 184 -40.08 -23.23 32.29
CA GLU C 184 -39.59 -24.51 31.78
C GLU C 184 -39.43 -24.43 30.28
N ARG C 185 -38.28 -24.91 29.79
CA ARG C 185 -38.00 -24.91 28.35
C ARG C 185 -38.42 -26.23 27.71
N MET C 186 -38.02 -27.36 28.31
CA MET C 186 -38.44 -28.67 27.86
C MET C 186 -38.95 -29.48 29.05
N LYS C 187 -40.02 -30.23 28.83
CA LYS C 187 -40.55 -31.11 29.86
C LYS C 187 -39.60 -32.29 30.04
N PRO C 188 -39.71 -33.00 31.16
CA PRO C 188 -38.85 -34.17 31.37
C PRO C 188 -39.03 -35.18 30.24
N SER C 189 -37.91 -35.74 29.79
CA SER C 189 -37.90 -36.64 28.65
C SER C 189 -37.26 -37.97 29.05
N PHE C 190 -37.72 -39.03 28.42
CA PHE C 190 -37.21 -40.38 28.66
C PHE C 190 -36.41 -40.82 27.44
N THR C 191 -35.19 -41.29 27.68
CA THR C 191 -34.29 -41.73 26.62
C THR C 191 -33.91 -43.18 26.85
N SER C 192 -33.93 -43.96 25.76
CA SER C 192 -33.60 -45.38 25.80
C SER C 192 -32.34 -45.61 24.97
N MET C 193 -31.30 -46.11 25.61
CA MET C 193 -30.07 -46.49 24.93
C MET C 193 -29.97 -48.00 24.70
N THR C 194 -31.07 -48.73 24.90
CA THR C 194 -31.08 -50.16 24.67
C THR C 194 -30.92 -50.47 23.19
N LYS C 195 -29.74 -50.95 22.81
CA LYS C 195 -29.46 -51.31 21.42
C LYS C 195 -28.68 -52.61 21.43
N GLU C 196 -29.18 -53.62 20.73
CA GLU C 196 -28.54 -54.92 20.74
C GLU C 196 -27.10 -54.82 20.30
N ASP C 197 -26.20 -55.39 21.11
CA ASP C 197 -24.77 -55.42 20.80
C ASP C 197 -24.23 -54.00 20.54
N ASP C 198 -24.68 -53.04 21.34
CA ASP C 198 -24.17 -51.68 21.23
C ASP C 198 -22.74 -51.60 21.76
N GLU C 199 -21.95 -50.73 21.14
CA GLU C 199 -20.53 -50.64 21.49
C GLU C 199 -20.31 -50.46 22.98
N GLN C 200 -20.95 -49.46 23.57
CA GLN C 200 -20.72 -49.10 24.97
C GLN C 200 -21.70 -49.78 25.92
N VAL C 201 -22.64 -50.57 25.40
CA VAL C 201 -23.62 -51.24 26.26
C VAL C 201 -23.46 -52.75 26.12
N PHE C 202 -22.33 -53.19 25.56
CA PHE C 202 -21.96 -54.59 25.75
C PHE C 202 -21.76 -54.92 27.22
N MET C 203 -21.56 -53.92 28.07
CA MET C 203 -21.23 -54.16 29.46
C MET C 203 -22.44 -54.74 30.18
N ALA C 204 -22.52 -56.06 30.31
CA ALA C 204 -23.68 -56.70 30.94
C ALA C 204 -24.92 -56.22 30.17
N ASP C 205 -25.95 -55.73 30.85
CA ASP C 205 -27.12 -55.20 30.18
C ASP C 205 -27.72 -54.02 30.94
N GLU C 206 -26.87 -53.28 31.69
CA GLU C 206 -27.37 -52.10 32.39
C GLU C 206 -27.65 -51.04 31.32
N TYR C 207 -28.85 -51.15 30.76
CA TYR C 207 -29.36 -50.24 29.74
C TYR C 207 -29.73 -48.91 30.40
N ARG C 208 -28.94 -47.88 30.16
CA ARG C 208 -29.18 -46.59 30.81
C ARG C 208 -30.54 -46.02 30.39
N TYR C 209 -31.27 -45.48 31.36
CA TYR C 209 -32.60 -44.92 31.16
C TYR C 209 -32.73 -43.58 31.86
N GLY C 210 -31.74 -42.71 31.66
CA GLY C 210 -31.80 -41.39 32.25
C GLY C 210 -32.80 -40.49 31.57
N VAL C 211 -32.98 -39.30 32.15
CA VAL C 211 -33.96 -38.33 31.66
C VAL C 211 -33.28 -36.97 31.55
N ARG C 212 -33.93 -36.07 30.80
CA ARG C 212 -33.42 -34.72 30.60
C ARG C 212 -34.54 -33.71 30.83
N SER C 213 -34.19 -32.60 31.46
CA SER C 213 -35.17 -31.55 31.75
C SER C 213 -34.46 -30.21 31.85
N ARG C 214 -35.20 -29.15 31.53
CA ARG C 214 -34.70 -27.78 31.61
C ARG C 214 -35.78 -26.91 32.23
N CYS C 215 -35.46 -26.22 33.33
CA CYS C 215 -36.41 -25.36 33.99
C CYS C 215 -35.69 -24.54 35.05
N ASN C 216 -36.36 -23.49 35.52
CA ASN C 216 -35.85 -22.65 36.58
C ASN C 216 -37.02 -21.90 37.21
N VAL C 217 -36.73 -21.21 38.30
CA VAL C 217 -37.73 -20.45 39.04
C VAL C 217 -37.19 -19.05 39.30
N GLY C 218 -38.11 -18.13 39.60
CA GLY C 218 -37.75 -16.74 39.83
C GLY C 218 -38.71 -16.08 40.78
N PHE C 219 -38.45 -14.80 41.04
CA PHE C 219 -39.26 -14.00 41.96
C PHE C 219 -40.29 -13.18 41.20
N GLY C 220 -41.49 -13.11 41.74
CA GLY C 220 -42.55 -12.30 41.16
C GLY C 220 -42.85 -11.08 41.99
N PHE C 221 -43.93 -11.13 42.78
CA PHE C 221 -44.27 -10.04 43.68
C PHE C 221 -43.49 -10.14 44.97
N TRP C 222 -43.06 -8.99 45.48
CA TRP C 222 -42.38 -8.93 46.77
C TRP C 222 -43.35 -8.74 47.92
N GLN C 223 -44.48 -8.06 47.69
CA GLN C 223 -45.46 -7.85 48.74
C GLN C 223 -46.27 -9.10 49.08
N LEU C 224 -46.44 -10.01 48.11
CA LEU C 224 -47.24 -11.20 48.35
C LEU C 224 -46.62 -12.11 49.40
N ALA C 225 -45.33 -11.96 49.70
CA ALA C 225 -44.63 -12.82 50.63
C ALA C 225 -44.20 -12.02 51.86
N ALA C 226 -44.07 -12.73 52.98
CA ALA C 226 -43.69 -12.11 54.25
C ALA C 226 -42.74 -13.04 54.99
N MET C 227 -42.03 -12.47 55.96
CA MET C 227 -41.04 -13.19 56.74
C MET C 227 -41.09 -12.71 58.19
N SER C 228 -40.62 -13.56 59.09
CA SER C 228 -40.59 -13.23 60.51
C SER C 228 -39.60 -14.16 61.20
N THR C 229 -38.61 -13.57 61.88
CA THR C 229 -37.62 -14.34 62.63
C THR C 229 -37.75 -14.18 64.14
N GLU C 230 -38.66 -13.35 64.62
CA GLU C 230 -38.85 -13.19 66.05
C GLU C 230 -39.59 -14.41 66.62
N GLU C 231 -39.65 -14.47 67.94
CA GLU C 231 -40.33 -15.58 68.60
C GLU C 231 -41.77 -15.67 68.13
N LEU C 232 -42.21 -16.87 67.81
CA LEU C 232 -43.56 -17.08 67.30
C LEU C 232 -44.55 -17.03 68.45
N ASN C 233 -45.42 -16.02 68.43
CA ASN C 233 -46.39 -15.80 69.49
C ASN C 233 -47.71 -15.34 68.88
N GLN C 234 -48.78 -15.47 69.66
CA GLN C 234 -50.09 -15.04 69.19
C GLN C 234 -50.10 -13.55 68.88
N VAL C 235 -49.52 -12.74 69.76
CA VAL C 235 -49.46 -11.30 69.52
C VAL C 235 -48.64 -11.00 68.27
N ASN C 236 -47.49 -11.65 68.12
CA ASN C 236 -46.66 -11.44 66.95
C ASN C 236 -47.36 -11.92 65.68
N PHE C 237 -48.08 -13.04 65.77
CA PHE C 237 -48.82 -13.55 64.62
C PHE C 237 -49.91 -12.56 64.20
N GLU C 238 -50.65 -12.02 65.17
CA GLU C 238 -51.66 -11.03 64.85
C GLU C 238 -51.04 -9.78 64.26
N LYS C 239 -49.90 -9.34 64.80
CA LYS C 239 -49.21 -8.18 64.26
C LYS C 239 -48.83 -8.41 62.81
N VAL C 240 -48.26 -9.58 62.51
CA VAL C 240 -47.84 -9.89 61.13
C VAL C 240 -49.05 -9.90 60.21
N TYR C 241 -50.14 -10.55 60.64
CA TYR C 241 -51.32 -10.64 59.79
C TYR C 241 -51.90 -9.25 59.53
N ASP C 242 -51.97 -8.41 60.57
CA ASP C 242 -52.49 -7.06 60.39
C ASP C 242 -51.60 -6.25 59.45
N ALA C 243 -50.28 -6.37 59.61
CA ALA C 243 -49.37 -5.63 58.73
C ALA C 243 -49.52 -6.06 57.28
N MET C 244 -49.62 -7.37 57.04
CA MET C 244 -49.73 -7.85 55.66
C MET C 244 -51.09 -7.48 55.05
N ARG C 245 -52.17 -7.64 55.81
CA ARG C 245 -53.50 -7.33 55.28
C ARG C 245 -53.67 -5.84 55.07
N ASN C 246 -53.03 -5.01 55.89
CA ASN C 246 -53.16 -3.57 55.77
C ASN C 246 -52.47 -3.01 54.52
N GLN C 247 -51.70 -3.81 53.81
CA GLN C 247 -50.98 -3.33 52.64
C GLN C 247 -51.95 -2.71 51.64
N LYS C 248 -51.57 -1.54 51.11
CA LYS C 248 -52.38 -0.83 50.13
C LYS C 248 -51.49 -0.37 48.99
N ALA C 249 -52.08 -0.34 47.79
CA ALA C 249 -51.35 0.02 46.58
C ALA C 249 -51.48 1.51 46.32
N ASP C 250 -51.07 1.96 45.13
CA ASP C 250 -51.15 3.36 44.78
C ASP C 250 -52.60 3.84 44.83
N GLY C 251 -52.79 5.08 45.28
CA GLY C 251 -54.10 5.67 45.38
C GLY C 251 -54.89 5.27 46.61
N GLY C 252 -54.33 4.44 47.50
CA GLY C 252 -55.03 4.02 48.68
C GLY C 252 -56.19 3.08 48.43
N ARG C 253 -56.21 2.41 47.29
CA ARG C 253 -57.30 1.49 46.98
C ARG C 253 -57.04 0.14 47.63
N PRO C 254 -57.97 -0.40 48.42
CA PRO C 254 -57.72 -1.68 49.10
C PRO C 254 -57.37 -2.77 48.10
N LEU C 255 -56.74 -3.82 48.61
CA LEU C 255 -56.27 -4.93 47.79
C LEU C 255 -57.04 -6.22 48.00
N ASP C 256 -57.61 -6.44 49.18
CA ASP C 256 -58.33 -7.66 49.53
C ASP C 256 -57.42 -8.87 49.59
N ILE C 257 -56.11 -8.66 49.64
CA ILE C 257 -55.16 -9.77 49.69
C ILE C 257 -55.36 -10.53 50.99
N ARG C 258 -55.80 -11.78 50.88
CA ARG C 258 -56.02 -12.64 52.04
C ARG C 258 -54.92 -13.71 52.08
N PRO C 259 -53.98 -13.66 53.02
CA PRO C 259 -52.95 -14.70 53.08
C PRO C 259 -53.56 -16.09 53.21
N ASN C 260 -52.96 -17.04 52.51
CA ASN C 260 -53.46 -18.41 52.45
C ASN C 260 -52.44 -19.46 52.86
N LEU C 261 -51.15 -19.23 52.62
CA LEU C 261 -50.11 -20.22 52.86
C LEU C 261 -49.19 -19.76 53.97
N LEU C 262 -48.71 -20.72 54.77
CA LEU C 262 -47.76 -20.46 55.83
C LEU C 262 -46.68 -21.54 55.79
N VAL C 263 -45.43 -21.13 55.88
CA VAL C 263 -44.29 -22.03 55.83
C VAL C 263 -43.53 -21.90 57.15
N VAL C 264 -43.32 -23.04 57.83
CA VAL C 264 -42.63 -23.04 59.11
C VAL C 264 -41.66 -24.21 59.16
N PRO C 265 -40.50 -24.02 59.78
CA PRO C 265 -39.58 -25.15 59.97
C PRO C 265 -40.11 -26.15 60.98
N THR C 266 -39.54 -27.35 60.93
CA THR C 266 -39.97 -28.41 61.84
C THR C 266 -39.61 -28.11 63.29
N THR C 267 -38.53 -27.34 63.51
CA THR C 267 -38.15 -27.00 64.88
C THR C 267 -39.24 -26.18 65.55
N LEU C 268 -39.84 -25.25 64.84
CA LEU C 268 -40.96 -24.44 65.35
C LEU C 268 -42.29 -25.19 65.27
N ARG C 269 -42.27 -26.50 65.02
CA ARG C 269 -43.51 -27.23 64.83
C ARG C 269 -44.36 -27.21 66.09
N SER C 270 -43.73 -27.21 67.27
CA SER C 270 -44.51 -27.15 68.50
C SER C 270 -45.41 -25.93 68.51
N LYS C 271 -44.82 -24.74 68.35
CA LYS C 271 -45.60 -23.51 68.32
C LYS C 271 -46.58 -23.51 67.15
N ALA C 272 -46.15 -24.02 65.99
CA ALA C 272 -47.02 -24.09 64.83
C ALA C 272 -48.19 -25.03 65.04
N LYS C 273 -48.13 -25.89 66.07
CA LYS C 273 -49.25 -26.74 66.43
C LYS C 273 -50.11 -26.18 67.54
N GLU C 274 -49.55 -25.45 68.52
CA GLU C 274 -50.46 -24.73 69.43
C GLU C 274 -51.22 -23.64 68.68
N VAL C 275 -50.61 -23.05 67.64
CA VAL C 275 -51.31 -22.02 66.88
C VAL C 275 -52.43 -22.65 66.05
N VAL C 276 -52.22 -23.86 65.55
CA VAL C 276 -53.18 -24.54 64.68
C VAL C 276 -53.44 -25.91 65.26
N GLY C 277 -54.70 -26.17 65.64
CA GLY C 277 -55.09 -27.49 66.10
C GLY C 277 -55.68 -27.53 67.50
N VAL C 278 -55.82 -26.37 68.15
CA VAL C 278 -56.39 -26.28 69.50
C VAL C 278 -57.38 -25.13 69.52
N GLN C 279 -58.59 -25.39 70.03
CA GLN C 279 -59.63 -24.38 70.16
C GLN C 279 -60.02 -24.16 71.62
N ARG C 280 -59.07 -24.32 72.54
CA ARG C 280 -59.34 -24.22 73.97
C ARG C 280 -58.65 -23.02 74.62
N LEU C 281 -57.36 -22.83 74.39
CA LEU C 281 -56.60 -21.75 75.01
C LEU C 281 -55.83 -20.90 74.01
N ALA C 282 -55.26 -21.52 72.97
CA ALA C 282 -54.48 -20.81 71.97
C ALA C 282 -55.22 -20.86 70.64
N ASN C 283 -55.20 -19.74 69.91
CA ASN C 283 -56.02 -19.59 68.71
C ASN C 283 -57.42 -20.11 68.98
N GLY C 284 -58.05 -19.48 69.96
CA GLY C 284 -59.26 -19.98 70.59
C GLY C 284 -59.73 -18.98 71.62
N ALA C 285 -60.01 -19.47 72.83
CA ALA C 285 -60.38 -18.58 73.94
C ALA C 285 -59.61 -17.26 73.90
N ASP C 286 -58.30 -17.34 73.69
CA ASP C 286 -57.44 -16.16 73.65
C ASP C 286 -57.07 -15.85 72.21
N ASN C 287 -57.54 -14.70 71.71
CA ASN C 287 -57.26 -14.25 70.35
C ASN C 287 -57.53 -15.37 69.35
N PRO C 288 -58.79 -15.75 69.12
CA PRO C 288 -59.07 -16.85 68.19
C PRO C 288 -58.60 -16.55 66.77
N ASN C 289 -57.65 -17.35 66.28
CA ASN C 289 -57.06 -17.13 64.97
C ASN C 289 -56.84 -18.45 64.24
N PHE C 290 -57.72 -19.42 64.45
CA PHE C 290 -57.63 -20.74 63.82
C PHE C 290 -58.41 -20.78 62.50
N GLU C 291 -58.27 -19.72 61.70
CA GLU C 291 -59.00 -19.63 60.44
C GLU C 291 -58.09 -19.64 59.22
N LEU C 292 -57.08 -18.76 59.19
CA LEU C 292 -56.29 -18.52 57.99
C LEU C 292 -54.85 -18.99 58.16
N VAL C 293 -54.14 -18.98 57.04
CA VAL C 293 -52.72 -19.33 56.95
C VAL C 293 -52.36 -20.47 57.90
N GLN C 294 -53.11 -21.57 57.82
CA GLN C 294 -52.74 -22.76 58.57
C GLN C 294 -51.35 -23.22 58.17
N VAL C 295 -50.55 -23.59 59.17
CA VAL C 295 -49.16 -23.96 58.91
C VAL C 295 -49.12 -25.21 58.04
N LEU C 296 -48.23 -25.21 57.05
CA LEU C 296 -47.98 -26.38 56.22
C LEU C 296 -46.76 -27.17 56.65
N ASP C 297 -45.79 -26.51 57.31
CA ASP C 297 -44.67 -27.18 57.94
C ASP C 297 -43.88 -28.03 56.93
N THR C 298 -43.29 -27.34 55.96
CA THR C 298 -42.39 -27.99 55.02
C THR C 298 -41.03 -28.22 55.68
N ALA C 299 -40.19 -29.02 55.00
CA ALA C 299 -38.89 -29.37 55.55
C ALA C 299 -37.76 -29.34 54.52
N TRP C 300 -37.98 -28.77 53.33
CA TRP C 300 -36.93 -28.69 52.33
C TRP C 300 -35.93 -27.57 52.61
N LEU C 301 -36.18 -26.71 53.59
CA LEU C 301 -35.27 -25.63 53.91
C LEU C 301 -34.02 -26.16 54.60
N ILE D 1 5.76 -59.73 -8.91
CA ILE D 1 5.94 -58.56 -8.06
C ILE D 1 7.12 -57.73 -8.58
N ILE D 2 8.18 -58.42 -8.99
CA ILE D 2 9.37 -57.79 -9.56
C ILE D 2 9.51 -58.28 -11.00
N THR D 3 9.50 -57.34 -11.94
CA THR D 3 9.61 -57.66 -13.36
C THR D 3 10.50 -56.61 -14.01
N PRO D 4 11.06 -56.93 -15.18
CA PRO D 4 11.88 -55.93 -15.88
C PRO D 4 11.13 -54.63 -16.14
N ALA D 5 9.80 -54.68 -16.27
CA ALA D 5 9.04 -53.46 -16.48
C ALA D 5 9.19 -52.49 -15.32
N LEU D 6 9.14 -52.99 -14.09
CA LEU D 6 9.33 -52.13 -12.94
C LEU D 6 10.73 -51.51 -12.93
N ILE D 7 11.74 -52.30 -13.28
CA ILE D 7 13.11 -51.79 -13.32
C ILE D 7 13.23 -50.69 -14.36
N SER D 8 12.64 -50.91 -15.54
CA SER D 8 12.67 -49.89 -16.58
C SER D 8 11.93 -48.63 -16.16
N ALA D 9 10.80 -48.78 -15.47
CA ALA D 9 10.07 -47.62 -14.99
C ALA D 9 10.90 -46.83 -13.98
N LEU D 10 11.58 -47.52 -13.06
CA LEU D 10 12.45 -46.83 -12.10
C LEU D 10 13.60 -46.16 -12.83
N LYS D 11 14.16 -46.81 -13.85
CA LYS D 11 15.24 -46.21 -14.62
C LYS D 11 14.78 -44.92 -15.28
N THR D 12 13.60 -44.94 -15.89
CA THR D 12 13.07 -43.74 -16.54
C THR D 12 12.79 -42.65 -15.53
N SER D 13 12.24 -43.01 -14.35
CA SER D 13 11.97 -42.01 -13.33
C SER D 13 13.26 -41.36 -12.85
N PHE D 14 14.30 -42.16 -12.60
CA PHE D 14 15.59 -41.58 -12.21
C PHE D 14 16.18 -40.73 -13.31
N GLN D 15 16.05 -41.17 -14.56
CA GLN D 15 16.52 -40.40 -15.69
C GLN D 15 15.89 -39.02 -15.69
N LYS D 16 14.56 -38.97 -15.58
CA LYS D 16 13.87 -37.68 -15.54
C LYS D 16 14.33 -36.86 -14.34
N HIS D 17 14.46 -37.50 -13.18
CA HIS D 17 14.87 -36.80 -11.97
C HIS D 17 16.18 -36.06 -12.17
N PHE D 18 17.26 -36.81 -12.46
CA PHE D 18 18.54 -36.13 -12.54
C PHE D 18 18.72 -35.33 -13.83
N GLN D 19 17.95 -35.61 -14.88
CA GLN D 19 17.98 -34.74 -16.04
C GLN D 19 17.43 -33.36 -15.68
N ASP D 20 16.30 -33.33 -14.97
CA ASP D 20 15.77 -32.06 -14.49
C ASP D 20 16.76 -31.39 -13.55
N ALA D 21 17.39 -32.16 -12.67
CA ALA D 21 18.36 -31.59 -11.74
C ALA D 21 19.52 -30.95 -12.47
N LEU D 22 20.08 -31.65 -13.47
CA LEU D 22 21.23 -31.12 -14.20
C LEU D 22 20.84 -29.93 -15.06
N ALA D 23 19.66 -29.96 -15.68
CA ALA D 23 19.24 -28.84 -16.52
C ALA D 23 19.17 -27.55 -15.71
N THR D 24 18.89 -27.64 -14.41
CA THR D 24 18.82 -26.48 -13.54
C THR D 24 20.09 -26.28 -12.72
N ALA D 25 21.17 -26.98 -13.04
CA ALA D 25 22.39 -26.86 -12.28
C ALA D 25 22.96 -25.45 -12.41
N PRO D 26 23.44 -24.84 -11.32
CA PRO D 26 24.05 -23.51 -11.44
C PRO D 26 25.27 -23.53 -12.34
N SER D 27 25.44 -22.43 -13.08
CA SER D 27 26.55 -22.27 -14.01
C SER D 27 27.47 -21.17 -13.50
N THR D 28 28.74 -21.51 -13.29
CA THR D 28 29.75 -20.54 -12.87
C THR D 28 31.04 -20.61 -13.67
N TYR D 29 31.35 -21.73 -14.33
CA TYR D 29 32.58 -21.80 -15.11
C TYR D 29 32.48 -20.96 -16.38
N LEU D 30 31.30 -20.85 -16.97
CA LEU D 30 31.16 -20.12 -18.23
C LEU D 30 31.58 -18.67 -18.09
N GLN D 31 31.55 -18.12 -16.88
CA GLN D 31 31.99 -16.73 -16.70
C GLN D 31 33.47 -16.57 -17.04
N VAL D 32 34.30 -17.53 -16.63
CA VAL D 32 35.75 -17.41 -16.81
C VAL D 32 36.30 -18.64 -17.52
N ALA D 33 35.47 -19.30 -18.34
CA ALA D 33 35.90 -20.46 -19.11
C ALA D 33 35.27 -20.43 -20.49
N THR D 34 35.93 -21.08 -21.44
CA THR D 34 35.47 -21.17 -22.81
C THR D 34 35.13 -22.63 -23.13
N VAL D 35 33.95 -22.85 -23.67
CA VAL D 35 33.48 -24.20 -24.01
C VAL D 35 33.96 -24.53 -25.41
N ILE D 36 34.58 -25.71 -25.55
CA ILE D 36 35.12 -26.16 -26.84
C ILE D 36 34.78 -27.63 -27.03
N PRO D 37 33.83 -27.98 -27.89
CA PRO D 37 33.57 -29.40 -28.14
C PRO D 37 34.68 -30.04 -28.97
N SER D 38 34.78 -31.36 -28.84
CA SER D 38 35.77 -32.12 -29.59
C SER D 38 35.16 -33.47 -29.97
N THR D 39 35.70 -34.06 -31.03
CA THR D 39 35.15 -35.29 -31.60
C THR D 39 36.02 -36.52 -31.35
N THR D 40 37.34 -36.42 -31.55
CA THR D 40 38.21 -37.57 -31.36
C THR D 40 39.66 -37.12 -31.35
N ALA D 41 40.42 -37.64 -30.39
CA ALA D 41 41.86 -37.42 -30.31
C ALA D 41 42.20 -35.93 -30.45
N SER D 42 41.48 -35.11 -29.70
CA SER D 42 41.68 -33.67 -29.73
C SER D 42 42.72 -33.30 -28.67
N ASN D 43 43.89 -32.86 -29.12
CA ASN D 43 44.95 -32.42 -28.23
C ASN D 43 45.55 -31.07 -28.59
N THR D 44 45.38 -30.59 -29.81
CA THR D 44 45.92 -29.31 -30.25
C THR D 44 44.80 -28.44 -30.80
N TYR D 45 44.82 -27.16 -30.42
CA TYR D 45 43.85 -26.19 -30.92
C TYR D 45 44.58 -24.85 -30.99
N GLY D 46 44.95 -24.45 -32.20
CA GLY D 46 45.85 -23.32 -32.37
C GLY D 46 45.19 -21.98 -32.59
N TRP D 47 44.38 -21.55 -31.63
CA TRP D 47 43.95 -20.16 -31.55
C TRP D 47 44.81 -19.36 -30.56
N LEU D 48 45.75 -20.03 -29.90
CA LEU D 48 46.62 -19.41 -28.91
C LEU D 48 47.84 -18.81 -29.59
N GLY D 49 48.37 -17.75 -28.98
CA GLY D 49 49.43 -16.98 -29.61
C GLY D 49 48.94 -15.98 -30.62
N GLN D 50 47.64 -15.91 -30.88
CA GLN D 50 47.03 -14.96 -31.79
C GLN D 50 46.24 -13.96 -30.96
N PHE D 51 46.52 -12.67 -31.14
CA PHE D 51 45.90 -11.60 -30.37
C PHE D 51 45.21 -10.62 -31.33
N PRO D 52 43.94 -10.83 -31.62
CA PRO D 52 43.24 -9.91 -32.54
C PRO D 52 43.14 -8.51 -31.98
N LYS D 53 43.12 -7.52 -32.88
CA LYS D 53 43.04 -6.13 -32.50
C LYS D 53 42.56 -5.32 -33.69
N LEU D 54 42.04 -4.13 -33.41
CA LEU D 54 41.51 -3.24 -34.43
C LEU D 54 42.22 -1.89 -34.37
N ARG D 55 42.82 -1.50 -35.50
CA ARG D 55 43.37 -0.16 -35.67
C ARG D 55 43.91 -0.06 -37.08
N GLU D 56 44.15 1.18 -37.53
CA GLU D 56 44.79 1.41 -38.81
C GLU D 56 46.06 0.56 -38.93
N TRP D 57 46.30 0.05 -40.14
CA TRP D 57 47.44 -0.82 -40.41
C TRP D 57 48.44 -0.09 -41.30
N ILE D 58 49.70 -0.15 -40.89
CA ILE D 58 50.78 0.55 -41.60
C ILE D 58 51.42 -0.39 -42.62
N GLY D 59 50.85 -0.43 -43.82
CA GLY D 59 51.47 -1.15 -44.91
C GLY D 59 51.57 -2.65 -44.75
N GLN D 60 50.89 -3.23 -43.77
CA GLN D 60 50.87 -4.68 -43.62
C GLN D 60 49.83 -5.05 -42.56
N ARG D 61 48.97 -6.01 -42.90
CA ARG D 61 48.13 -6.63 -41.88
C ARG D 61 49.03 -7.44 -40.95
N VAL D 62 48.70 -7.44 -39.66
CA VAL D 62 49.59 -8.02 -38.67
C VAL D 62 49.46 -9.53 -38.70
N ILE D 63 50.25 -10.18 -39.55
CA ILE D 63 50.31 -11.64 -39.65
C ILE D 63 51.77 -12.04 -39.45
N LYS D 64 52.00 -12.95 -38.50
CA LYS D 64 53.35 -13.32 -38.12
C LYS D 64 53.46 -14.82 -37.99
N ASP D 65 54.71 -15.30 -37.91
CA ASP D 65 54.97 -16.73 -37.87
C ASP D 65 54.57 -17.31 -36.53
N MET D 66 53.87 -18.44 -36.58
CA MET D 66 53.41 -19.16 -35.39
C MET D 66 53.93 -20.59 -35.45
N ALA D 67 54.34 -21.10 -34.29
CA ALA D 67 54.88 -22.45 -34.22
C ALA D 67 53.77 -23.48 -34.43
N ALA D 68 54.15 -24.75 -34.40
CA ALA D 68 53.22 -25.87 -34.54
C ALA D 68 52.91 -26.53 -33.21
N GLN D 69 53.06 -25.79 -32.11
CA GLN D 69 52.83 -26.34 -30.78
C GLN D 69 51.35 -26.27 -30.41
N GLY D 70 50.92 -27.25 -29.62
CA GLY D 70 49.58 -27.28 -29.10
C GLY D 70 49.59 -27.56 -27.61
N TYR D 71 48.46 -27.25 -26.96
CA TYR D 71 48.38 -27.42 -25.53
C TYR D 71 48.52 -28.88 -25.10
N GLN D 72 48.20 -29.82 -26.00
CA GLN D 72 48.19 -31.24 -25.65
C GLN D 72 47.34 -31.48 -24.41
N ILE D 73 46.07 -31.09 -24.50
CA ILE D 73 45.19 -31.13 -23.34
C ILE D 73 45.02 -32.55 -22.84
N THR D 74 44.83 -33.51 -23.75
CA THR D 74 44.69 -34.92 -23.40
C THR D 74 43.60 -35.11 -22.34
N ASN D 75 42.37 -34.80 -22.76
CA ASN D 75 41.24 -34.82 -21.84
C ASN D 75 41.09 -36.20 -21.20
N LYS D 76 40.50 -36.20 -19.99
CA LYS D 76 40.31 -37.43 -19.23
C LYS D 76 38.84 -37.62 -18.87
N LEU D 77 38.55 -38.59 -18.00
CA LEU D 77 37.17 -38.96 -17.70
C LEU D 77 36.95 -39.08 -16.20
N PHE D 78 35.70 -38.87 -15.79
CA PHE D 78 35.32 -38.92 -14.39
C PHE D 78 34.00 -39.66 -14.26
N GLU D 79 33.59 -39.93 -13.02
CA GLU D 79 32.38 -40.69 -12.77
C GLU D 79 32.00 -40.60 -11.30
N SER D 80 30.85 -41.19 -10.96
CA SER D 80 30.40 -41.32 -9.59
C SER D 80 29.38 -42.46 -9.52
N THR D 81 29.13 -42.92 -8.30
CA THR D 81 28.26 -44.09 -8.10
C THR D 81 27.50 -43.95 -6.79
N VAL D 82 26.39 -44.69 -6.70
CA VAL D 82 25.59 -44.77 -5.49
C VAL D 82 24.96 -46.17 -5.42
N GLY D 83 24.31 -46.46 -4.29
CA GLY D 83 23.72 -47.76 -4.08
C GLY D 83 22.32 -47.64 -3.48
N VAL D 84 21.60 -48.76 -3.51
CA VAL D 84 20.23 -48.81 -3.00
C VAL D 84 20.01 -49.92 -1.99
N LYS D 85 20.83 -50.97 -1.98
CA LYS D 85 20.77 -52.06 -1.01
C LYS D 85 19.60 -53.00 -1.25
N ARG D 86 18.69 -52.63 -2.16
CA ARG D 86 17.60 -53.51 -2.57
C ARG D 86 16.63 -53.81 -1.42
N THR D 87 16.89 -53.28 -0.23
CA THR D 87 16.08 -53.64 0.93
C THR D 87 14.73 -52.94 0.92
N ASP D 88 14.64 -51.77 0.30
CA ASP D 88 13.42 -50.98 0.29
C ASP D 88 12.59 -51.15 -0.99
N ILE D 89 13.17 -51.69 -2.06
CA ILE D 89 12.42 -51.86 -3.29
C ILE D 89 11.24 -52.79 -3.06
N GLU D 90 11.47 -53.92 -2.39
CA GLU D 90 10.37 -54.80 -2.04
C GLU D 90 9.44 -54.15 -1.03
N ASP D 91 9.97 -53.28 -0.17
CA ASP D 91 9.15 -52.54 0.78
C ASP D 91 8.29 -51.48 0.11
N ASP D 92 8.50 -51.21 -1.17
CA ASP D 92 7.73 -50.21 -1.91
C ASP D 92 7.91 -48.82 -1.31
N ASN D 93 9.12 -48.54 -0.84
CA ASN D 93 9.49 -47.21 -0.36
C ASN D 93 10.16 -46.41 -1.49
N LEU D 94 9.40 -46.22 -2.57
CA LEU D 94 9.94 -45.59 -3.77
C LEU D 94 9.97 -44.07 -3.70
N GLY D 95 9.34 -43.46 -2.70
CA GLY D 95 9.40 -42.02 -2.57
C GLY D 95 10.83 -41.52 -2.39
N VAL D 96 11.62 -42.25 -1.62
CA VAL D 96 13.04 -41.93 -1.44
C VAL D 96 13.77 -42.28 -2.71
N TYR D 97 15.03 -41.84 -2.83
CA TYR D 97 15.94 -42.05 -3.96
C TYR D 97 15.76 -41.03 -5.07
N GLY D 98 14.87 -40.06 -4.92
CA GLY D 98 14.79 -38.94 -5.83
C GLY D 98 15.80 -37.86 -5.50
N PRO D 99 15.78 -37.36 -4.26
CA PRO D 99 16.75 -36.31 -3.89
C PRO D 99 18.19 -36.77 -4.04
N LEU D 100 18.48 -38.06 -3.90
CA LEU D 100 19.84 -38.52 -4.15
C LEU D 100 20.24 -38.30 -5.61
N MET D 101 19.35 -38.63 -6.55
CA MET D 101 19.66 -38.37 -7.95
C MET D 101 19.79 -36.89 -8.22
N GLN D 102 18.93 -36.07 -7.62
CA GLN D 102 19.03 -34.63 -7.83
C GLN D 102 20.34 -34.08 -7.28
N GLU D 103 20.77 -34.57 -6.11
CA GLU D 103 22.05 -34.15 -5.55
C GLU D 103 23.21 -34.58 -6.44
N MET D 104 23.14 -35.79 -6.97
CA MET D 104 24.19 -36.25 -7.89
C MET D 104 24.25 -35.37 -9.13
N GLY D 105 23.09 -35.01 -9.67
CA GLY D 105 23.07 -34.12 -10.82
C GLY D 105 23.66 -32.76 -10.52
N ARG D 106 23.33 -32.20 -9.35
CA ARG D 106 23.90 -30.90 -8.98
C ARG D 106 25.40 -31.00 -8.78
N ALA D 107 25.88 -32.09 -8.18
CA ALA D 107 27.31 -32.27 -8.01
C ALA D 107 28.01 -32.37 -9.36
N ALA D 108 27.42 -33.11 -10.30
CA ALA D 108 28.00 -33.18 -11.65
C ALA D 108 28.03 -31.81 -12.30
N GLY D 109 26.96 -31.02 -12.13
CA GLY D 109 26.95 -29.69 -12.70
C GLY D 109 28.00 -28.78 -12.09
N ALA D 110 28.24 -28.92 -10.79
CA ALA D 110 29.24 -28.09 -10.11
C ALA D 110 30.67 -28.56 -10.34
N HIS D 111 30.85 -29.81 -10.77
CA HIS D 111 32.20 -30.33 -11.01
C HIS D 111 33.03 -29.45 -11.94
N PRO D 112 32.52 -28.98 -13.08
CA PRO D 112 33.36 -28.13 -13.95
C PRO D 112 33.91 -26.91 -13.26
N ASP D 113 33.12 -26.27 -12.38
CA ASP D 113 33.64 -25.13 -11.62
C ASP D 113 34.79 -25.56 -10.73
N GLU D 114 34.64 -26.71 -10.06
CA GLU D 114 35.74 -27.24 -9.25
C GLU D 114 37.00 -27.41 -10.08
N LEU D 115 36.88 -28.04 -11.25
CA LEU D 115 38.05 -28.26 -12.09
C LEU D 115 38.68 -26.94 -12.51
N VAL D 116 37.86 -25.99 -12.95
CA VAL D 116 38.38 -24.73 -13.47
C VAL D 116 39.11 -23.98 -12.38
N PHE D 117 38.52 -23.87 -11.20
CA PHE D 117 39.14 -23.09 -10.13
C PHE D 117 40.34 -23.82 -9.53
N ALA D 118 40.32 -25.15 -9.52
CA ALA D 118 41.51 -25.89 -9.08
C ALA D 118 42.67 -25.66 -10.04
N LEU D 119 42.39 -25.67 -11.35
CA LEU D 119 43.44 -25.35 -12.31
C LEU D 119 43.94 -23.93 -12.13
N LEU D 120 43.02 -22.98 -11.90
CA LEU D 120 43.42 -21.60 -11.70
C LEU D 120 44.34 -21.47 -10.48
N LYS D 121 44.00 -22.15 -9.38
CA LYS D 121 44.82 -22.06 -8.18
C LYS D 121 46.22 -22.62 -8.42
N ALA D 122 46.36 -23.58 -9.33
CA ALA D 122 47.63 -24.22 -9.61
C ALA D 122 48.45 -23.48 -10.66
N GLY D 123 48.20 -22.19 -10.85
CA GLY D 123 48.96 -21.44 -11.85
C GLY D 123 50.45 -21.46 -11.60
N ASN D 124 50.84 -21.35 -10.32
CA ASN D 124 52.26 -21.35 -9.96
C ASN D 124 52.90 -22.72 -10.07
N ALA D 125 52.10 -23.79 -10.10
CA ALA D 125 52.62 -25.15 -10.14
C ALA D 125 52.40 -25.84 -11.48
N ASN D 126 52.11 -25.07 -12.53
CA ASN D 126 51.89 -25.62 -13.86
C ASN D 126 52.67 -24.80 -14.88
N LEU D 127 53.23 -25.49 -15.87
CA LEU D 127 53.98 -24.87 -16.95
C LEU D 127 53.19 -25.02 -18.25
N CYS D 128 52.97 -23.91 -18.94
CA CYS D 128 52.26 -23.92 -20.21
C CYS D 128 53.26 -24.14 -21.35
N TYR D 129 52.80 -23.95 -22.58
CA TYR D 129 53.61 -24.29 -23.74
C TYR D 129 54.91 -23.50 -23.78
N ASP D 130 54.86 -22.21 -23.44
CA ASP D 130 56.02 -21.34 -23.61
C ASP D 130 57.15 -21.66 -22.63
N GLY D 131 56.90 -22.50 -21.63
CA GLY D 131 57.94 -22.90 -20.71
C GLY D 131 57.99 -22.15 -19.41
N GLN D 132 57.07 -21.21 -19.18
CA GLN D 132 57.00 -20.46 -17.94
C GLN D 132 55.60 -20.58 -17.34
N ASN D 133 55.53 -20.36 -16.04
CA ASN D 133 54.27 -20.55 -15.31
C ASN D 133 53.22 -19.58 -15.83
N PHE D 134 51.95 -20.02 -15.76
CA PHE D 134 50.86 -19.17 -16.20
C PHE D 134 50.85 -17.83 -15.49
N PHE D 135 51.29 -17.82 -14.22
CA PHE D 135 51.43 -16.59 -13.44
C PHE D 135 52.90 -16.53 -13.00
N ASP D 136 53.75 -15.96 -13.85
CA ASP D 136 55.18 -15.91 -13.62
C ASP D 136 55.65 -14.46 -13.62
N THR D 137 56.74 -14.22 -12.91
CA THR D 137 57.30 -12.87 -12.76
C THR D 137 58.23 -12.49 -13.91
N ASP D 138 58.53 -13.41 -14.83
CA ASP D 138 59.48 -13.17 -15.91
C ASP D 138 58.90 -13.63 -17.24
N HIS D 139 57.66 -13.24 -17.51
CA HIS D 139 57.04 -13.60 -18.77
C HIS D 139 57.78 -12.93 -19.92
N PRO D 140 58.17 -13.66 -20.96
CA PRO D 140 58.90 -13.04 -22.07
C PRO D 140 57.95 -12.28 -23.00
N VAL D 141 58.32 -11.05 -23.33
CA VAL D 141 57.56 -10.21 -24.26
C VAL D 141 58.57 -9.42 -25.09
N TYR D 142 58.63 -9.69 -26.39
CA TYR D 142 59.60 -9.04 -27.25
C TYR D 142 59.15 -7.64 -27.62
N PRO D 143 60.09 -6.75 -27.94
CA PRO D 143 59.72 -5.37 -28.29
C PRO D 143 59.33 -5.18 -29.74
N ASN D 144 59.50 -6.19 -30.59
CA ASN D 144 59.20 -6.09 -32.01
C ASN D 144 58.36 -7.29 -32.44
N VAL D 145 57.57 -7.08 -33.49
CA VAL D 145 56.67 -8.12 -33.96
C VAL D 145 57.46 -9.36 -34.39
N ASP D 146 58.62 -9.14 -35.02
CA ASP D 146 59.43 -10.27 -35.47
C ASP D 146 59.94 -11.12 -34.31
N GLY D 147 60.00 -10.55 -33.10
CA GLY D 147 60.42 -11.31 -31.94
C GLY D 147 61.92 -11.58 -31.91
N THR D 148 62.71 -10.51 -31.90
CA THR D 148 64.17 -10.63 -31.87
C THR D 148 64.73 -9.57 -30.94
N GLY D 149 65.95 -9.83 -30.45
CA GLY D 149 66.65 -8.91 -29.58
C GLY D 149 66.37 -9.16 -28.12
N THR D 150 67.06 -8.40 -27.28
CA THR D 150 66.91 -8.53 -25.84
C THR D 150 65.47 -8.24 -25.43
N ALA D 151 64.95 -9.06 -24.52
CA ALA D 151 63.59 -8.92 -24.03
C ALA D 151 63.59 -8.14 -22.72
N THR D 152 62.44 -8.05 -22.07
CA THR D 152 62.30 -7.35 -20.80
C THR D 152 61.50 -8.22 -19.84
N THR D 153 61.71 -7.98 -18.55
CA THR D 153 61.05 -8.75 -17.51
C THR D 153 59.62 -8.25 -17.33
N VAL D 154 58.66 -9.16 -17.48
CA VAL D 154 57.23 -8.86 -17.29
C VAL D 154 56.72 -9.76 -16.18
N SER D 155 56.07 -9.16 -15.18
CA SER D 155 55.58 -9.88 -14.01
C SER D 155 54.10 -9.60 -13.84
N ASN D 156 53.29 -10.66 -13.84
CA ASN D 156 51.88 -10.57 -13.51
C ASN D 156 51.56 -11.21 -12.16
N LEU D 157 52.59 -11.59 -11.39
CA LEU D 157 52.42 -12.20 -10.08
C LEU D 157 53.09 -11.30 -9.05
N PHE D 158 52.28 -10.54 -8.33
CA PHE D 158 52.78 -9.62 -7.32
C PHE D 158 52.70 -10.29 -5.94
N ALA D 159 53.80 -10.26 -5.21
CA ALA D 159 53.88 -10.86 -3.88
C ALA D 159 54.45 -9.85 -2.90
N PRO D 160 54.11 -9.97 -1.62
CA PRO D 160 54.62 -9.02 -0.63
C PRO D 160 56.05 -9.34 -0.22
N ALA D 161 56.65 -8.42 0.52
CA ALA D 161 58.02 -8.61 0.98
C ALA D 161 58.12 -9.83 1.88
N ALA D 162 57.15 -10.01 2.78
CA ALA D 162 57.16 -11.14 3.69
C ALA D 162 55.74 -11.42 4.16
N ASP D 163 55.54 -12.60 4.74
CA ASP D 163 54.25 -13.02 5.27
C ASP D 163 53.18 -12.95 4.18
N PRO D 164 53.30 -13.75 3.12
CA PRO D 164 52.26 -13.74 2.09
C PRO D 164 50.92 -14.20 2.65
N GLY D 165 49.85 -13.59 2.13
CA GLY D 165 48.49 -13.91 2.53
C GLY D 165 47.77 -14.73 1.48
N ALA D 166 46.45 -14.61 1.47
CA ALA D 166 45.64 -15.32 0.49
C ALA D 166 45.88 -14.77 -0.91
N ALA D 167 45.71 -15.64 -1.90
CA ALA D 167 45.94 -15.30 -3.30
C ALA D 167 44.61 -14.94 -3.96
N TRP D 168 44.59 -13.82 -4.67
CA TRP D 168 43.42 -13.36 -5.40
C TRP D 168 43.81 -13.08 -6.85
N TYR D 169 42.85 -13.27 -7.75
CA TYR D 169 43.08 -13.17 -9.18
C TYR D 169 42.19 -12.09 -9.77
N LEU D 170 42.77 -11.24 -10.61
CA LEU D 170 42.05 -10.18 -11.31
C LEU D 170 41.98 -10.57 -12.78
N LEU D 171 40.80 -11.02 -13.22
CA LEU D 171 40.60 -11.54 -14.56
C LEU D 171 39.83 -10.55 -15.42
N ASP D 172 39.76 -10.85 -16.71
CA ASP D 172 39.00 -10.06 -17.67
C ASP D 172 38.14 -11.00 -18.51
N THR D 173 36.99 -10.50 -18.94
CA THR D 173 36.06 -11.27 -19.76
C THR D 173 35.52 -10.47 -20.93
N SER D 174 36.14 -9.33 -21.25
CA SER D 174 35.69 -8.56 -22.41
C SER D 174 35.81 -9.39 -23.68
N ARG D 175 36.92 -10.09 -23.85
CA ARG D 175 37.04 -11.08 -24.92
C ARG D 175 36.31 -12.35 -24.51
N SER D 176 35.44 -12.85 -25.40
CA SER D 176 34.65 -14.03 -25.07
C SER D 176 35.54 -15.20 -24.67
N LEU D 177 36.74 -15.28 -25.23
CA LEU D 177 37.66 -16.37 -24.90
C LEU D 177 38.30 -16.04 -23.55
N LYS D 178 37.79 -16.66 -22.49
CA LYS D 178 38.28 -16.39 -21.15
C LYS D 178 39.68 -16.98 -20.98
N PRO D 179 40.41 -16.54 -19.96
CA PRO D 179 41.79 -17.03 -19.77
C PRO D 179 41.89 -18.55 -19.63
N LEU D 180 40.81 -19.22 -19.19
CA LEU D 180 40.82 -20.65 -19.00
C LEU D 180 39.87 -21.32 -19.99
N ILE D 181 40.16 -22.58 -20.30
CA ILE D 181 39.39 -23.35 -21.28
C ILE D 181 38.87 -24.61 -20.60
N TYR D 182 37.60 -24.92 -20.84
CA TYR D 182 36.99 -26.16 -20.38
C TYR D 182 36.53 -26.95 -21.59
N GLN D 183 37.22 -28.05 -21.87
CA GLN D 183 36.84 -28.91 -22.99
C GLN D 183 35.63 -29.76 -22.62
N GLU D 184 34.85 -30.13 -23.65
CA GLU D 184 33.64 -30.92 -23.46
C GLU D 184 33.57 -31.94 -24.59
N ARG D 185 33.95 -33.19 -24.29
CA ARG D 185 33.87 -34.25 -25.29
C ARG D 185 32.44 -34.74 -25.44
N MET D 186 31.87 -35.28 -24.36
CA MET D 186 30.51 -35.81 -24.37
C MET D 186 29.78 -35.32 -23.12
N LYS D 187 28.49 -35.04 -23.29
CA LYS D 187 27.68 -34.62 -22.16
C LYS D 187 27.60 -35.75 -21.13
N PRO D 188 27.51 -35.42 -19.84
CA PRO D 188 27.42 -36.48 -18.83
C PRO D 188 26.25 -37.42 -19.12
N SER D 189 26.50 -38.71 -18.97
CA SER D 189 25.51 -39.75 -19.22
C SER D 189 25.42 -40.68 -18.01
N PHE D 190 24.30 -41.36 -17.91
CA PHE D 190 24.00 -42.23 -16.78
C PHE D 190 24.06 -43.68 -17.21
N THR D 191 24.00 -44.57 -16.22
CA THR D 191 24.07 -46.01 -16.46
C THR D 191 23.23 -46.70 -15.40
N SER D 192 22.07 -47.23 -15.81
CA SER D 192 21.23 -48.02 -14.93
C SER D 192 21.81 -49.43 -14.85
N MET D 193 22.82 -49.58 -14.01
CA MET D 193 23.56 -50.83 -13.92
C MET D 193 22.86 -51.80 -12.95
N THR D 194 21.61 -52.12 -13.29
CA THR D 194 20.78 -52.99 -12.48
C THR D 194 20.18 -54.07 -13.36
N LYS D 195 20.35 -55.33 -12.95
CA LYS D 195 19.77 -56.47 -13.63
C LYS D 195 19.45 -57.54 -12.60
N GLU D 196 18.56 -58.46 -12.98
CA GLU D 196 18.28 -59.61 -12.13
C GLU D 196 19.40 -60.62 -12.15
N ASP D 197 20.32 -60.51 -13.10
CA ASP D 197 21.38 -61.48 -13.33
C ASP D 197 22.73 -60.78 -13.45
N ASP D 198 23.06 -59.94 -12.46
CA ASP D 198 24.33 -59.23 -12.45
C ASP D 198 24.90 -59.22 -11.03
N GLU D 199 26.20 -58.97 -10.95
CA GLU D 199 26.92 -59.13 -9.68
C GLU D 199 26.30 -58.28 -8.58
N GLN D 200 25.72 -57.14 -8.93
CA GLN D 200 25.15 -56.24 -7.91
C GLN D 200 24.20 -56.98 -6.99
N VAL D 201 23.34 -57.83 -7.56
CA VAL D 201 22.19 -58.34 -6.81
C VAL D 201 22.56 -59.58 -6.00
N PHE D 202 23.29 -60.53 -6.59
CA PHE D 202 23.55 -61.78 -5.89
C PHE D 202 24.86 -61.75 -5.10
N MET D 203 25.89 -61.10 -5.62
CA MET D 203 27.10 -60.84 -4.83
C MET D 203 26.82 -59.64 -3.94
N ALA D 204 26.61 -59.88 -2.66
CA ALA D 204 25.94 -58.89 -1.81
C ALA D 204 24.62 -58.56 -2.51
N ASP D 205 24.09 -57.36 -2.32
CA ASP D 205 22.89 -56.96 -3.07
C ASP D 205 22.79 -55.45 -3.07
N GLU D 206 22.93 -54.85 -4.25
CA GLU D 206 22.74 -53.41 -4.43
C GLU D 206 22.13 -53.20 -5.81
N TYR D 207 21.71 -51.97 -6.06
CA TYR D 207 21.26 -51.54 -7.39
C TYR D 207 22.16 -50.38 -7.78
N ARG D 208 23.29 -50.72 -8.38
CA ARG D 208 24.33 -49.73 -8.65
C ARG D 208 23.87 -48.75 -9.71
N TYR D 209 23.93 -47.46 -9.38
CA TYR D 209 23.56 -46.39 -10.30
C TYR D 209 24.71 -45.39 -10.33
N GLY D 210 25.18 -45.06 -11.53
CA GLY D 210 26.33 -44.18 -11.69
C GLY D 210 26.18 -43.26 -12.88
N VAL D 211 27.11 -42.32 -12.98
CA VAL D 211 27.14 -41.33 -14.05
C VAL D 211 28.56 -41.27 -14.60
N ARG D 212 28.67 -41.09 -15.92
CA ARG D 212 29.96 -41.06 -16.59
C ARG D 212 30.10 -39.75 -17.36
N SER D 213 31.32 -39.22 -17.39
CA SER D 213 31.60 -37.98 -18.08
C SER D 213 33.05 -37.98 -18.55
N ARG D 214 33.32 -37.15 -19.55
CA ARG D 214 34.67 -37.02 -20.12
C ARG D 214 34.91 -35.55 -20.44
N CYS D 215 35.81 -34.93 -19.68
CA CYS D 215 36.09 -33.51 -19.86
C CYS D 215 37.43 -33.18 -19.20
N ASN D 216 37.97 -32.02 -19.57
CA ASN D 216 39.20 -31.52 -18.97
C ASN D 216 39.26 -30.01 -19.15
N VAL D 217 40.11 -29.38 -18.35
CA VAL D 217 40.23 -27.93 -18.33
C VAL D 217 41.70 -27.55 -18.54
N GLY D 218 41.92 -26.54 -19.38
CA GLY D 218 43.27 -26.07 -19.67
C GLY D 218 43.33 -24.55 -19.68
N PHE D 219 44.54 -24.05 -19.83
CA PHE D 219 44.77 -22.61 -19.82
C PHE D 219 44.45 -22.01 -21.20
N GLY D 220 44.30 -20.69 -21.20
CA GLY D 220 44.13 -19.94 -22.44
C GLY D 220 45.36 -19.13 -22.76
N PHE D 221 45.24 -17.80 -22.73
CA PHE D 221 46.38 -16.90 -22.88
C PHE D 221 46.41 -15.94 -21.71
N TRP D 222 47.63 -15.67 -21.22
CA TRP D 222 47.84 -15.01 -19.93
C TRP D 222 47.76 -13.49 -20.00
N GLN D 223 47.55 -12.90 -21.18
CA GLN D 223 47.50 -11.45 -21.28
C GLN D 223 46.40 -10.84 -20.42
N LEU D 224 45.37 -11.63 -20.08
CA LEU D 224 44.25 -11.14 -19.26
C LEU D 224 44.44 -11.45 -17.78
N ALA D 225 44.58 -12.73 -17.44
CA ALA D 225 44.60 -13.13 -16.03
C ALA D 225 45.84 -12.60 -15.33
N ALA D 226 45.69 -12.25 -14.06
CA ALA D 226 46.79 -11.84 -13.21
C ALA D 226 46.59 -12.42 -11.82
N MET D 227 47.70 -12.55 -11.08
CA MET D 227 47.68 -13.11 -9.75
C MET D 227 48.38 -12.17 -8.79
N SER D 228 47.97 -12.21 -7.52
CA SER D 228 48.55 -11.35 -6.50
C SER D 228 48.31 -11.99 -5.14
N THR D 229 49.40 -12.41 -4.49
CA THR D 229 49.31 -13.04 -3.17
C THR D 229 49.43 -12.04 -2.03
N GLU D 230 49.71 -10.77 -2.32
CA GLU D 230 49.90 -9.79 -1.26
C GLU D 230 48.55 -9.40 -0.65
N GLU D 231 48.63 -8.61 0.42
CA GLU D 231 47.42 -8.18 1.11
C GLU D 231 46.52 -7.40 0.16
N LEU D 232 45.21 -7.66 0.25
CA LEU D 232 44.23 -6.99 -0.60
C LEU D 232 43.90 -5.64 0.00
N ASN D 233 44.54 -4.59 -0.53
CA ASN D 233 44.32 -3.22 -0.09
C ASN D 233 44.05 -2.35 -1.31
N GLN D 234 43.59 -1.13 -1.04
CA GLN D 234 43.30 -0.20 -2.13
C GLN D 234 44.57 0.12 -2.92
N VAL D 235 45.68 0.38 -2.22
CA VAL D 235 46.93 0.71 -2.90
C VAL D 235 47.40 -0.47 -3.74
N ASN D 236 47.36 -1.68 -3.19
CA ASN D 236 47.79 -2.85 -3.93
C ASN D 236 46.89 -3.09 -5.14
N PHE D 237 45.58 -2.91 -4.98
CA PHE D 237 44.67 -3.09 -6.11
C PHE D 237 44.96 -2.08 -7.20
N GLU D 238 45.21 -0.82 -6.83
CA GLU D 238 45.56 0.18 -7.84
C GLU D 238 46.87 -0.16 -8.53
N LYS D 239 47.85 -0.67 -7.77
CA LYS D 239 49.11 -1.07 -8.36
C LYS D 239 48.90 -2.18 -9.39
N VAL D 240 48.11 -3.18 -9.04
CA VAL D 240 47.84 -4.27 -9.98
C VAL D 240 47.11 -3.75 -11.21
N TYR D 241 46.14 -2.86 -11.00
CA TYR D 241 45.39 -2.30 -12.12
C TYR D 241 46.30 -1.55 -13.08
N ASP D 242 47.16 -0.67 -12.53
CA ASP D 242 48.04 0.11 -13.40
C ASP D 242 49.06 -0.78 -14.10
N ALA D 243 49.57 -1.80 -13.41
CA ALA D 243 50.50 -2.73 -14.05
C ALA D 243 49.82 -3.47 -15.20
N MET D 244 48.57 -3.90 -15.01
CA MET D 244 47.89 -4.66 -16.04
C MET D 244 47.57 -3.78 -17.24
N ARG D 245 47.00 -2.60 -17.01
CA ARG D 245 46.61 -1.74 -18.12
C ARG D 245 47.80 -1.12 -18.84
N ASN D 246 49.00 -1.22 -18.28
CA ASN D 246 50.21 -0.66 -18.88
C ASN D 246 51.05 -1.71 -19.58
N GLN D 247 50.42 -2.79 -20.06
CA GLN D 247 51.11 -3.87 -20.73
C GLN D 247 51.00 -3.70 -22.24
N LYS D 248 52.14 -3.79 -22.93
CA LYS D 248 52.20 -3.65 -24.38
C LYS D 248 52.58 -4.99 -25.00
N ALA D 249 51.80 -5.43 -25.98
CA ALA D 249 52.06 -6.69 -26.64
C ALA D 249 53.25 -6.53 -27.59
N ASP D 250 53.52 -7.60 -28.35
CA ASP D 250 54.63 -7.56 -29.30
C ASP D 250 54.46 -6.42 -30.29
N GLY D 251 55.56 -5.74 -30.58
CA GLY D 251 55.52 -4.57 -31.43
C GLY D 251 55.29 -3.25 -30.72
N GLY D 252 55.26 -3.26 -29.39
CA GLY D 252 55.04 -2.04 -28.64
C GLY D 252 53.69 -1.41 -28.91
N ARG D 253 52.64 -2.24 -28.93
CA ARG D 253 51.29 -1.79 -29.23
C ARG D 253 50.38 -2.21 -28.08
N PRO D 254 49.69 -1.28 -27.41
CA PRO D 254 48.80 -1.69 -26.31
C PRO D 254 47.67 -2.57 -26.80
N LEU D 255 47.27 -3.51 -25.94
CA LEU D 255 46.15 -4.40 -26.22
C LEU D 255 44.83 -3.92 -25.61
N ASP D 256 44.87 -2.86 -24.79
CA ASP D 256 43.66 -2.32 -24.16
C ASP D 256 42.98 -3.39 -23.30
N ILE D 257 43.70 -3.83 -22.26
CA ILE D 257 43.13 -4.76 -21.30
C ILE D 257 42.10 -4.03 -20.44
N ARG D 258 40.96 -4.69 -20.21
CA ARG D 258 39.84 -4.11 -19.47
C ARG D 258 39.47 -5.06 -18.34
N PRO D 259 40.12 -4.92 -17.18
CA PRO D 259 39.78 -5.81 -16.05
C PRO D 259 38.29 -5.77 -15.72
N ASN D 260 37.68 -6.93 -15.54
CA ASN D 260 36.24 -7.04 -15.37
C ASN D 260 35.84 -7.52 -13.97
N LEU D 261 36.41 -8.62 -13.51
CA LEU D 261 36.01 -9.24 -12.25
C LEU D 261 37.25 -9.59 -11.43
N LEU D 262 37.06 -9.60 -10.12
CA LEU D 262 38.09 -9.97 -9.16
C LEU D 262 37.61 -11.17 -8.35
N VAL D 263 38.47 -12.17 -8.22
CA VAL D 263 38.13 -13.42 -7.55
C VAL D 263 39.00 -13.53 -6.30
N VAL D 264 38.35 -13.80 -5.16
CA VAL D 264 39.05 -13.93 -3.88
C VAL D 264 38.51 -15.15 -3.16
N PRO D 265 39.27 -15.70 -2.23
CA PRO D 265 38.73 -16.74 -1.35
C PRO D 265 37.65 -16.16 -0.44
N THR D 266 36.75 -17.04 0.01
CA THR D 266 35.62 -16.59 0.79
C THR D 266 36.05 -15.89 2.07
N THR D 267 37.20 -16.28 2.63
CA THR D 267 37.69 -15.66 3.86
C THR D 267 38.13 -14.22 3.65
N LEU D 268 38.30 -13.78 2.41
CA LEU D 268 38.67 -12.40 2.10
C LEU D 268 37.53 -11.62 1.45
N ARG D 269 36.31 -12.13 1.55
CA ARG D 269 35.17 -11.43 0.95
C ARG D 269 34.95 -10.08 1.62
N SER D 270 35.12 -10.01 2.94
CA SER D 270 34.95 -8.74 3.63
C SER D 270 35.94 -7.71 3.12
N LYS D 271 37.22 -8.09 2.97
CA LYS D 271 38.22 -7.18 2.43
C LYS D 271 37.88 -6.78 1.00
N ALA D 272 37.44 -7.74 0.19
CA ALA D 272 37.09 -7.44 -1.19
C ALA D 272 35.96 -6.42 -1.26
N LYS D 273 34.93 -6.60 -0.43
CA LYS D 273 33.83 -5.64 -0.40
C LYS D 273 34.30 -4.27 0.10
N GLU D 274 35.17 -4.25 1.12
CA GLU D 274 35.65 -2.99 1.66
C GLU D 274 36.44 -2.20 0.62
N VAL D 275 37.40 -2.86 -0.03
CA VAL D 275 38.21 -2.16 -1.03
C VAL D 275 37.35 -1.75 -2.22
N VAL D 276 36.50 -2.66 -2.69
CA VAL D 276 35.59 -2.39 -3.80
C VAL D 276 34.19 -2.85 -3.40
N GLY D 277 33.23 -1.95 -3.51
CA GLY D 277 31.85 -2.24 -3.12
C GLY D 277 31.27 -1.28 -2.10
N VAL D 278 32.07 -0.41 -1.51
CA VAL D 278 31.60 0.61 -0.58
C VAL D 278 32.12 1.96 -1.06
N GLN D 279 31.21 2.85 -1.44
CA GLN D 279 31.62 4.15 -1.96
C GLN D 279 32.11 5.06 -0.84
N ARG D 280 31.39 5.07 0.29
CA ARG D 280 31.76 5.93 1.41
C ARG D 280 32.95 5.35 2.15
N LEU D 281 33.96 6.16 2.40
CA LEU D 281 35.13 5.76 3.16
C LEU D 281 34.91 6.05 4.65
N ALA D 282 35.89 5.63 5.46
CA ALA D 282 35.82 5.91 6.88
C ALA D 282 35.80 7.42 7.13
N ASN D 283 36.66 8.16 6.44
CA ASN D 283 36.62 9.62 6.53
C ASN D 283 35.33 10.17 5.94
N GLY D 284 34.88 9.60 4.81
CA GLY D 284 33.66 10.06 4.17
C GLY D 284 33.91 10.63 2.79
N ALA D 285 34.93 10.11 2.10
CA ALA D 285 35.30 10.58 0.77
C ALA D 285 34.93 9.52 -0.28
N ASP D 286 34.66 9.99 -1.49
CA ASP D 286 34.26 9.09 -2.57
C ASP D 286 35.40 8.17 -2.96
N ASN D 287 35.07 6.90 -3.19
CA ASN D 287 36.06 5.95 -3.67
C ASN D 287 36.18 6.06 -5.20
N PRO D 288 37.34 5.74 -5.76
CA PRO D 288 37.54 5.88 -7.21
C PRO D 288 37.28 4.61 -8.01
N ASN D 289 36.97 3.48 -7.36
CA ASN D 289 36.81 2.21 -8.06
C ASN D 289 35.58 1.46 -7.58
N PHE D 290 34.50 2.17 -7.28
CA PHE D 290 33.25 1.53 -6.88
C PHE D 290 32.65 0.79 -8.07
N GLU D 291 32.44 -0.51 -7.91
CA GLU D 291 31.91 -1.37 -8.97
C GLU D 291 32.78 -1.36 -10.22
N LEU D 292 34.03 -0.93 -10.09
CA LEU D 292 34.96 -1.03 -11.21
C LEU D 292 35.15 -2.48 -11.63
N VAL D 293 35.12 -3.41 -10.66
CA VAL D 293 35.18 -4.83 -10.93
C VAL D 293 34.08 -5.51 -10.12
N GLN D 294 33.70 -6.71 -10.57
CA GLN D 294 32.65 -7.49 -9.93
C GLN D 294 33.30 -8.53 -9.03
N VAL D 295 33.17 -8.33 -7.71
CA VAL D 295 33.74 -9.28 -6.76
C VAL D 295 33.03 -10.63 -6.91
N LEU D 296 33.82 -11.70 -6.86
CA LEU D 296 33.29 -13.06 -7.01
C LEU D 296 33.95 -13.93 -5.94
N ASP D 297 33.26 -14.11 -4.81
CA ASP D 297 33.73 -15.04 -3.80
C ASP D 297 33.51 -16.47 -4.25
N THR D 298 34.45 -17.36 -3.89
CA THR D 298 34.37 -18.75 -4.29
C THR D 298 35.01 -19.61 -3.21
N ALA D 299 34.36 -20.73 -2.90
CA ALA D 299 34.85 -21.67 -1.91
C ALA D 299 35.79 -22.71 -2.51
N TRP D 300 35.95 -22.73 -3.84
CA TRP D 300 36.84 -23.70 -4.46
C TRP D 300 38.29 -23.51 -4.04
N LEU D 301 38.65 -22.32 -3.57
CA LEU D 301 40.01 -22.02 -3.15
C LEU D 301 40.24 -22.26 -1.66
N ASN D 302 39.49 -23.17 -1.05
CA ASN D 302 39.62 -23.48 0.37
C ASN D 302 39.32 -22.25 1.21
N ILE E 1 -37.72 -28.20 16.13
CA ILE E 1 -37.79 -29.47 15.44
C ILE E 1 -36.41 -29.90 14.98
N ILE E 2 -36.06 -31.15 15.26
CA ILE E 2 -34.77 -31.72 14.88
C ILE E 2 -35.02 -32.90 13.95
N THR E 3 -34.37 -32.87 12.79
CA THR E 3 -34.53 -33.90 11.77
C THR E 3 -33.16 -34.25 11.22
N PRO E 4 -33.02 -35.43 10.60
CA PRO E 4 -31.72 -35.77 9.99
C PRO E 4 -31.28 -34.79 8.92
N ALA E 5 -32.22 -34.12 8.26
CA ALA E 5 -31.84 -33.12 7.25
C ALA E 5 -31.03 -31.99 7.87
N LEU E 6 -31.45 -31.50 9.03
CA LEU E 6 -30.69 -30.45 9.70
C LEU E 6 -29.30 -30.92 10.09
N ILE E 7 -29.19 -32.16 10.57
CA ILE E 7 -27.88 -32.71 10.94
C ILE E 7 -26.98 -32.80 9.71
N SER E 8 -27.52 -33.27 8.59
CA SER E 8 -26.74 -33.35 7.36
C SER E 8 -26.30 -31.96 6.90
N ALA E 9 -27.21 -30.99 6.99
CA ALA E 9 -26.86 -29.62 6.61
C ALA E 9 -25.73 -29.08 7.49
N LEU E 10 -25.82 -29.33 8.80
CA LEU E 10 -24.75 -28.89 9.70
C LEU E 10 -23.43 -29.57 9.35
N LYS E 11 -23.48 -30.88 9.07
CA LYS E 11 -22.26 -31.60 8.74
C LYS E 11 -21.61 -31.04 7.48
N THR E 12 -22.41 -30.82 6.43
CA THR E 12 -21.85 -30.32 5.18
C THR E 12 -21.33 -28.90 5.35
N SER E 13 -22.03 -28.05 6.10
CA SER E 13 -21.55 -26.69 6.33
C SER E 13 -20.24 -26.70 7.11
N PHE E 14 -20.14 -27.54 8.13
CA PHE E 14 -18.90 -27.64 8.89
C PHE E 14 -17.76 -28.15 8.02
N GLN E 15 -18.04 -29.14 7.18
CA GLN E 15 -17.00 -29.63 6.27
C GLN E 15 -16.54 -28.54 5.31
N LYS E 16 -17.49 -27.78 4.76
CA LYS E 16 -17.13 -26.69 3.84
C LYS E 16 -16.26 -25.66 4.54
N HIS E 17 -16.66 -25.26 5.75
CA HIS E 17 -15.88 -24.29 6.50
C HIS E 17 -14.48 -24.81 6.80
N PHE E 18 -14.38 -26.07 7.24
CA PHE E 18 -13.08 -26.63 7.59
C PHE E 18 -12.17 -26.69 6.38
N GLN E 19 -12.70 -27.15 5.23
CA GLN E 19 -11.87 -27.25 4.04
C GLN E 19 -11.44 -25.86 3.56
N ASP E 20 -12.35 -24.89 3.60
CA ASP E 20 -11.99 -23.54 3.19
C ASP E 20 -10.91 -22.95 4.09
N ALA E 21 -11.03 -23.15 5.41
CA ALA E 21 -10.02 -22.63 6.32
C ALA E 21 -8.68 -23.33 6.13
N LEU E 22 -8.69 -24.64 5.93
CA LEU E 22 -7.44 -25.37 5.80
C LEU E 22 -6.74 -25.05 4.49
N ALA E 23 -7.51 -24.86 3.41
CA ALA E 23 -6.89 -24.59 2.11
C ALA E 23 -6.11 -23.29 2.12
N THR E 24 -6.65 -22.25 2.76
CA THR E 24 -6.02 -20.94 2.80
C THR E 24 -5.15 -20.73 4.04
N ALA E 25 -4.62 -21.81 4.61
CA ALA E 25 -3.73 -21.68 5.75
C ALA E 25 -2.33 -21.31 5.28
N PRO E 26 -1.74 -20.22 5.79
CA PRO E 26 -0.39 -19.85 5.35
C PRO E 26 0.60 -20.99 5.60
N SER E 27 1.51 -21.17 4.65
CA SER E 27 2.54 -22.20 4.71
C SER E 27 3.89 -21.54 4.91
N THR E 28 4.64 -22.00 5.92
CA THR E 28 5.94 -21.43 6.24
C THR E 28 7.00 -22.51 6.30
N TYR E 29 6.62 -23.73 6.68
CA TYR E 29 7.59 -24.81 6.79
C TYR E 29 8.17 -25.18 5.43
N LEU E 30 7.40 -24.98 4.36
CA LEU E 30 7.89 -25.33 3.02
C LEU E 30 9.18 -24.58 2.70
N GLN E 31 9.38 -23.40 3.30
CA GLN E 31 10.60 -22.64 3.03
C GLN E 31 11.84 -23.38 3.52
N VAL E 32 11.77 -23.99 4.69
CA VAL E 32 12.95 -24.59 5.33
C VAL E 32 12.68 -26.05 5.68
N ALA E 33 11.81 -26.70 4.92
CA ALA E 33 11.52 -28.11 5.14
C ALA E 33 11.24 -28.79 3.82
N THR E 34 11.48 -30.10 3.79
CA THR E 34 11.24 -30.93 2.61
C THR E 34 10.16 -31.95 2.93
N VAL E 35 9.18 -32.07 2.05
CA VAL E 35 8.05 -32.98 2.24
C VAL E 35 8.33 -34.25 1.46
N ILE E 36 8.43 -35.37 2.17
CA ILE E 36 8.68 -36.67 1.55
C ILE E 36 7.51 -37.59 1.89
N PRO E 37 6.64 -37.91 0.93
CA PRO E 37 5.50 -38.78 1.24
C PRO E 37 5.96 -40.20 1.56
N SER E 38 5.17 -40.86 2.40
CA SER E 38 5.47 -42.22 2.82
C SER E 38 4.16 -43.01 2.93
N THR E 39 4.29 -44.33 2.84
CA THR E 39 3.16 -45.24 2.96
C THR E 39 3.50 -46.40 3.90
N THR E 40 4.35 -46.14 4.90
CA THR E 40 4.76 -47.15 5.86
C THR E 40 4.76 -46.52 7.25
N ALA E 41 5.08 -47.35 8.25
CA ALA E 41 5.11 -46.86 9.62
C ALA E 41 6.34 -46.00 9.91
N SER E 42 7.46 -46.29 9.24
CA SER E 42 8.69 -45.54 9.46
C SER E 42 9.55 -45.63 8.22
N ASN E 43 10.54 -44.74 8.15
CA ASN E 43 11.47 -44.69 7.04
C ASN E 43 12.89 -44.54 7.57
N THR E 44 13.85 -45.00 6.78
CA THR E 44 15.27 -44.96 7.14
C THR E 44 16.01 -44.04 6.17
N TYR E 45 16.84 -43.16 6.72
CA TYR E 45 17.64 -42.20 5.95
C TYR E 45 19.10 -42.39 6.34
N GLY E 46 19.78 -43.31 5.66
CA GLY E 46 21.19 -43.57 5.92
C GLY E 46 22.10 -42.89 4.92
N TRP E 47 21.52 -42.28 3.89
CA TRP E 47 22.30 -41.61 2.86
C TRP E 47 22.82 -40.25 3.30
N LEU E 48 22.41 -39.77 4.47
CA LEU E 48 22.96 -38.53 5.00
C LEU E 48 24.40 -38.75 5.45
N GLY E 49 25.23 -37.73 5.26
CA GLY E 49 26.63 -37.82 5.61
C GLY E 49 27.56 -37.35 4.51
N GLN E 50 28.38 -38.26 4.00
CA GLN E 50 29.37 -37.89 2.99
C GLN E 50 28.68 -37.37 1.74
N PHE E 51 29.28 -36.36 1.12
CA PHE E 51 28.68 -35.66 -0.01
C PHE E 51 29.13 -36.30 -1.32
N PRO E 52 28.23 -36.89 -2.11
CA PRO E 52 28.66 -37.48 -3.38
C PRO E 52 29.29 -36.45 -4.31
N LYS E 53 30.34 -36.88 -5.00
CA LYS E 53 31.06 -36.02 -5.95
C LYS E 53 31.55 -36.90 -7.10
N LEU E 54 32.34 -36.32 -7.99
CA LEU E 54 32.94 -37.01 -9.12
C LEU E 54 34.43 -37.21 -8.84
N ARG E 55 34.96 -38.38 -9.21
CA ARG E 55 36.33 -38.75 -8.93
C ARG E 55 37.11 -38.92 -10.23
N GLU E 56 38.44 -39.03 -10.09
CA GLU E 56 39.32 -39.09 -11.26
C GLU E 56 39.28 -40.46 -11.95
N TRP E 57 38.70 -41.48 -11.32
CA TRP E 57 38.56 -42.80 -11.93
C TRP E 57 39.94 -43.38 -12.28
N ILE E 58 40.70 -43.65 -11.22
CA ILE E 58 42.05 -44.21 -11.34
C ILE E 58 41.98 -45.68 -11.73
N GLY E 59 40.78 -46.21 -11.91
CA GLY E 59 40.62 -47.60 -12.29
C GLY E 59 39.67 -48.38 -11.40
N GLN E 60 38.84 -47.67 -10.64
CA GLN E 60 37.81 -48.30 -9.82
C GLN E 60 36.65 -47.33 -9.66
N ARG E 61 35.49 -47.86 -9.32
CA ARG E 61 34.30 -47.07 -9.05
C ARG E 61 34.04 -47.06 -7.55
N VAL E 62 33.99 -45.87 -6.97
CA VAL E 62 33.83 -45.71 -5.53
C VAL E 62 32.33 -45.63 -5.25
N ILE E 63 31.80 -46.69 -4.66
CA ILE E 63 30.41 -46.75 -4.24
C ILE E 63 30.36 -46.87 -2.73
N LYS E 64 29.25 -46.41 -2.16
CA LYS E 64 29.05 -46.44 -0.71
C LYS E 64 27.66 -46.96 -0.41
N ASP E 65 27.56 -47.89 0.54
CA ASP E 65 26.29 -48.25 1.14
C ASP E 65 26.09 -47.40 2.39
N MET E 66 25.07 -47.71 3.18
CA MET E 66 24.78 -46.99 4.40
C MET E 66 24.71 -47.95 5.57
N ALA E 67 25.16 -47.48 6.73
CA ALA E 67 25.19 -48.31 7.93
C ALA E 67 23.85 -49.01 8.14
N ALA E 68 23.91 -50.20 8.72
CA ALA E 68 22.68 -50.96 8.98
C ALA E 68 21.73 -50.19 9.88
N GLN E 69 22.23 -49.27 10.69
CA GLN E 69 21.38 -48.43 11.51
C GLN E 69 20.68 -47.37 10.66
N GLY E 70 19.54 -46.90 11.15
CA GLY E 70 18.76 -45.90 10.44
C GLY E 70 18.34 -44.79 11.38
N TYR E 71 17.83 -43.71 10.78
CA TYR E 71 17.37 -42.57 11.57
C TYR E 71 16.18 -42.94 12.44
N GLN E 72 15.25 -43.74 11.89
CA GLN E 72 14.10 -44.25 12.63
C GLN E 72 13.26 -43.08 13.18
N ILE E 73 12.67 -42.35 12.23
CA ILE E 73 11.86 -41.18 12.59
C ILE E 73 10.73 -41.58 13.53
N THR E 74 10.08 -42.72 13.27
CA THR E 74 9.00 -43.23 14.10
C THR E 74 7.86 -42.20 14.22
N ASN E 75 7.24 -41.94 13.06
CA ASN E 75 6.19 -40.94 12.96
C ASN E 75 5.12 -41.10 14.03
N LYS E 76 4.48 -40.00 14.40
CA LYS E 76 3.42 -40.00 15.41
C LYS E 76 2.20 -39.26 14.88
N LEU E 77 1.20 -39.02 15.74
CA LEU E 77 -0.07 -38.44 15.31
C LEU E 77 -0.47 -37.31 16.27
N PHE E 78 -1.46 -36.53 15.82
CA PHE E 78 -1.96 -35.39 16.57
C PHE E 78 -3.48 -35.36 16.44
N GLU E 79 -4.12 -34.51 17.25
CA GLU E 79 -5.58 -34.47 17.28
C GLU E 79 -6.04 -33.14 17.89
N SER E 80 -7.35 -32.90 17.75
CA SER E 80 -8.01 -31.77 18.39
C SER E 80 -9.50 -32.06 18.45
N THR E 81 -10.21 -31.35 19.32
CA THR E 81 -11.64 -31.58 19.51
C THR E 81 -12.30 -30.31 20.01
N VAL E 82 -13.60 -30.20 19.75
CA VAL E 82 -14.39 -29.05 20.18
C VAL E 82 -15.83 -29.52 20.39
N GLY E 83 -16.53 -28.87 21.32
CA GLY E 83 -17.90 -29.20 21.64
C GLY E 83 -18.86 -28.07 21.31
N VAL E 84 -20.15 -28.37 21.51
CA VAL E 84 -21.22 -27.42 21.20
C VAL E 84 -22.19 -27.31 22.38
N LYS E 85 -22.10 -28.24 23.33
CA LYS E 85 -22.91 -28.25 24.54
C LYS E 85 -24.37 -28.61 24.27
N ARG E 86 -24.77 -28.69 23.01
CA ARG E 86 -26.09 -29.15 22.60
C ARG E 86 -27.23 -28.35 23.23
N THR E 87 -26.92 -27.25 23.91
CA THR E 87 -27.95 -26.46 24.58
C THR E 87 -28.40 -25.26 23.75
N ASP E 88 -27.50 -24.66 22.99
CA ASP E 88 -27.86 -23.54 22.11
C ASP E 88 -28.27 -23.99 20.72
N ILE E 89 -28.11 -25.28 20.40
CA ILE E 89 -28.53 -25.77 19.08
C ILE E 89 -30.04 -25.63 18.92
N GLU E 90 -30.80 -25.96 19.97
CA GLU E 90 -32.24 -25.79 19.91
C GLU E 90 -32.63 -24.32 19.90
N ASP E 91 -31.84 -23.47 20.55
CA ASP E 91 -32.12 -22.04 20.59
C ASP E 91 -31.87 -21.35 19.26
N ASP E 92 -31.28 -22.05 18.29
CA ASP E 92 -31.03 -21.51 16.96
C ASP E 92 -29.95 -20.43 16.97
N ASN E 93 -28.97 -20.56 17.86
CA ASN E 93 -27.84 -19.63 17.92
C ASN E 93 -26.76 -20.06 16.93
N LEU E 94 -27.15 -20.08 15.66
CA LEU E 94 -26.25 -20.52 14.60
C LEU E 94 -25.25 -19.45 14.18
N GLY E 95 -25.40 -18.22 14.66
CA GLY E 95 -24.41 -17.20 14.36
C GLY E 95 -23.03 -17.58 14.85
N VAL E 96 -22.96 -18.16 16.05
CA VAL E 96 -21.71 -18.69 16.59
C VAL E 96 -21.52 -20.08 15.99
N TYR E 97 -20.32 -20.63 16.13
CA TYR E 97 -19.91 -21.93 15.61
C TYR E 97 -19.56 -21.86 14.14
N GLY E 98 -19.73 -20.71 13.49
CA GLY E 98 -19.29 -20.54 12.12
C GLY E 98 -17.80 -20.30 12.05
N PRO E 99 -17.33 -19.23 12.69
CA PRO E 99 -15.88 -18.96 12.70
C PRO E 99 -15.08 -19.86 13.62
N LEU E 100 -15.74 -20.59 14.53
CA LEU E 100 -15.00 -21.53 15.37
C LEU E 100 -14.37 -22.63 14.52
N MET E 101 -15.10 -23.14 13.53
CA MET E 101 -14.53 -24.12 12.62
C MET E 101 -13.40 -23.52 11.80
N GLN E 102 -13.52 -22.25 11.42
CA GLN E 102 -12.44 -21.59 10.70
C GLN E 102 -11.18 -21.53 11.56
N GLU E 103 -11.35 -21.19 12.85
CA GLU E 103 -10.20 -21.14 13.75
C GLU E 103 -9.59 -22.52 13.92
N MET E 104 -10.43 -23.55 14.06
CA MET E 104 -9.93 -24.90 14.20
C MET E 104 -9.13 -25.32 12.95
N GLY E 105 -9.65 -25.00 11.77
CA GLY E 105 -8.93 -25.33 10.55
C GLY E 105 -7.62 -24.58 10.43
N ARG E 106 -7.61 -23.30 10.80
CA ARG E 106 -6.36 -22.55 10.76
C ARG E 106 -5.34 -23.13 11.72
N ALA E 107 -5.78 -23.51 12.92
CA ALA E 107 -4.85 -24.13 13.88
C ALA E 107 -4.30 -25.44 13.33
N ALA E 108 -5.16 -26.26 12.73
CA ALA E 108 -4.70 -27.52 12.17
C ALA E 108 -3.69 -27.28 11.05
N GLY E 109 -3.95 -26.30 10.19
CA GLY E 109 -3.04 -26.00 9.10
C GLY E 109 -1.72 -25.45 9.59
N ALA E 110 -1.74 -24.64 10.65
CA ALA E 110 -0.53 -24.01 11.15
C ALA E 110 0.25 -24.90 12.10
N HIS E 111 -0.33 -26.00 12.58
CA HIS E 111 0.41 -26.91 13.45
C HIS E 111 1.73 -27.38 12.88
N PRO E 112 1.85 -27.78 11.61
CA PRO E 112 3.15 -28.25 11.12
C PRO E 112 4.26 -27.23 11.29
N ASP E 113 3.98 -25.94 11.10
CA ASP E 113 5.00 -24.93 11.33
C ASP E 113 5.46 -24.94 12.78
N GLU E 114 4.51 -25.02 13.72
CA GLU E 114 4.87 -25.06 15.13
C GLU E 114 5.71 -26.28 15.44
N LEU E 115 5.34 -27.44 14.89
CA LEU E 115 6.11 -28.66 15.13
C LEU E 115 7.52 -28.54 14.58
N VAL E 116 7.66 -28.02 13.36
CA VAL E 116 8.97 -27.88 12.75
C VAL E 116 9.85 -26.96 13.57
N PHE E 117 9.31 -25.81 13.99
CA PHE E 117 10.13 -24.86 14.73
C PHE E 117 10.42 -25.36 16.15
N ALA E 118 9.50 -26.13 16.75
CA ALA E 118 9.77 -26.71 18.05
C ALA E 118 10.88 -27.75 17.96
N LEU E 119 10.89 -28.55 16.90
CA LEU E 119 12.01 -29.46 16.69
C LEU E 119 13.30 -28.69 16.47
N LEU E 120 13.24 -27.61 15.70
CA LEU E 120 14.45 -26.84 15.42
C LEU E 120 15.03 -26.23 16.69
N LYS E 121 14.17 -25.68 17.55
CA LYS E 121 14.65 -25.08 18.80
C LYS E 121 15.24 -26.11 19.75
N ALA E 122 14.99 -27.39 19.54
CA ALA E 122 15.56 -28.46 20.33
C ALA E 122 16.76 -29.12 19.65
N GLY E 123 17.41 -28.39 18.75
CA GLY E 123 18.58 -28.92 18.05
C GLY E 123 19.82 -29.05 18.90
N ASN E 124 19.85 -28.41 20.07
CA ASN E 124 20.98 -28.56 20.98
C ASN E 124 20.95 -29.90 21.70
N ALA E 125 19.78 -30.47 21.91
CA ALA E 125 19.62 -31.71 22.66
C ALA E 125 18.77 -32.71 21.89
N ASN E 126 18.99 -32.81 20.58
CA ASN E 126 18.34 -33.82 19.75
C ASN E 126 19.35 -34.30 18.71
N LEU E 127 19.57 -35.61 18.66
CA LEU E 127 20.65 -36.16 17.85
C LEU E 127 20.26 -36.24 16.38
N CYS E 128 21.29 -36.26 15.53
CA CYS E 128 21.17 -36.45 14.10
C CYS E 128 21.68 -37.85 13.75
N TYR E 129 21.81 -38.13 12.45
CA TYR E 129 22.31 -39.44 12.03
C TYR E 129 23.68 -39.72 12.66
N ASP E 130 24.44 -38.68 12.98
CA ASP E 130 25.71 -38.83 13.67
C ASP E 130 25.46 -38.90 15.17
N GLY E 131 26.52 -39.04 15.95
CA GLY E 131 26.40 -39.18 17.38
C GLY E 131 26.42 -37.87 18.14
N GLN E 132 26.24 -36.76 17.42
CA GLN E 132 26.24 -35.44 18.01
C GLN E 132 24.95 -34.71 17.69
N ASN E 133 24.51 -33.87 18.62
CA ASN E 133 23.30 -33.09 18.41
C ASN E 133 23.42 -32.20 17.18
N PHE E 134 22.30 -31.64 16.77
CA PHE E 134 22.29 -30.80 15.57
C PHE E 134 23.20 -29.58 15.73
N PHE E 135 23.42 -29.14 16.97
CA PHE E 135 24.33 -28.04 17.26
C PHE E 135 25.20 -28.45 18.43
N ASP E 136 26.50 -28.65 18.17
CA ASP E 136 27.43 -29.13 19.19
C ASP E 136 28.79 -28.47 18.94
N THR E 137 29.78 -28.88 19.74
CA THR E 137 31.12 -28.32 19.66
C THR E 137 32.17 -29.31 19.20
N ASP E 138 31.87 -30.61 19.17
CA ASP E 138 32.83 -31.66 18.86
C ASP E 138 32.32 -32.55 17.74
N HIS E 139 31.83 -31.94 16.67
CA HIS E 139 31.37 -32.71 15.52
C HIS E 139 32.54 -33.47 14.91
N PRO E 140 32.38 -34.78 14.62
CA PRO E 140 33.51 -35.53 14.06
C PRO E 140 33.58 -35.45 12.54
N VAL E 141 34.76 -35.07 12.03
CA VAL E 141 35.02 -35.03 10.60
C VAL E 141 36.26 -35.84 10.32
N TYR E 142 36.18 -36.75 9.35
CA TYR E 142 37.26 -37.67 9.06
C TYR E 142 38.26 -37.06 8.08
N PRO E 143 39.51 -37.51 8.08
CA PRO E 143 40.46 -37.09 7.06
C PRO E 143 40.53 -38.02 5.85
N ASN E 144 39.71 -39.05 5.80
CA ASN E 144 39.70 -40.02 4.72
C ASN E 144 38.34 -40.02 4.04
N VAL E 145 38.34 -40.29 2.74
CA VAL E 145 37.09 -40.29 1.97
C VAL E 145 36.14 -41.37 2.50
N ASP E 146 36.67 -42.55 2.80
CA ASP E 146 35.83 -43.63 3.32
C ASP E 146 35.23 -43.29 4.67
N GLY E 147 35.83 -42.35 5.41
CA GLY E 147 35.32 -41.96 6.71
C GLY E 147 35.93 -42.76 7.83
N THR E 148 37.26 -42.84 7.87
CA THR E 148 37.97 -43.57 8.91
C THR E 148 39.24 -42.81 9.29
N GLY E 149 39.70 -43.06 10.49
CA GLY E 149 40.90 -42.41 11.02
C GLY E 149 40.57 -41.40 12.11
N THR E 150 41.63 -40.86 12.69
CA THR E 150 41.47 -39.86 13.75
C THR E 150 40.74 -38.64 13.22
N ALA E 151 39.77 -38.15 13.99
CA ALA E 151 38.94 -37.03 13.60
C ALA E 151 39.49 -35.74 14.21
N THR E 152 38.81 -34.64 13.89
CA THR E 152 39.18 -33.31 14.37
C THR E 152 37.95 -32.63 14.96
N THR E 153 38.20 -31.55 15.70
CA THR E 153 37.14 -30.83 16.38
C THR E 153 36.48 -29.84 15.42
N VAL E 154 35.16 -29.95 15.28
CA VAL E 154 34.38 -29.04 14.43
C VAL E 154 33.16 -28.61 15.24
N SER E 155 32.87 -27.31 15.22
CA SER E 155 31.76 -26.75 15.97
C SER E 155 30.91 -25.87 15.07
N ASN E 156 29.59 -26.09 15.09
CA ASN E 156 28.64 -25.25 14.39
C ASN E 156 27.79 -24.42 15.35
N LEU E 157 28.11 -24.44 16.64
CA LEU E 157 27.39 -23.69 17.67
C LEU E 157 28.34 -22.65 18.24
N PHE E 158 27.93 -21.38 18.20
CA PHE E 158 28.71 -20.27 18.73
C PHE E 158 27.97 -19.65 19.90
N ALA E 159 28.70 -19.43 21.00
CA ALA E 159 28.14 -18.82 22.19
C ALA E 159 29.07 -17.73 22.69
N PRO E 160 28.53 -16.75 23.42
CA PRO E 160 29.37 -15.68 23.96
C PRO E 160 30.07 -16.11 25.23
N ALA E 161 30.97 -15.24 25.71
CA ALA E 161 31.69 -15.52 26.95
C ALA E 161 30.73 -15.63 28.13
N ALA E 162 29.74 -14.72 28.18
CA ALA E 162 28.76 -14.74 29.27
C ALA E 162 27.54 -13.96 28.82
N ASP E 163 26.45 -14.14 29.57
CA ASP E 163 25.19 -13.45 29.30
C ASP E 163 24.69 -13.78 27.90
N PRO E 164 24.46 -15.06 27.59
CA PRO E 164 23.94 -15.40 26.25
C PRO E 164 22.55 -14.83 26.04
N GLY E 165 22.27 -14.46 24.79
CA GLY E 165 21.00 -13.90 24.40
C GLY E 165 20.11 -14.90 23.71
N ALA E 166 19.11 -14.38 22.99
CA ALA E 166 18.20 -15.23 22.25
C ALA E 166 18.92 -15.94 21.11
N ALA E 167 18.41 -17.10 20.74
CA ALA E 167 19.03 -17.95 19.73
C ALA E 167 18.48 -17.63 18.35
N TRP E 168 19.37 -17.52 17.38
CA TRP E 168 19.00 -17.31 15.98
C TRP E 168 19.71 -18.36 15.12
N TYR E 169 19.10 -18.68 13.98
CA TYR E 169 19.54 -19.76 13.13
C TYR E 169 19.86 -19.24 11.73
N LEU E 170 20.88 -19.85 11.11
CA LEU E 170 21.24 -19.56 9.73
C LEU E 170 21.24 -20.86 8.96
N LEU E 171 20.30 -20.99 8.02
CA LEU E 171 20.08 -22.24 7.31
C LEU E 171 20.25 -22.03 5.81
N ASP E 172 20.18 -23.13 5.06
CA ASP E 172 20.29 -23.13 3.62
C ASP E 172 19.17 -23.96 3.03
N THR E 173 18.59 -23.48 1.92
CA THR E 173 17.52 -24.17 1.22
C THR E 173 17.82 -24.40 -0.26
N SER E 174 18.99 -23.98 -0.73
CA SER E 174 19.32 -24.15 -2.15
C SER E 174 19.39 -25.62 -2.53
N ARG E 175 20.00 -26.44 -1.67
CA ARG E 175 20.19 -27.85 -2.00
C ARG E 175 18.83 -28.54 -2.15
N SER E 176 18.89 -29.78 -2.67
CA SER E 176 17.66 -30.52 -2.91
C SER E 176 16.91 -30.80 -1.62
N LEU E 177 17.64 -31.16 -0.56
CA LEU E 177 17.05 -31.45 0.74
C LEU E 177 17.36 -30.32 1.71
N LYS E 178 16.31 -29.77 2.34
CA LYS E 178 16.49 -28.77 3.36
C LYS E 178 16.99 -29.43 4.65
N PRO E 179 17.52 -28.64 5.59
CA PRO E 179 18.05 -29.23 6.82
C PRO E 179 17.04 -30.06 7.58
N LEU E 180 15.75 -29.75 7.46
CA LEU E 180 14.69 -30.48 8.14
C LEU E 180 13.78 -31.14 7.13
N ILE E 181 13.33 -32.36 7.45
CA ILE E 181 12.42 -33.12 6.60
C ILE E 181 11.15 -33.38 7.39
N TYR E 182 10.01 -32.98 6.83
CA TYR E 182 8.70 -33.15 7.47
C TYR E 182 7.91 -34.19 6.69
N GLN E 183 7.61 -35.32 7.32
CA GLN E 183 6.87 -36.38 6.67
C GLN E 183 5.36 -36.13 6.77
N GLU E 184 4.60 -36.83 5.92
CA GLU E 184 3.15 -36.69 5.88
C GLU E 184 2.56 -38.05 5.51
N ARG E 185 2.21 -38.83 6.53
CA ARG E 185 1.61 -40.15 6.31
C ARG E 185 0.18 -40.02 5.83
N MET E 186 -0.63 -39.22 6.53
CA MET E 186 -2.03 -39.00 6.19
C MET E 186 -2.36 -37.53 6.33
N LYS E 187 -3.13 -37.01 5.37
CA LYS E 187 -3.54 -35.61 5.42
C LYS E 187 -4.47 -35.41 6.62
N PRO E 188 -4.53 -34.19 7.16
CA PRO E 188 -5.47 -33.94 8.26
C PRO E 188 -6.90 -34.29 7.85
N SER E 189 -7.61 -34.94 8.77
CA SER E 189 -8.96 -35.42 8.51
C SER E 189 -9.87 -35.01 9.64
N PHE E 190 -11.16 -34.84 9.32
CA PHE E 190 -12.17 -34.44 10.29
C PHE E 190 -13.24 -35.51 10.36
N THR E 191 -13.87 -35.62 11.53
CA THR E 191 -14.97 -36.56 11.74
C THR E 191 -16.07 -35.84 12.50
N SER E 192 -17.25 -35.78 11.89
CA SER E 192 -18.42 -35.13 12.48
C SER E 192 -19.22 -36.18 13.25
N MET E 193 -19.15 -36.12 14.57
CA MET E 193 -19.84 -37.06 15.45
C MET E 193 -21.03 -36.34 16.05
N THR E 194 -22.15 -36.36 15.31
CA THR E 194 -23.40 -35.70 15.71
C THR E 194 -24.52 -36.74 15.60
N LYS E 195 -24.89 -37.30 16.74
CA LYS E 195 -25.91 -38.34 16.81
C LYS E 195 -26.73 -38.16 18.07
N GLU E 196 -27.96 -38.68 18.05
CA GLU E 196 -28.84 -38.58 19.20
C GLU E 196 -28.62 -39.70 20.22
N ASP E 197 -27.86 -40.74 19.87
CA ASP E 197 -27.66 -41.89 20.73
C ASP E 197 -26.21 -42.33 20.72
N ASP E 198 -25.28 -41.38 20.83
CA ASP E 198 -23.86 -41.67 20.90
C ASP E 198 -23.27 -41.06 22.16
N GLU E 199 -22.17 -41.68 22.63
CA GLU E 199 -21.51 -41.24 23.85
C GLU E 199 -21.30 -39.73 23.83
N GLN E 200 -21.19 -39.16 25.02
CA GLN E 200 -21.17 -37.73 25.32
C GLN E 200 -22.57 -37.14 25.22
N VAL E 201 -23.57 -37.92 24.83
CA VAL E 201 -24.96 -37.53 25.09
C VAL E 201 -25.37 -37.90 26.50
N PHE E 202 -24.66 -38.82 27.16
CA PHE E 202 -24.89 -39.15 28.55
C PHE E 202 -23.79 -38.64 29.47
N MET E 203 -22.53 -38.74 29.05
CA MET E 203 -21.43 -38.23 29.88
C MET E 203 -21.61 -36.74 30.14
N ALA E 204 -21.77 -35.96 29.07
CA ALA E 204 -22.08 -34.53 29.17
C ALA E 204 -22.52 -34.08 27.79
N ASP E 205 -23.76 -33.62 27.66
CA ASP E 205 -24.33 -33.37 26.33
C ASP E 205 -23.50 -32.38 25.54
N GLU E 206 -22.90 -32.85 24.46
CA GLU E 206 -22.19 -32.01 23.50
C GLU E 206 -21.70 -32.89 22.37
N TYR E 207 -21.61 -32.30 21.18
CA TYR E 207 -21.29 -33.03 19.96
C TYR E 207 -19.79 -33.00 19.72
N ARG E 208 -19.23 -34.15 19.34
CA ARG E 208 -17.80 -34.26 19.12
C ARG E 208 -17.47 -33.81 17.70
N TYR E 209 -16.55 -32.84 17.61
CA TYR E 209 -16.05 -32.36 16.32
C TYR E 209 -14.53 -32.27 16.45
N GLY E 210 -13.83 -33.31 16.00
CA GLY E 210 -12.39 -33.36 16.10
C GLY E 210 -11.76 -33.79 14.79
N VAL E 211 -10.44 -33.64 14.74
CA VAL E 211 -9.66 -33.99 13.56
C VAL E 211 -8.51 -34.89 13.98
N ARG E 212 -8.01 -35.67 13.02
CA ARG E 212 -6.91 -36.60 13.25
C ARG E 212 -5.88 -36.44 12.15
N SER E 213 -4.60 -36.48 12.53
CA SER E 213 -3.51 -36.37 11.57
C SER E 213 -2.36 -37.24 12.02
N ARG E 214 -1.55 -37.68 11.06
CA ARG E 214 -0.40 -38.54 11.31
C ARG E 214 0.81 -37.94 10.58
N CYS E 215 1.66 -37.23 11.33
CA CYS E 215 2.81 -36.58 10.75
C CYS E 215 3.93 -36.50 11.78
N ASN E 216 5.15 -36.34 11.29
CA ASN E 216 6.30 -36.13 12.15
C ASN E 216 7.41 -35.47 11.34
N VAL E 217 8.34 -34.83 12.05
CA VAL E 217 9.42 -34.08 11.45
C VAL E 217 10.74 -34.50 12.09
N GLY E 218 11.78 -34.58 11.26
CA GLY E 218 13.11 -34.93 11.73
C GLY E 218 14.16 -34.11 11.02
N PHE E 219 15.36 -34.11 11.60
CA PHE E 219 16.45 -33.34 11.06
C PHE E 219 17.01 -33.99 9.80
N GLY E 220 17.74 -33.20 9.02
CA GLY E 220 18.42 -33.69 7.84
C GLY E 220 19.89 -33.91 8.10
N PHE E 221 20.74 -33.06 7.52
CA PHE E 221 22.18 -33.12 7.70
C PHE E 221 22.68 -31.79 8.23
N TRP E 222 23.55 -31.84 9.24
CA TRP E 222 23.95 -30.67 10.01
C TRP E 222 24.91 -29.75 9.27
N GLN E 223 25.41 -30.15 8.09
CA GLN E 223 26.46 -29.37 7.44
C GLN E 223 26.01 -27.96 7.12
N LEU E 224 24.71 -27.74 6.96
CA LEU E 224 24.20 -26.44 6.53
C LEU E 224 23.79 -25.55 7.72
N ALA E 225 22.85 -26.01 8.52
CA ALA E 225 22.28 -25.17 9.57
C ALA E 225 23.30 -24.91 10.67
N ALA E 226 23.11 -23.79 11.37
CA ALA E 226 23.96 -23.43 12.50
C ALA E 226 23.14 -22.59 13.47
N MET E 227 23.64 -22.52 14.71
CA MET E 227 22.98 -21.78 15.77
C MET E 227 23.97 -20.85 16.45
N SER E 228 23.47 -19.73 16.97
CA SER E 228 24.32 -18.77 17.66
C SER E 228 23.43 -17.94 18.58
N THR E 229 23.72 -17.97 19.88
CA THR E 229 22.98 -17.19 20.86
C THR E 229 23.57 -15.81 21.08
N GLU E 230 24.67 -15.48 20.41
CA GLU E 230 25.29 -14.18 20.57
C GLU E 230 24.43 -13.09 19.91
N GLU E 231 24.71 -11.84 20.28
CA GLU E 231 23.97 -10.71 19.74
C GLU E 231 24.13 -10.66 18.23
N LEU E 232 23.03 -10.39 17.54
CA LEU E 232 23.01 -10.31 16.08
C LEU E 232 23.67 -9.00 15.65
N ASN E 233 24.99 -9.01 15.60
CA ASN E 233 25.79 -7.87 15.17
C ASN E 233 26.43 -8.17 13.83
N GLN E 234 27.02 -7.14 13.23
CA GLN E 234 27.70 -7.32 11.95
C GLN E 234 28.86 -8.29 12.09
N VAL E 235 29.64 -8.18 13.17
CA VAL E 235 30.78 -9.06 13.36
C VAL E 235 30.31 -10.50 13.56
N ASN E 236 29.27 -10.70 14.36
CA ASN E 236 28.77 -12.06 14.60
C ASN E 236 28.24 -12.68 13.32
N PHE E 237 27.45 -11.91 12.56
CA PHE E 237 26.92 -12.43 11.30
C PHE E 237 28.05 -12.77 10.34
N GLU E 238 29.05 -11.89 10.25
CA GLU E 238 30.17 -12.14 9.33
C GLU E 238 30.94 -13.39 9.74
N LYS E 239 31.23 -13.54 11.03
CA LYS E 239 31.99 -14.71 11.47
C LYS E 239 31.20 -16.00 11.24
N VAL E 240 29.90 -15.99 11.55
CA VAL E 240 29.09 -17.19 11.31
C VAL E 240 29.07 -17.51 9.82
N TYR E 241 28.86 -16.50 8.98
CA TYR E 241 28.76 -16.73 7.54
C TYR E 241 30.07 -17.28 6.99
N ASP E 242 31.20 -16.71 7.41
CA ASP E 242 32.48 -17.16 6.88
C ASP E 242 32.86 -18.54 7.39
N ALA E 243 32.52 -18.85 8.65
CA ALA E 243 32.75 -20.20 9.15
C ALA E 243 31.91 -21.21 8.40
N MET E 244 30.64 -20.88 8.12
CA MET E 244 29.78 -21.79 7.37
C MET E 244 30.30 -21.98 5.95
N ARG E 245 30.69 -20.89 5.29
CA ARG E 245 31.16 -20.97 3.91
C ARG E 245 32.46 -21.76 3.81
N ASN E 246 33.40 -21.53 4.72
CA ASN E 246 34.69 -22.22 4.71
C ASN E 246 34.60 -23.59 5.39
N GLN E 247 33.73 -24.45 4.86
CA GLN E 247 33.55 -25.79 5.40
C GLN E 247 34.22 -26.82 4.49
N LYS E 248 34.84 -27.81 5.11
CA LYS E 248 35.57 -28.85 4.41
C LYS E 248 35.01 -30.21 4.79
N ALA E 249 34.66 -31.01 3.78
CA ALA E 249 34.14 -32.34 4.02
C ALA E 249 35.28 -33.33 4.27
N ASP E 250 34.92 -34.56 4.60
CA ASP E 250 35.92 -35.61 4.78
C ASP E 250 36.75 -35.77 3.51
N GLY E 251 38.06 -35.81 3.67
CA GLY E 251 38.97 -35.83 2.55
C GLY E 251 39.41 -34.47 2.07
N GLY E 252 39.06 -33.40 2.77
CA GLY E 252 39.47 -32.07 2.41
C GLY E 252 38.93 -31.59 1.08
N ARG E 253 37.63 -31.80 0.86
CA ARG E 253 36.97 -31.36 -0.36
C ARG E 253 35.98 -30.25 -0.05
N PRO E 254 36.03 -29.10 -0.73
CA PRO E 254 35.07 -28.03 -0.42
C PRO E 254 33.64 -28.46 -0.72
N LEU E 255 32.71 -27.88 0.04
CA LEU E 255 31.28 -28.15 -0.15
C LEU E 255 30.56 -27.07 -0.91
N ASP E 256 31.06 -25.84 -0.91
CA ASP E 256 30.41 -24.70 -1.55
C ASP E 256 29.04 -24.44 -0.92
N ILE E 257 29.06 -24.17 0.38
CA ILE E 257 27.85 -23.88 1.14
C ILE E 257 27.50 -22.41 0.97
N ARG E 258 26.30 -22.13 0.48
CA ARG E 258 25.82 -20.77 0.26
C ARG E 258 24.61 -20.54 1.15
N PRO E 259 24.81 -19.97 2.35
CA PRO E 259 23.68 -19.72 3.25
C PRO E 259 22.57 -18.94 2.56
N ASN E 260 21.32 -19.38 2.74
CA ASN E 260 20.20 -18.80 2.01
C ASN E 260 19.38 -17.86 2.89
N LEU E 261 18.88 -18.36 4.01
CA LEU E 261 17.97 -17.61 4.86
C LEU E 261 18.48 -17.57 6.29
N LEU E 262 18.05 -16.55 7.02
CA LEU E 262 18.34 -16.39 8.44
C LEU E 262 17.04 -16.34 9.21
N VAL E 263 16.92 -17.18 10.23
CA VAL E 263 15.72 -17.27 11.06
C VAL E 263 16.04 -16.67 12.42
N VAL E 264 15.22 -15.72 12.86
CA VAL E 264 15.42 -15.05 14.14
C VAL E 264 14.09 -15.02 14.89
N PRO E 265 14.09 -14.96 16.21
CA PRO E 265 12.84 -14.77 16.95
C PRO E 265 12.26 -13.39 16.69
N THR E 266 10.97 -13.25 16.98
CA THR E 266 10.28 -11.99 16.74
C THR E 266 10.94 -10.84 17.49
N THR E 267 11.62 -11.13 18.60
CA THR E 267 12.26 -10.09 19.41
C THR E 267 13.57 -9.60 18.80
N LEU E 268 14.13 -10.31 17.81
CA LEU E 268 15.34 -9.88 17.13
C LEU E 268 15.08 -9.46 15.70
N ARG E 269 13.82 -9.15 15.36
CA ARG E 269 13.51 -8.70 14.00
C ARG E 269 14.21 -7.38 13.69
N SER E 270 14.27 -6.48 14.66
CA SER E 270 14.96 -5.21 14.44
C SER E 270 16.43 -5.42 14.14
N LYS E 271 17.09 -6.29 14.92
CA LYS E 271 18.49 -6.59 14.67
C LYS E 271 18.68 -7.23 13.30
N ALA E 272 17.81 -8.17 12.95
CA ALA E 272 17.92 -8.83 11.64
C ALA E 272 17.77 -7.82 10.51
N LYS E 273 16.81 -6.91 10.64
CA LYS E 273 16.63 -5.87 9.62
C LYS E 273 17.84 -4.96 9.54
N GLU E 274 18.40 -4.59 10.70
CA GLU E 274 19.58 -3.73 10.70
C GLU E 274 20.76 -4.40 10.01
N VAL E 275 20.99 -5.67 10.31
CA VAL E 275 22.10 -6.39 9.69
C VAL E 275 21.85 -6.57 8.20
N VAL E 276 20.66 -7.01 7.82
CA VAL E 276 20.28 -7.24 6.43
C VAL E 276 18.95 -6.55 6.17
N GLY E 277 18.88 -5.78 5.09
CA GLY E 277 17.68 -5.06 4.72
C GLY E 277 17.82 -3.56 4.67
N VAL E 278 18.99 -2.99 4.97
CA VAL E 278 19.21 -1.56 4.92
C VAL E 278 20.43 -1.30 4.05
N GLN E 279 20.28 -0.40 3.07
CA GLN E 279 21.39 -0.11 2.17
C GLN E 279 22.56 0.52 2.91
N ARG E 280 22.29 1.42 3.83
CA ARG E 280 23.31 2.12 4.60
C ARG E 280 23.24 1.71 6.07
N LEU E 281 24.38 1.78 6.74
CA LEU E 281 24.46 1.44 8.16
C LEU E 281 24.02 2.63 9.01
N ALA E 282 24.07 2.46 10.32
CA ALA E 282 23.65 3.53 11.23
C ALA E 282 24.53 4.77 11.04
N ASN E 283 25.84 4.58 10.91
CA ASN E 283 26.73 5.72 10.69
C ASN E 283 26.46 6.38 9.35
N GLY E 284 26.07 5.61 8.33
CA GLY E 284 25.82 6.15 7.02
C GLY E 284 26.71 5.56 5.95
N ALA E 285 27.16 4.32 6.17
CA ALA E 285 28.02 3.60 5.24
C ALA E 285 27.28 2.42 4.65
N ASP E 286 27.58 2.12 3.38
CA ASP E 286 26.91 1.02 2.70
C ASP E 286 27.18 -0.30 3.41
N ASN E 287 26.17 -1.14 3.49
CA ASN E 287 26.32 -2.45 4.11
C ASN E 287 27.09 -3.39 3.18
N PRO E 288 28.03 -4.17 3.71
CA PRO E 288 28.70 -5.20 2.90
C PRO E 288 27.99 -6.53 2.85
N ASN E 289 26.78 -6.63 3.41
CA ASN E 289 26.03 -7.88 3.44
C ASN E 289 24.56 -7.67 3.06
N PHE E 290 24.23 -6.52 2.46
CA PHE E 290 22.86 -6.25 2.09
C PHE E 290 22.36 -7.24 1.05
N GLU E 291 21.14 -7.74 1.27
CA GLU E 291 20.51 -8.72 0.38
C GLU E 291 21.30 -10.03 0.30
N LEU E 292 22.17 -10.28 1.28
CA LEU E 292 22.94 -11.51 1.28
C LEU E 292 22.09 -12.71 1.67
N VAL E 293 21.12 -12.51 2.57
CA VAL E 293 20.22 -13.57 3.02
C VAL E 293 18.80 -13.01 3.06
N GLN E 294 17.83 -13.92 3.09
CA GLN E 294 16.41 -13.58 3.16
C GLN E 294 15.93 -13.79 4.58
N VAL E 295 15.71 -12.68 5.30
CA VAL E 295 15.22 -12.76 6.67
C VAL E 295 13.80 -13.30 6.68
N LEU E 296 13.54 -14.25 7.59
CA LEU E 296 12.23 -14.88 7.72
C LEU E 296 11.81 -14.78 9.19
N ASP E 297 10.98 -13.79 9.50
CA ASP E 297 10.49 -13.63 10.86
C ASP E 297 9.53 -14.76 11.22
N THR E 298 9.50 -15.10 12.52
CA THR E 298 8.64 -16.16 13.00
C THR E 298 8.30 -15.89 14.46
N ALA E 299 7.09 -16.30 14.84
CA ALA E 299 6.62 -16.14 16.21
C ALA E 299 6.73 -17.42 17.03
N TRP E 300 6.90 -18.57 16.38
CA TRP E 300 6.98 -19.83 17.10
C TRP E 300 8.24 -19.94 17.94
N LEU E 301 9.27 -19.13 17.65
CA LEU E 301 10.50 -19.11 18.42
C LEU E 301 10.50 -18.03 19.49
N ASN E 302 9.33 -17.67 20.01
CA ASN E 302 9.20 -16.64 21.02
C ASN E 302 9.67 -15.29 20.49
N ILE F 1 -60.02 14.48 -5.13
CA ILE F 1 -58.92 15.31 -4.65
C ILE F 1 -57.78 14.41 -4.16
N ILE F 2 -58.12 13.43 -3.34
CA ILE F 2 -57.16 12.48 -2.79
C ILE F 2 -57.49 11.11 -3.35
N THR F 3 -56.52 10.48 -3.99
CA THR F 3 -56.68 9.17 -4.58
C THR F 3 -55.48 8.32 -4.23
N PRO F 4 -55.61 6.99 -4.28
CA PRO F 4 -54.45 6.14 -3.96
C PRO F 4 -53.26 6.37 -4.86
N ALA F 5 -53.49 6.83 -6.10
CA ALA F 5 -52.39 7.00 -7.04
C ALA F 5 -51.38 8.03 -6.53
N LEU F 6 -51.86 9.19 -6.08
CA LEU F 6 -50.96 10.24 -5.63
C LEU F 6 -50.19 9.82 -4.38
N ILE F 7 -50.89 9.19 -3.43
CA ILE F 7 -50.23 8.74 -2.20
C ILE F 7 -49.17 7.71 -2.54
N SER F 8 -49.50 6.77 -3.42
CA SER F 8 -48.54 5.74 -3.81
C SER F 8 -47.33 6.37 -4.50
N ALA F 9 -47.56 7.35 -5.38
CA ALA F 9 -46.46 7.99 -6.08
C ALA F 9 -45.53 8.71 -5.10
N LEU F 10 -46.11 9.45 -4.16
CA LEU F 10 -45.29 10.15 -3.17
C LEU F 10 -44.53 9.18 -2.29
N LYS F 11 -45.18 8.09 -1.87
CA LYS F 11 -44.50 7.09 -1.06
C LYS F 11 -43.36 6.45 -1.83
N THR F 12 -43.58 6.15 -3.11
CA THR F 12 -42.52 5.57 -3.94
C THR F 12 -41.36 6.54 -4.08
N SER F 13 -41.66 7.82 -4.30
CA SER F 13 -40.59 8.81 -4.43
C SER F 13 -39.77 8.91 -3.15
N PHE F 14 -40.44 8.97 -2.00
CA PHE F 14 -39.72 9.06 -0.74
C PHE F 14 -38.90 7.80 -0.48
N GLN F 15 -39.47 6.63 -0.78
CA GLN F 15 -38.75 5.37 -0.60
C GLN F 15 -37.52 5.33 -1.49
N LYS F 16 -37.65 5.76 -2.75
CA LYS F 16 -36.50 5.79 -3.65
C LYS F 16 -35.44 6.75 -3.14
N HIS F 17 -35.84 7.93 -2.66
CA HIS F 17 -34.88 8.87 -2.11
C HIS F 17 -34.12 8.25 -0.94
N PHE F 18 -34.84 7.67 0.02
CA PHE F 18 -34.19 7.10 1.20
C PHE F 18 -33.28 5.94 0.82
N GLN F 19 -33.74 5.06 -0.06
CA GLN F 19 -32.93 3.91 -0.45
C GLN F 19 -31.68 4.33 -1.19
N ASP F 20 -31.80 5.31 -2.09
CA ASP F 20 -30.63 5.81 -2.80
C ASP F 20 -29.64 6.45 -1.83
N ALA F 21 -30.14 7.22 -0.87
CA ALA F 21 -29.25 7.85 0.11
C ALA F 21 -28.53 6.80 0.95
N LEU F 22 -29.25 5.75 1.37
CA LEU F 22 -28.66 4.76 2.25
C LEU F 22 -27.70 3.83 1.51
N ALA F 23 -28.04 3.43 0.29
CA ALA F 23 -27.23 2.46 -0.43
C ALA F 23 -25.83 2.98 -0.71
N THR F 24 -25.73 4.26 -1.09
CA THR F 24 -24.43 4.85 -1.42
C THR F 24 -23.66 5.31 -0.19
N ALA F 25 -24.22 5.17 1.00
CA ALA F 25 -23.50 5.57 2.20
C ALA F 25 -22.27 4.70 2.38
N PRO F 26 -21.12 5.27 2.74
CA PRO F 26 -19.91 4.47 2.91
C PRO F 26 -20.03 3.49 4.06
N SER F 27 -19.35 2.36 3.91
CA SER F 27 -19.27 1.33 4.94
C SER F 27 -17.82 1.14 5.34
N THR F 28 -17.54 1.24 6.65
CA THR F 28 -16.20 1.10 7.17
C THR F 28 -16.08 0.15 8.36
N TYR F 29 -17.17 -0.15 9.06
CA TYR F 29 -17.10 -1.06 10.20
C TYR F 29 -16.75 -2.47 9.76
N LEU F 30 -17.19 -2.87 8.56
CA LEU F 30 -16.94 -4.23 8.10
C LEU F 30 -15.45 -4.56 8.10
N GLN F 31 -14.61 -3.58 7.78
CA GLN F 31 -13.18 -3.82 7.74
C GLN F 31 -12.63 -4.20 9.11
N VAL F 32 -13.12 -3.55 10.17
CA VAL F 32 -12.58 -3.75 11.51
C VAL F 32 -13.66 -4.27 12.45
N ALA F 33 -14.64 -4.98 11.90
CA ALA F 33 -15.69 -5.57 12.72
C ALA F 33 -16.25 -6.79 12.02
N THR F 34 -16.90 -7.65 12.81
CA THR F 34 -17.51 -8.88 12.30
C THR F 34 -19.02 -8.79 12.50
N VAL F 35 -19.77 -9.13 11.45
CA VAL F 35 -21.23 -9.09 11.48
C VAL F 35 -21.75 -10.47 11.84
N ILE F 36 -22.57 -10.53 12.88
CA ILE F 36 -23.16 -11.79 13.34
C ILE F 36 -24.67 -11.61 13.47
N PRO F 37 -25.45 -11.90 12.43
CA PRO F 37 -26.91 -11.73 12.54
C PRO F 37 -27.51 -12.69 13.56
N SER F 38 -28.62 -12.27 14.14
CA SER F 38 -29.31 -13.04 15.16
C SER F 38 -30.81 -12.88 14.97
N THR F 39 -31.56 -13.77 15.62
CA THR F 39 -33.02 -13.75 15.58
C THR F 39 -33.60 -13.90 16.98
N THR F 40 -32.88 -13.44 18.00
CA THR F 40 -33.31 -13.54 19.38
C THR F 40 -32.97 -12.24 20.10
N ALA F 41 -33.13 -12.23 21.41
CA ALA F 41 -32.83 -11.03 22.20
C ALA F 41 -31.33 -10.79 22.32
N SER F 42 -30.55 -11.86 22.45
CA SER F 42 -29.12 -11.72 22.65
C SER F 42 -28.43 -13.02 22.22
N ASN F 43 -27.10 -12.99 22.23
CA ASN F 43 -26.29 -14.16 21.91
C ASN F 43 -25.25 -14.35 22.99
N THR F 44 -24.88 -15.61 23.22
CA THR F 44 -23.90 -15.97 24.24
C THR F 44 -22.56 -16.25 23.57
N TYR F 45 -21.52 -15.58 24.06
CA TYR F 45 -20.17 -15.72 23.53
C TYR F 45 -19.27 -16.20 24.65
N GLY F 46 -19.23 -17.52 24.84
CA GLY F 46 -18.35 -18.16 25.79
C GLY F 46 -17.15 -18.83 25.17
N TRP F 47 -17.03 -18.84 23.85
CA TRP F 47 -15.93 -19.49 23.16
C TRP F 47 -14.73 -18.56 22.95
N LEU F 48 -14.87 -17.28 23.26
CA LEU F 48 -13.76 -16.33 23.14
C LEU F 48 -12.82 -16.54 24.33
N GLY F 49 -11.53 -16.66 24.05
CA GLY F 49 -10.57 -16.96 25.08
C GLY F 49 -9.44 -17.86 24.59
N GLN F 50 -9.28 -19.01 25.24
CA GLN F 50 -8.21 -19.94 24.93
C GLN F 50 -8.08 -20.12 23.41
N PHE F 51 -6.83 -20.36 22.98
CA PHE F 51 -6.52 -20.55 21.57
C PHE F 51 -6.47 -22.05 21.29
N PRO F 52 -7.33 -22.59 20.42
CA PRO F 52 -7.28 -24.04 20.15
C PRO F 52 -5.93 -24.46 19.62
N LYS F 53 -5.47 -25.64 20.05
CA LYS F 53 -4.20 -26.21 19.61
C LYS F 53 -4.35 -27.71 19.47
N LEU F 54 -3.26 -28.36 19.06
CA LEU F 54 -3.25 -29.80 18.81
C LEU F 54 -2.34 -30.50 19.82
N ARG F 55 -2.79 -31.64 20.31
CA ARG F 55 -2.03 -32.47 21.24
C ARG F 55 -1.49 -33.69 20.52
N GLU F 56 -0.57 -34.39 21.19
CA GLU F 56 0.06 -35.58 20.62
C GLU F 56 -0.78 -36.83 20.78
N TRP F 57 -1.86 -36.79 21.56
CA TRP F 57 -2.72 -37.95 21.78
C TRP F 57 -1.95 -39.11 22.40
N ILE F 58 -1.17 -38.80 23.44
CA ILE F 58 -0.42 -39.84 24.12
C ILE F 58 -1.37 -40.86 24.76
N GLY F 59 -2.44 -40.38 25.38
CA GLY F 59 -3.40 -41.26 26.02
C GLY F 59 -4.79 -41.16 25.40
N GLN F 60 -5.72 -40.57 26.12
CA GLN F 60 -7.10 -40.45 25.69
C GLN F 60 -7.31 -39.09 25.03
N ARG F 61 -8.40 -38.97 24.29
CA ARG F 61 -8.73 -37.74 23.56
C ARG F 61 -9.25 -36.71 24.55
N VAL F 62 -8.58 -35.55 24.62
CA VAL F 62 -9.02 -34.50 25.53
C VAL F 62 -10.27 -33.82 24.98
N ILE F 63 -11.25 -33.64 25.86
CA ILE F 63 -12.50 -32.97 25.53
C ILE F 63 -12.61 -31.71 26.37
N LYS F 64 -12.87 -30.58 25.72
CA LYS F 64 -12.93 -29.29 26.39
C LYS F 64 -14.34 -29.02 26.88
N ASP F 65 -14.50 -28.82 28.18
CA ASP F 65 -15.78 -28.45 28.78
C ASP F 65 -15.85 -26.93 28.81
N MET F 66 -16.57 -26.35 27.85
CA MET F 66 -16.58 -24.91 27.69
C MET F 66 -17.21 -24.24 28.90
N ALA F 67 -16.68 -23.06 29.24
CA ALA F 67 -17.21 -22.31 30.37
C ALA F 67 -18.63 -21.85 30.09
N ALA F 68 -19.44 -21.80 31.14
CA ALA F 68 -20.84 -21.40 31.04
C ALA F 68 -21.03 -19.89 30.99
N GLN F 69 -19.98 -19.11 31.25
CA GLN F 69 -20.08 -17.67 31.24
C GLN F 69 -20.28 -17.15 29.83
N GLY F 70 -21.03 -16.05 29.71
CA GLY F 70 -21.31 -15.45 28.42
C GLY F 70 -21.02 -13.97 28.45
N TYR F 71 -20.84 -13.40 27.25
CA TYR F 71 -20.55 -11.98 27.14
C TYR F 71 -21.79 -11.12 27.35
N GLN F 72 -22.98 -11.65 27.07
CA GLN F 72 -24.24 -10.92 27.28
C GLN F 72 -24.24 -9.62 26.46
N ILE F 73 -24.26 -9.81 25.13
CA ILE F 73 -24.23 -8.67 24.22
C ILE F 73 -25.39 -7.73 24.50
N THR F 74 -26.59 -8.27 24.67
CA THR F 74 -27.77 -7.50 25.05
C THR F 74 -28.00 -6.34 24.05
N ASN F 75 -28.33 -6.74 22.83
CA ASN F 75 -28.55 -5.76 21.75
C ASN F 75 -29.61 -4.73 22.16
N LYS F 76 -29.62 -3.59 21.48
CA LYS F 76 -30.49 -2.47 21.82
C LYS F 76 -31.29 -2.05 20.60
N LEU F 77 -32.05 -0.96 20.73
CA LEU F 77 -32.83 -0.42 19.64
C LEU F 77 -32.81 1.11 19.71
N PHE F 78 -33.07 1.74 18.57
CA PHE F 78 -32.97 3.19 18.42
C PHE F 78 -33.45 3.57 17.03
N GLU F 79 -33.90 4.81 16.88
CA GLU F 79 -34.49 5.25 15.62
C GLU F 79 -34.86 6.72 15.69
N SER F 80 -35.31 7.26 14.56
CA SER F 80 -35.67 8.67 14.41
C SER F 80 -36.79 8.80 13.37
N THR F 81 -37.47 9.95 13.40
CA THR F 81 -38.63 10.20 12.55
C THR F 81 -38.69 11.69 12.22
N VAL F 82 -39.57 12.06 11.28
CA VAL F 82 -39.89 13.45 10.99
C VAL F 82 -41.38 13.57 10.69
N GLY F 83 -41.78 14.74 10.19
CA GLY F 83 -43.08 14.92 9.59
C GLY F 83 -42.96 15.66 8.26
N VAL F 84 -44.09 15.79 7.58
CA VAL F 84 -44.13 16.49 6.30
C VAL F 84 -44.86 17.82 6.38
N LYS F 85 -45.81 17.99 7.30
CA LYS F 85 -46.59 19.20 7.53
C LYS F 85 -47.74 19.35 6.53
N ARG F 86 -47.87 18.45 5.56
CA ARG F 86 -49.01 18.42 4.64
C ARG F 86 -49.03 19.64 3.71
N THR F 87 -48.01 20.48 3.76
CA THR F 87 -48.00 21.69 2.95
C THR F 87 -47.93 21.39 1.45
N ASP F 88 -47.41 20.22 1.08
CA ASP F 88 -47.19 19.91 -0.33
C ASP F 88 -48.47 19.55 -1.07
N ILE F 89 -49.49 19.04 -0.37
CA ILE F 89 -50.69 18.58 -1.06
C ILE F 89 -51.36 19.73 -1.79
N GLU F 90 -51.38 20.91 -1.20
CA GLU F 90 -52.07 22.05 -1.81
C GLU F 90 -51.25 22.63 -2.96
N ASP F 91 -50.00 23.02 -2.68
CA ASP F 91 -49.18 23.71 -3.67
C ASP F 91 -48.27 22.79 -4.48
N ASP F 92 -48.08 21.55 -4.03
CA ASP F 92 -47.22 20.59 -4.73
C ASP F 92 -45.79 21.14 -4.85
N ASN F 93 -45.32 21.79 -3.79
CA ASN F 93 -43.93 22.26 -3.74
C ASN F 93 -43.03 21.12 -3.27
N LEU F 94 -42.88 20.13 -4.15
CA LEU F 94 -42.16 18.91 -3.83
C LEU F 94 -40.65 19.09 -3.86
N GLY F 95 -40.15 20.25 -4.29
CA GLY F 95 -38.71 20.46 -4.31
C GLY F 95 -38.09 20.28 -2.93
N VAL F 96 -38.78 20.75 -1.90
CA VAL F 96 -38.33 20.58 -0.52
C VAL F 96 -38.71 19.18 -0.05
N TYR F 97 -38.20 18.78 1.10
CA TYR F 97 -38.38 17.47 1.74
C TYR F 97 -37.43 16.41 1.15
N GLY F 98 -36.55 16.76 0.22
CA GLY F 98 -35.57 15.83 -0.29
C GLY F 98 -34.37 15.69 0.63
N PRO F 99 -33.72 16.82 0.94
CA PRO F 99 -32.54 16.75 1.83
C PRO F 99 -32.82 16.07 3.15
N LEU F 100 -34.05 16.11 3.66
CA LEU F 100 -34.36 15.41 4.90
C LEU F 100 -34.23 13.91 4.73
N MET F 101 -34.79 13.37 3.65
CA MET F 101 -34.64 11.94 3.38
C MET F 101 -33.19 11.58 3.11
N GLN F 102 -32.45 12.45 2.41
CA GLN F 102 -31.02 12.20 2.21
C GLN F 102 -30.28 12.15 3.54
N GLU F 103 -30.63 13.06 4.45
CA GLU F 103 -30.01 13.04 5.77
C GLU F 103 -30.35 11.75 6.50
N MET F 104 -31.60 11.29 6.39
CA MET F 104 -31.95 10.01 7.01
C MET F 104 -31.09 8.88 6.44
N GLY F 105 -30.99 8.79 5.12
CA GLY F 105 -30.20 7.72 4.53
C GLY F 105 -28.75 7.77 4.98
N ARG F 106 -28.16 8.96 5.01
CA ARG F 106 -26.78 9.10 5.46
C ARG F 106 -26.63 8.67 6.91
N ALA F 107 -27.56 9.10 7.78
CA ALA F 107 -27.45 8.78 9.20
C ALA F 107 -27.58 7.27 9.42
N ALA F 108 -28.55 6.65 8.76
CA ALA F 108 -28.73 5.21 8.90
C ALA F 108 -27.51 4.45 8.40
N GLY F 109 -26.95 4.88 7.27
CA GLY F 109 -25.76 4.21 6.74
C GLY F 109 -24.54 4.38 7.63
N ALA F 110 -24.40 5.56 8.24
CA ALA F 110 -23.17 5.91 8.94
C ALA F 110 -23.20 5.64 10.43
N HIS F 111 -24.37 5.43 11.03
CA HIS F 111 -24.44 5.22 12.47
C HIS F 111 -23.63 4.02 12.93
N PRO F 112 -23.72 2.84 12.29
CA PRO F 112 -22.94 1.70 12.80
C PRO F 112 -21.45 1.98 12.88
N ASP F 113 -20.89 2.70 11.90
CA ASP F 113 -19.48 3.06 11.98
C ASP F 113 -19.21 3.92 13.20
N GLU F 114 -20.08 4.91 13.43
CA GLU F 114 -19.89 5.80 14.58
C GLU F 114 -19.92 5.02 15.88
N LEU F 115 -20.88 4.11 16.02
CA LEU F 115 -20.99 3.32 17.24
C LEU F 115 -19.78 2.42 17.43
N VAL F 116 -19.35 1.75 16.35
CA VAL F 116 -18.22 0.85 16.44
C VAL F 116 -16.97 1.61 16.87
N PHE F 117 -16.71 2.75 16.24
CA PHE F 117 -15.50 3.50 16.55
C PHE F 117 -15.58 4.15 17.93
N ALA F 118 -16.78 4.56 18.36
CA ALA F 118 -16.94 5.09 19.71
C ALA F 118 -16.65 4.01 20.75
N LEU F 119 -17.13 2.79 20.52
CA LEU F 119 -16.80 1.70 21.43
C LEU F 119 -15.30 1.41 21.41
N LEU F 120 -14.69 1.49 20.22
CA LEU F 120 -13.25 1.26 20.11
C LEU F 120 -12.47 2.29 20.92
N LYS F 121 -12.88 3.55 20.84
CA LYS F 121 -12.21 4.59 21.63
C LYS F 121 -12.48 4.43 23.12
N ALA F 122 -13.63 3.88 23.49
CA ALA F 122 -14.01 3.73 24.88
C ALA F 122 -13.47 2.45 25.51
N GLY F 123 -12.48 1.80 24.87
CA GLY F 123 -11.92 0.58 25.41
C GLY F 123 -11.37 0.75 26.81
N ASN F 124 -10.92 1.97 27.15
CA ASN F 124 -10.41 2.24 28.49
C ASN F 124 -11.52 2.35 29.53
N ALA F 125 -12.79 2.39 29.11
CA ALA F 125 -13.91 2.57 30.03
C ALA F 125 -14.99 1.51 29.81
N ASN F 126 -14.62 0.36 29.25
CA ASN F 126 -15.54 -0.75 29.06
C ASN F 126 -14.91 -2.03 29.59
N LEU F 127 -15.73 -2.85 30.24
CA LEU F 127 -15.28 -4.09 30.85
C LEU F 127 -15.41 -5.24 29.87
N CYS F 128 -14.36 -6.05 29.78
CA CYS F 128 -14.35 -7.24 28.94
C CYS F 128 -14.74 -8.46 29.77
N TYR F 129 -14.67 -9.64 29.15
CA TYR F 129 -15.04 -10.86 29.84
C TYR F 129 -14.10 -11.16 31.01
N ASP F 130 -12.91 -10.57 31.03
CA ASP F 130 -11.97 -10.79 32.12
C ASP F 130 -12.38 -10.07 33.41
N GLY F 131 -13.40 -9.20 33.35
CA GLY F 131 -13.83 -8.46 34.51
C GLY F 131 -13.14 -7.13 34.70
N GLN F 132 -12.18 -6.78 33.85
CA GLN F 132 -11.45 -5.53 33.94
C GLN F 132 -11.60 -4.77 32.61
N ASN F 133 -10.99 -3.60 32.55
CA ASN F 133 -11.10 -2.77 31.35
C ASN F 133 -10.48 -3.47 30.15
N PHE F 134 -10.98 -3.12 28.96
CA PHE F 134 -10.47 -3.74 27.74
C PHE F 134 -8.98 -3.46 27.56
N PHE F 135 -8.55 -2.22 27.83
CA PHE F 135 -7.14 -1.83 27.81
C PHE F 135 -6.72 -1.61 29.26
N ASP F 136 -6.15 -2.64 29.86
CA ASP F 136 -5.77 -2.62 31.26
C ASP F 136 -4.40 -3.26 31.42
N THR F 137 -3.74 -2.93 32.53
CA THR F 137 -2.38 -3.38 32.80
C THR F 137 -2.32 -4.69 33.56
N ASP F 138 -3.46 -5.28 33.91
CA ASP F 138 -3.51 -6.48 34.74
C ASP F 138 -4.42 -7.53 34.13
N HIS F 139 -4.24 -7.80 32.84
CA HIS F 139 -5.02 -8.84 32.18
C HIS F 139 -4.66 -10.21 32.76
N PRO F 140 -5.64 -11.11 32.86
CA PRO F 140 -5.36 -12.43 33.45
C PRO F 140 -4.73 -13.37 32.43
N VAL F 141 -3.63 -14.01 32.83
CA VAL F 141 -2.95 -15.01 32.02
C VAL F 141 -2.49 -16.11 32.97
N TYR F 142 -3.13 -17.28 32.90
CA TYR F 142 -2.80 -18.37 33.79
C TYR F 142 -1.62 -19.17 33.27
N PRO F 143 -0.90 -19.85 34.16
CA PRO F 143 0.25 -20.67 33.72
C PRO F 143 -0.10 -22.10 33.35
N ASN F 144 -1.37 -22.50 33.43
CA ASN F 144 -1.78 -23.86 33.14
C ASN F 144 -3.03 -23.83 32.27
N VAL F 145 -3.23 -24.92 31.52
CA VAL F 145 -4.38 -24.99 30.62
C VAL F 145 -5.68 -24.94 31.40
N ASP F 146 -5.75 -25.63 32.54
CA ASP F 146 -6.97 -25.66 33.33
C ASP F 146 -7.35 -24.29 33.87
N GLY F 147 -6.38 -23.37 33.97
CA GLY F 147 -6.67 -22.03 34.44
C GLY F 147 -6.60 -21.89 35.95
N THR F 148 -5.50 -22.33 36.54
CA THR F 148 -5.30 -22.21 37.97
C THR F 148 -3.84 -21.84 38.24
N GLY F 149 -3.62 -21.29 39.43
CA GLY F 149 -2.29 -20.88 39.85
C GLY F 149 -2.07 -19.39 39.65
N THR F 150 -0.92 -18.92 40.14
CA THR F 150 -0.58 -17.51 40.03
C THR F 150 -0.51 -17.10 38.56
N ALA F 151 -1.16 -16.00 38.23
CA ALA F 151 -1.20 -15.48 36.88
C ALA F 151 -0.11 -14.42 36.69
N THR F 152 -0.09 -13.79 35.52
CA THR F 152 0.89 -12.76 35.21
C THR F 152 0.18 -11.53 34.66
N THR F 153 0.76 -10.36 34.94
CA THR F 153 0.18 -9.10 34.52
C THR F 153 0.71 -8.71 33.15
N VAL F 154 -0.21 -8.45 32.22
CA VAL F 154 0.12 -8.06 30.85
C VAL F 154 -0.58 -6.74 30.56
N SER F 155 0.15 -5.79 30.00
CA SER F 155 -0.36 -4.46 29.69
C SER F 155 -0.21 -4.18 28.21
N ASN F 156 -1.29 -3.67 27.59
CA ASN F 156 -1.27 -3.25 26.20
C ASN F 156 -1.61 -1.77 26.05
N LEU F 157 -1.67 -1.04 27.16
CA LEU F 157 -1.92 0.39 27.15
C LEU F 157 -0.66 1.10 27.61
N PHE F 158 -0.14 2.01 26.78
CA PHE F 158 1.10 2.72 27.05
C PHE F 158 0.84 4.22 27.02
N ALA F 159 1.43 4.94 27.98
CA ALA F 159 1.26 6.37 28.08
C ALA F 159 2.51 6.97 28.71
N PRO F 160 2.99 8.11 28.24
CA PRO F 160 4.13 8.77 28.90
C PRO F 160 3.81 9.09 30.36
N ALA F 161 4.83 9.58 31.06
CA ALA F 161 4.64 9.96 32.46
C ALA F 161 3.54 11.00 32.60
N ALA F 162 3.38 11.88 31.61
CA ALA F 162 2.35 12.90 31.64
C ALA F 162 2.02 13.30 30.20
N ASP F 163 1.27 14.39 30.06
CA ASP F 163 0.91 15.02 28.79
C ASP F 163 0.75 13.99 27.67
N PRO F 164 -0.14 13.01 27.82
CA PRO F 164 -0.35 12.04 26.74
C PRO F 164 -0.84 12.72 25.47
N GLY F 165 -0.37 12.23 24.34
CA GLY F 165 -0.70 12.78 23.04
C GLY F 165 -1.89 12.08 22.40
N ALA F 166 -1.92 12.12 21.07
CA ALA F 166 -2.99 11.46 20.34
C ALA F 166 -2.90 9.94 20.51
N ALA F 167 -4.06 9.30 20.41
CA ALA F 167 -4.17 7.85 20.63
C ALA F 167 -4.34 7.15 19.29
N TRP F 168 -3.53 6.11 19.08
CA TRP F 168 -3.59 5.30 17.87
C TRP F 168 -3.73 3.83 18.26
N TYR F 169 -4.41 3.07 17.41
CA TYR F 169 -4.75 1.69 17.70
C TYR F 169 -4.10 0.76 16.67
N LEU F 170 -3.74 -0.43 17.14
CA LEU F 170 -3.18 -1.47 16.30
C LEU F 170 -4.08 -2.70 16.38
N LEU F 171 -4.57 -3.15 15.23
CA LEU F 171 -5.54 -4.23 15.17
C LEU F 171 -5.05 -5.33 14.24
N ASP F 172 -5.78 -6.45 14.24
CA ASP F 172 -5.49 -7.58 13.39
C ASP F 172 -6.79 -8.09 12.79
N THR F 173 -6.73 -8.48 11.52
CA THR F 173 -7.89 -9.02 10.82
C THR F 173 -7.65 -10.39 10.21
N SER F 174 -6.47 -10.99 10.43
CA SER F 174 -6.19 -12.30 9.86
C SER F 174 -7.14 -13.36 10.41
N ARG F 175 -7.44 -13.29 11.71
CA ARG F 175 -8.30 -14.28 12.33
C ARG F 175 -9.73 -14.18 11.76
N SER F 176 -10.54 -15.18 12.10
CA SER F 176 -11.92 -15.19 11.64
C SER F 176 -12.71 -14.04 12.25
N LEU F 177 -12.46 -13.73 13.51
CA LEU F 177 -13.17 -12.67 14.22
C LEU F 177 -12.30 -11.42 14.30
N LYS F 178 -12.87 -10.28 13.93
CA LYS F 178 -12.22 -9.02 14.20
C LYS F 178 -12.36 -8.67 15.68
N PRO F 179 -11.53 -7.76 16.20
CA PRO F 179 -11.61 -7.44 17.63
C PRO F 179 -12.99 -6.96 18.08
N LEU F 180 -13.74 -6.32 17.19
CA LEU F 180 -15.06 -5.80 17.52
C LEU F 180 -16.12 -6.57 16.75
N ILE F 181 -17.27 -6.80 17.40
CA ILE F 181 -18.39 -7.53 16.82
C ILE F 181 -19.58 -6.59 16.72
N TYR F 182 -20.15 -6.48 15.52
CA TYR F 182 -21.33 -5.66 15.27
C TYR F 182 -22.51 -6.58 15.02
N GLN F 183 -23.40 -6.68 16.00
CA GLN F 183 -24.59 -7.50 15.86
C GLN F 183 -25.63 -6.80 14.99
N GLU F 184 -26.52 -7.60 14.40
CA GLU F 184 -27.56 -7.07 13.53
C GLU F 184 -28.81 -7.96 13.69
N ARG F 185 -29.70 -7.54 14.60
CA ARG F 185 -30.95 -8.27 14.77
C ARG F 185 -31.90 -8.02 13.61
N MET F 186 -31.98 -6.78 13.13
CA MET F 186 -32.84 -6.44 12.01
C MET F 186 -32.22 -5.29 11.24
N LYS F 187 -32.23 -5.40 9.92
CA LYS F 187 -31.73 -4.32 9.08
C LYS F 187 -32.62 -3.08 9.25
N PRO F 188 -32.06 -1.88 9.16
CA PRO F 188 -32.89 -0.69 9.28
C PRO F 188 -34.00 -0.68 8.25
N SER F 189 -35.20 -0.30 8.69
CA SER F 189 -36.39 -0.29 7.84
C SER F 189 -37.14 1.01 8.03
N PHE F 190 -37.76 1.48 6.95
CA PHE F 190 -38.53 2.72 6.94
C PHE F 190 -40.00 2.39 6.72
N THR F 191 -40.86 3.08 7.47
CA THR F 191 -42.32 2.89 7.38
C THR F 191 -42.93 4.17 6.83
N SER F 192 -43.62 4.04 5.70
CA SER F 192 -44.27 5.19 5.05
C SER F 192 -45.68 5.35 5.65
N MET F 193 -45.71 5.78 6.91
CA MET F 193 -46.96 5.93 7.64
C MET F 193 -47.65 7.20 7.14
N THR F 194 -48.59 7.02 6.22
CA THR F 194 -49.35 8.14 5.67
C THR F 194 -50.70 7.59 5.20
N LYS F 195 -51.74 7.79 5.99
CA LYS F 195 -53.08 7.34 5.68
C LYS F 195 -54.06 8.48 5.90
N GLU F 196 -55.14 8.48 5.13
CA GLU F 196 -56.18 9.48 5.29
C GLU F 196 -57.17 9.13 6.39
N ASP F 197 -57.34 7.85 6.70
CA ASP F 197 -58.25 7.40 7.75
C ASP F 197 -57.53 7.09 9.06
N ASP F 198 -56.23 7.33 9.13
CA ASP F 198 -55.47 7.15 10.35
C ASP F 198 -55.65 8.38 11.24
N GLU F 199 -54.81 8.48 12.26
CA GLU F 199 -55.00 9.46 13.33
C GLU F 199 -53.70 10.20 13.59
N GLN F 200 -53.80 11.28 14.38
CA GLN F 200 -52.76 12.30 14.45
C GLN F 200 -52.37 12.78 13.05
N VAL F 201 -53.31 12.68 12.12
CA VAL F 201 -53.13 13.17 10.75
C VAL F 201 -54.30 14.10 10.44
N PHE F 202 -55.52 13.63 10.68
CA PHE F 202 -56.68 14.48 10.51
C PHE F 202 -56.77 15.52 11.62
N MET F 203 -56.42 15.13 12.85
CA MET F 203 -56.46 16.07 13.96
C MET F 203 -55.17 16.88 14.03
N ALA F 204 -54.06 16.29 13.61
CA ALA F 204 -52.83 17.05 13.38
C ALA F 204 -52.82 17.51 11.92
N ASP F 205 -51.68 18.02 11.46
CA ASP F 205 -51.53 18.44 10.07
C ASP F 205 -50.17 17.98 9.55
N GLU F 206 -49.81 16.74 9.85
CA GLU F 206 -48.50 16.20 9.51
C GLU F 206 -48.65 14.80 8.96
N TYR F 207 -47.67 14.41 8.13
CA TYR F 207 -47.53 13.04 7.64
C TYR F 207 -46.20 12.52 8.17
N ARG F 208 -46.25 11.93 9.37
CA ARG F 208 -45.02 11.45 9.99
C ARG F 208 -44.40 10.33 9.15
N TYR F 209 -43.07 10.25 9.20
CA TYR F 209 -42.32 9.20 8.54
C TYR F 209 -41.23 8.74 9.49
N GLY F 210 -41.05 7.43 9.60
CA GLY F 210 -40.12 6.88 10.57
C GLY F 210 -39.29 5.74 10.00
N VAL F 211 -38.19 5.47 10.68
CA VAL F 211 -37.30 4.37 10.38
C VAL F 211 -37.10 3.57 11.66
N ARG F 212 -36.82 2.29 11.52
CA ARG F 212 -36.59 1.42 12.67
C ARG F 212 -35.40 0.51 12.40
N SER F 213 -34.67 0.21 13.47
CA SER F 213 -33.51 -0.69 13.37
C SER F 213 -33.23 -1.28 14.74
N ARG F 214 -32.45 -2.35 14.74
CA ARG F 214 -32.04 -3.03 15.97
C ARG F 214 -30.65 -3.60 15.76
N CYS F 215 -29.68 -3.13 16.55
CA CYS F 215 -28.30 -3.57 16.42
C CYS F 215 -27.52 -3.09 17.63
N ASN F 216 -26.35 -3.68 17.82
CA ASN F 216 -25.45 -3.30 18.91
C ASN F 216 -24.05 -3.78 18.57
N VAL F 217 -23.06 -3.19 19.25
CA VAL F 217 -21.66 -3.48 19.03
C VAL F 217 -21.00 -3.83 20.36
N GLY F 218 -20.13 -4.85 20.34
CA GLY F 218 -19.44 -5.27 21.53
C GLY F 218 -18.02 -5.70 21.22
N PHE F 219 -17.22 -5.80 22.27
CA PHE F 219 -15.82 -6.18 22.14
C PHE F 219 -15.69 -7.67 21.89
N GLY F 220 -14.51 -8.07 21.40
CA GLY F 220 -14.20 -9.46 21.18
C GLY F 220 -13.21 -10.00 22.20
N PHE F 221 -11.99 -10.28 21.75
CA PHE F 221 -10.91 -10.71 22.64
C PHE F 221 -9.73 -9.76 22.47
N TRP F 222 -9.11 -9.40 23.59
CA TRP F 222 -8.09 -8.35 23.62
C TRP F 222 -6.74 -8.82 23.10
N GLN F 223 -6.59 -10.10 22.75
CA GLN F 223 -5.29 -10.59 22.29
C GLN F 223 -4.76 -9.77 21.11
N LEU F 224 -5.66 -9.23 20.29
CA LEU F 224 -5.25 -8.50 19.08
C LEU F 224 -5.14 -7.00 19.32
N ALA F 225 -6.24 -6.38 19.75
CA ALA F 225 -6.28 -4.93 19.83
C ALA F 225 -5.25 -4.39 20.81
N ALA F 226 -4.60 -3.30 20.43
CA ALA F 226 -3.64 -2.61 21.27
C ALA F 226 -3.82 -1.11 21.12
N MET F 227 -3.54 -0.38 22.19
CA MET F 227 -3.70 1.07 22.22
C MET F 227 -2.43 1.71 22.73
N SER F 228 -2.17 2.94 22.27
CA SER F 228 -0.97 3.67 22.66
C SER F 228 -1.19 5.15 22.41
N THR F 229 -0.99 5.96 23.44
CA THR F 229 -1.08 7.41 23.32
C THR F 229 0.27 8.06 23.01
N GLU F 230 1.33 7.26 22.86
CA GLU F 230 2.65 7.80 22.55
C GLU F 230 2.66 8.44 21.17
N GLU F 231 3.57 9.38 20.99
CA GLU F 231 3.78 9.98 19.68
C GLU F 231 4.12 8.88 18.67
N LEU F 232 3.48 8.92 17.51
CA LEU F 232 3.67 7.88 16.51
C LEU F 232 5.04 7.99 15.88
N ASN F 233 6.02 7.26 16.42
CA ASN F 233 7.39 7.26 15.92
C ASN F 233 7.81 5.83 15.61
N GLN F 234 8.94 5.70 14.92
CA GLN F 234 9.42 4.39 14.54
C GLN F 234 9.69 3.51 15.75
N VAL F 235 10.34 4.07 16.77
CA VAL F 235 10.71 3.27 17.95
C VAL F 235 9.46 2.78 18.67
N ASN F 236 8.50 3.69 18.90
CA ASN F 236 7.29 3.31 19.62
C ASN F 236 6.46 2.31 18.82
N PHE F 237 6.34 2.52 17.51
CA PHE F 237 5.60 1.59 16.67
C PHE F 237 6.26 0.21 16.69
N GLU F 238 7.58 0.17 16.59
CA GLU F 238 8.28 -1.12 16.64
C GLU F 238 8.08 -1.80 17.98
N LYS F 239 8.14 -1.04 19.08
CA LYS F 239 7.93 -1.62 20.39
C LYS F 239 6.53 -2.21 20.50
N VAL F 240 5.51 -1.47 20.06
CA VAL F 240 4.16 -1.98 20.13
C VAL F 240 4.01 -3.23 19.27
N TYR F 241 4.57 -3.19 18.06
CA TYR F 241 4.44 -4.31 17.13
C TYR F 241 5.09 -5.57 17.70
N ASP F 242 6.30 -5.44 18.24
CA ASP F 242 7.00 -6.62 18.75
C ASP F 242 6.42 -7.11 20.07
N ALA F 243 5.82 -6.21 20.86
CA ALA F 243 5.14 -6.65 22.07
C ALA F 243 3.86 -7.40 21.73
N MET F 244 3.08 -6.90 20.77
CA MET F 244 1.85 -7.59 20.38
C MET F 244 2.15 -8.92 19.70
N ARG F 245 3.15 -8.95 18.82
CA ARG F 245 3.45 -10.17 18.09
C ARG F 245 4.13 -11.23 18.94
N ASN F 246 4.65 -10.85 20.12
CA ASN F 246 5.29 -11.77 21.03
C ASN F 246 4.34 -12.24 22.13
N GLN F 247 3.06 -12.36 21.83
CA GLN F 247 2.08 -12.77 22.82
C GLN F 247 2.07 -14.29 22.93
N LYS F 248 2.10 -14.78 24.17
CA LYS F 248 2.09 -16.21 24.46
C LYS F 248 0.85 -16.56 25.27
N ALA F 249 0.23 -17.69 24.92
CA ALA F 249 -0.97 -18.15 25.62
C ALA F 249 -0.56 -18.85 26.91
N ASP F 250 -1.50 -19.54 27.54
CA ASP F 250 -1.20 -20.29 28.74
C ASP F 250 -0.08 -21.30 28.46
N GLY F 251 0.88 -21.36 29.38
CA GLY F 251 2.04 -22.21 29.20
C GLY F 251 3.16 -21.59 28.39
N GLY F 252 3.08 -20.29 28.09
CA GLY F 252 4.12 -19.62 27.34
C GLY F 252 4.31 -20.14 25.92
N ARG F 253 3.20 -20.31 25.20
CA ARG F 253 3.24 -20.75 23.82
C ARG F 253 2.79 -19.62 22.91
N PRO F 254 3.58 -19.19 21.92
CA PRO F 254 3.16 -18.07 21.08
C PRO F 254 1.86 -18.37 20.33
N LEU F 255 1.06 -17.32 20.14
CA LEU F 255 -0.20 -17.43 19.44
C LEU F 255 -0.06 -17.23 17.93
N ASP F 256 1.11 -16.83 17.45
CA ASP F 256 1.33 -16.53 16.03
C ASP F 256 0.39 -15.41 15.57
N ILE F 257 0.48 -14.28 16.26
CA ILE F 257 -0.34 -13.11 15.93
C ILE F 257 0.31 -12.37 14.77
N ARG F 258 -0.53 -11.92 13.83
CA ARG F 258 -0.08 -11.23 12.63
C ARG F 258 -0.81 -9.89 12.54
N PRO F 259 -0.27 -8.84 13.16
CA PRO F 259 -0.91 -7.53 13.03
C PRO F 259 -1.06 -7.14 11.58
N ASN F 260 -2.25 -6.63 11.23
CA ASN F 260 -2.59 -6.33 9.85
C ASN F 260 -2.61 -4.85 9.55
N LEU F 261 -3.38 -4.06 10.31
CA LEU F 261 -3.55 -2.64 10.04
C LEU F 261 -3.43 -1.85 11.33
N LEU F 262 -3.02 -0.59 11.19
CA LEU F 262 -2.91 0.35 12.30
C LEU F 262 -3.85 1.52 12.03
N VAL F 263 -4.71 1.82 13.00
CA VAL F 263 -5.74 2.85 12.85
C VAL F 263 -5.29 4.11 13.57
N VAL F 264 -5.29 5.22 12.85
CA VAL F 264 -4.99 6.53 13.45
C VAL F 264 -6.05 7.51 12.97
N PRO F 265 -6.29 8.58 13.73
CA PRO F 265 -7.17 9.64 13.25
C PRO F 265 -6.59 10.30 12.00
N THR F 266 -7.42 11.11 11.35
CA THR F 266 -6.95 11.86 10.18
C THR F 266 -5.84 12.84 10.55
N THR F 267 -5.69 13.15 11.84
CA THR F 267 -4.65 14.09 12.25
C THR F 267 -3.25 13.48 12.11
N LEU F 268 -3.13 12.17 12.28
CA LEU F 268 -1.84 11.49 12.27
C LEU F 268 -1.56 10.79 10.95
N ARG F 269 -2.20 11.23 9.87
CA ARG F 269 -1.94 10.62 8.57
C ARG F 269 -0.50 10.85 8.13
N SER F 270 0.07 12.02 8.43
CA SER F 270 1.46 12.27 8.09
C SER F 270 2.40 11.31 8.80
N LYS F 271 2.17 11.07 10.09
CA LYS F 271 3.00 10.13 10.83
C LYS F 271 2.80 8.71 10.32
N ALA F 272 1.57 8.34 9.97
CA ALA F 272 1.34 7.03 9.38
C ALA F 272 2.10 6.88 8.08
N LYS F 273 2.10 7.93 7.25
CA LYS F 273 2.85 7.89 6.00
C LYS F 273 4.35 7.75 6.26
N GLU F 274 4.88 8.50 7.23
CA GLU F 274 6.31 8.44 7.48
C GLU F 274 6.72 7.07 7.99
N VAL F 275 5.91 6.47 8.88
CA VAL F 275 6.23 5.14 9.40
C VAL F 275 6.03 4.08 8.33
N VAL F 276 4.93 4.17 7.59
CA VAL F 276 4.61 3.21 6.54
C VAL F 276 4.04 3.94 5.34
N GLY F 277 4.36 3.45 4.15
CA GLY F 277 3.84 4.01 2.92
C GLY F 277 4.77 4.96 2.19
N VAL F 278 5.95 5.24 2.76
CA VAL F 278 6.95 6.08 2.10
C VAL F 278 8.30 5.41 2.25
N GLN F 279 9.20 5.73 1.33
CA GLN F 279 10.54 5.14 1.30
C GLN F 279 11.58 5.95 2.06
N ARG F 280 11.17 7.05 2.69
CA ARG F 280 12.08 7.89 3.47
C ARG F 280 11.81 7.71 4.95
N LEU F 281 12.86 7.45 5.71
CA LEU F 281 12.78 7.49 7.17
C LEU F 281 13.09 8.92 7.65
N ALA F 282 13.01 9.11 8.97
CA ALA F 282 13.37 10.39 9.54
C ALA F 282 14.83 10.73 9.24
N ASN F 283 15.72 9.75 9.38
CA ASN F 283 17.12 9.95 9.03
C ASN F 283 17.35 9.91 7.52
N GLY F 284 16.39 9.40 6.75
CA GLY F 284 16.51 9.35 5.31
C GLY F 284 16.94 8.01 4.74
N ALA F 285 17.00 6.96 5.54
CA ALA F 285 17.35 5.64 5.06
C ALA F 285 16.10 4.88 4.65
N ASP F 286 16.31 3.80 3.89
CA ASP F 286 15.18 3.01 3.42
C ASP F 286 14.44 2.38 4.59
N ASN F 287 13.11 2.37 4.50
CA ASN F 287 12.29 1.85 5.58
C ASN F 287 12.51 0.34 5.74
N PRO F 288 12.53 -0.16 6.96
CA PRO F 288 12.40 -1.62 7.18
C PRO F 288 10.98 -2.10 7.42
N ASN F 289 9.99 -1.20 7.30
CA ASN F 289 8.59 -1.54 7.54
C ASN F 289 7.69 -1.05 6.42
N PHE F 290 8.25 -0.82 5.23
CA PHE F 290 7.45 -0.29 4.12
C PHE F 290 6.31 -1.25 3.79
N GLU F 291 5.13 -0.68 3.56
CA GLU F 291 3.92 -1.43 3.20
C GLU F 291 3.77 -2.68 4.08
N LEU F 292 4.16 -2.57 5.35
CA LEU F 292 3.98 -3.69 6.26
C LEU F 292 2.53 -3.81 6.71
N VAL F 293 1.84 -2.69 6.88
CA VAL F 293 0.45 -2.66 7.30
C VAL F 293 -0.33 -1.75 6.37
N GLN F 294 -1.65 -1.95 6.34
CA GLN F 294 -2.55 -1.16 5.51
C GLN F 294 -3.25 -0.14 6.41
N VAL F 295 -2.77 1.11 6.36
CA VAL F 295 -3.35 2.17 7.17
C VAL F 295 -4.76 2.48 6.69
N LEU F 296 -5.64 2.85 7.61
CA LEU F 296 -7.03 3.19 7.32
C LEU F 296 -7.37 4.47 8.08
N ASP F 297 -7.17 5.61 7.44
CA ASP F 297 -7.54 6.88 8.05
C ASP F 297 -9.06 7.04 8.06
N THR F 298 -9.57 7.68 9.11
CA THR F 298 -11.00 7.85 9.27
C THR F 298 -11.27 9.16 10.01
N ALA F 299 -12.44 9.74 9.73
CA ALA F 299 -12.87 10.95 10.41
C ALA F 299 -13.66 10.66 11.69
N TRP F 300 -14.08 9.41 11.90
CA TRP F 300 -14.83 9.07 13.11
C TRP F 300 -13.96 9.13 14.36
N LEU F 301 -12.63 9.13 14.21
CA LEU F 301 -11.71 9.26 15.33
C LEU F 301 -11.14 10.66 15.43
N ASN F 302 -11.83 11.66 14.88
CA ASN F 302 -11.37 13.05 14.89
C ASN F 302 -10.12 13.20 14.04
N ILE G 1 -26.10 39.41 -48.77
CA ILE G 1 -25.01 39.02 -47.90
C ILE G 1 -25.55 38.52 -46.57
N ILE G 2 -26.83 38.80 -46.30
CA ILE G 2 -27.51 38.40 -45.08
C ILE G 2 -28.58 37.38 -45.43
N THR G 3 -28.48 36.20 -44.84
CA THR G 3 -29.45 35.14 -45.02
C THR G 3 -29.74 34.51 -43.66
N PRO G 4 -30.86 33.81 -43.52
CA PRO G 4 -31.15 33.17 -42.23
C PRO G 4 -30.06 32.22 -41.78
N ALA G 5 -29.39 31.54 -42.72
CA ALA G 5 -28.36 30.59 -42.34
C ALA G 5 -27.21 31.26 -41.60
N LEU G 6 -26.76 32.42 -42.09
CA LEU G 6 -25.61 33.08 -41.48
C LEU G 6 -25.93 33.57 -40.07
N ILE G 7 -27.08 34.23 -39.90
CA ILE G 7 -27.45 34.72 -38.58
C ILE G 7 -27.71 33.56 -37.63
N SER G 8 -28.28 32.47 -38.14
CA SER G 8 -28.48 31.29 -37.32
C SER G 8 -27.16 30.69 -36.88
N ALA G 9 -26.17 30.65 -37.78
CA ALA G 9 -24.85 30.14 -37.42
C ALA G 9 -24.19 31.01 -36.36
N LEU G 10 -24.30 32.34 -36.51
CA LEU G 10 -23.75 33.24 -35.51
C LEU G 10 -24.42 33.04 -34.15
N LYS G 11 -25.75 32.86 -34.17
CA LYS G 11 -26.48 32.63 -32.93
C LYS G 11 -26.05 31.31 -32.29
N THR G 12 -25.85 30.28 -33.11
CA THR G 12 -25.38 28.99 -32.59
C THR G 12 -23.99 29.12 -31.99
N SER G 13 -23.11 29.89 -32.63
CA SER G 13 -21.78 30.10 -32.09
C SER G 13 -21.85 30.81 -30.74
N PHE G 14 -22.68 31.85 -30.64
CA PHE G 14 -22.83 32.55 -29.37
C PHE G 14 -23.37 31.61 -28.29
N GLN G 15 -24.38 30.81 -28.65
CA GLN G 15 -24.98 29.90 -27.68
C GLN G 15 -23.98 28.85 -27.20
N LYS G 16 -23.21 28.28 -28.13
CA LYS G 16 -22.23 27.27 -27.73
C LYS G 16 -21.14 27.89 -26.86
N HIS G 17 -20.68 29.09 -27.21
CA HIS G 17 -19.68 29.76 -26.35
C HIS G 17 -20.23 29.93 -24.94
N PHE G 18 -21.43 30.51 -24.81
CA PHE G 18 -21.99 30.78 -23.50
C PHE G 18 -22.21 29.49 -22.71
N GLN G 19 -22.77 28.47 -23.36
CA GLN G 19 -23.07 27.23 -22.67
C GLN G 19 -21.81 26.50 -22.22
N ASP G 20 -20.80 26.44 -23.09
CA ASP G 20 -19.55 25.79 -22.72
C ASP G 20 -18.86 26.53 -21.59
N ALA G 21 -18.88 27.87 -21.64
CA ALA G 21 -18.27 28.64 -20.55
C ALA G 21 -19.00 28.39 -19.24
N LEU G 22 -20.33 28.36 -19.27
CA LEU G 22 -21.10 28.12 -18.05
C LEU G 22 -20.85 26.72 -17.50
N ALA G 23 -20.80 25.71 -18.37
CA ALA G 23 -20.62 24.34 -17.91
C ALA G 23 -19.29 24.16 -17.21
N THR G 24 -18.22 24.73 -17.76
CA THR G 24 -16.90 24.61 -17.16
C THR G 24 -16.68 25.56 -15.99
N ALA G 25 -17.64 26.43 -15.70
CA ALA G 25 -17.47 27.38 -14.62
C ALA G 25 -17.29 26.64 -13.30
N PRO G 26 -16.28 26.96 -12.50
CA PRO G 26 -16.09 26.25 -11.23
C PRO G 26 -17.23 26.51 -10.26
N SER G 27 -17.53 25.51 -9.44
CA SER G 27 -18.57 25.59 -8.43
C SER G 27 -17.99 25.20 -7.08
N THR G 28 -18.18 26.06 -6.08
CA THR G 28 -17.72 25.79 -4.73
C THR G 28 -18.77 26.02 -3.65
N TYR G 29 -19.95 26.53 -3.99
CA TYR G 29 -20.99 26.70 -2.99
C TYR G 29 -21.54 25.36 -2.53
N LEU G 30 -21.47 24.32 -3.38
CA LEU G 30 -21.98 23.02 -3.01
C LEU G 30 -21.34 22.51 -1.73
N GLN G 31 -20.05 22.80 -1.53
CA GLN G 31 -19.39 22.38 -0.31
C GLN G 31 -20.00 23.04 0.92
N VAL G 32 -20.54 24.25 0.77
CA VAL G 32 -21.02 25.03 1.90
C VAL G 32 -22.47 25.43 1.67
N ALA G 33 -23.17 24.71 0.81
CA ALA G 33 -24.56 25.03 0.52
C ALA G 33 -25.29 23.79 0.03
N THR G 34 -26.62 23.84 0.10
CA THR G 34 -27.49 22.78 -0.38
C THR G 34 -28.43 23.35 -1.45
N VAL G 35 -28.59 22.61 -2.53
CA VAL G 35 -29.41 23.05 -3.65
C VAL G 35 -30.83 22.53 -3.45
N ILE G 36 -31.80 23.43 -3.41
CA ILE G 36 -33.20 23.08 -3.23
C ILE G 36 -34.00 23.66 -4.38
N PRO G 37 -34.31 22.89 -5.42
CA PRO G 37 -35.07 23.45 -6.55
C PRO G 37 -36.47 23.87 -6.13
N SER G 38 -36.98 24.90 -6.81
CA SER G 38 -38.31 25.42 -6.54
C SER G 38 -38.96 25.85 -7.85
N THR G 39 -40.30 25.90 -7.83
CA THR G 39 -41.08 26.29 -9.00
C THR G 39 -42.17 27.28 -8.61
N THR G 40 -41.90 28.14 -7.63
CA THR G 40 -42.87 29.11 -7.15
C THR G 40 -42.11 30.37 -6.75
N ALA G 41 -42.81 31.28 -6.06
CA ALA G 41 -42.21 32.54 -5.65
C ALA G 41 -41.52 32.46 -4.30
N SER G 42 -41.95 31.55 -3.42
CA SER G 42 -41.36 31.42 -2.10
C SER G 42 -41.63 30.03 -1.56
N ASN G 43 -40.85 29.65 -0.55
CA ASN G 43 -41.01 28.35 0.10
C ASN G 43 -40.86 28.53 1.61
N THR G 44 -41.46 27.62 2.35
CA THR G 44 -41.44 27.64 3.82
C THR G 44 -40.71 26.41 4.33
N TYR G 45 -39.84 26.62 5.31
CA TYR G 45 -39.05 25.54 5.92
C TYR G 45 -39.31 25.56 7.42
N GLY G 46 -40.01 24.54 7.91
CA GLY G 46 -40.35 24.43 9.31
C GLY G 46 -39.44 23.53 10.13
N TRP G 47 -38.25 23.22 9.63
CA TRP G 47 -37.33 22.32 10.34
C TRP G 47 -36.36 23.06 11.25
N LEU G 48 -36.42 24.40 11.29
CA LEU G 48 -35.50 25.16 12.12
C LEU G 48 -35.82 24.94 13.60
N GLY G 49 -34.77 24.81 14.40
CA GLY G 49 -34.92 24.75 15.84
C GLY G 49 -34.54 23.43 16.48
N GLN G 50 -34.96 22.32 15.87
CA GLN G 50 -34.76 20.99 16.45
C GLN G 50 -33.94 20.16 15.49
N PHE G 51 -32.98 19.41 16.03
CA PHE G 51 -32.07 18.59 15.24
C PHE G 51 -32.47 17.11 15.33
N PRO G 52 -32.29 16.33 14.27
CA PRO G 52 -32.66 14.90 14.35
C PRO G 52 -31.88 14.18 15.45
N LYS G 53 -32.56 13.25 16.13
CA LYS G 53 -31.99 12.54 17.26
C LYS G 53 -32.58 11.14 17.33
N LEU G 54 -31.94 10.28 18.11
CA LEU G 54 -32.38 8.91 18.31
C LEU G 54 -32.00 8.47 19.72
N ARG G 55 -32.85 7.67 20.35
CA ARG G 55 -32.63 7.23 21.71
C ARG G 55 -33.37 5.91 21.93
N GLU G 56 -33.29 5.40 23.16
CA GLU G 56 -34.02 4.18 23.49
C GLU G 56 -35.52 4.46 23.42
N TRP G 57 -36.27 3.43 23.06
CA TRP G 57 -37.65 3.59 22.58
C TRP G 57 -38.66 3.23 23.68
N ILE G 58 -39.51 4.20 24.02
CA ILE G 58 -40.72 3.94 24.79
C ILE G 58 -41.87 4.62 24.06
N GLY G 59 -41.70 4.83 22.75
CA GLY G 59 -42.61 5.68 22.01
C GLY G 59 -42.33 7.16 22.15
N GLN G 60 -41.20 7.53 22.74
CA GLN G 60 -40.84 8.93 22.96
C GLN G 60 -40.00 9.40 21.78
N ARG G 61 -40.65 9.92 20.76
CA ARG G 61 -39.95 10.45 19.60
C ARG G 61 -39.44 11.86 19.90
N VAL G 62 -38.24 12.16 19.38
CA VAL G 62 -37.53 13.36 19.78
C VAL G 62 -37.84 14.58 18.91
N ILE G 63 -38.30 14.38 17.67
CA ILE G 63 -38.44 15.51 16.77
C ILE G 63 -39.58 16.41 17.22
N LYS G 64 -39.44 17.70 16.91
CA LYS G 64 -40.43 18.72 17.24
C LYS G 64 -41.44 18.85 16.11
N ASP G 65 -42.56 19.54 16.38
CA ASP G 65 -43.62 19.70 15.39
C ASP G 65 -43.90 21.17 15.06
N MET G 66 -43.73 22.07 16.02
CA MET G 66 -44.19 23.44 15.87
C MET G 66 -43.09 24.30 15.25
N ALA G 67 -43.27 24.69 13.99
CA ALA G 67 -42.53 25.81 13.42
C ALA G 67 -43.47 26.90 12.94
N ALA G 68 -44.42 26.59 12.06
CA ALA G 68 -45.48 27.50 11.67
C ALA G 68 -44.98 28.70 10.88
N GLN G 69 -43.67 28.83 10.72
CA GLN G 69 -43.09 30.01 10.06
C GLN G 69 -41.80 29.59 9.39
N GLY G 70 -41.79 29.59 8.05
CA GLY G 70 -40.59 29.28 7.31
C GLY G 70 -39.66 30.47 7.20
N TYR G 71 -38.53 30.25 6.53
CA TYR G 71 -37.56 31.33 6.33
C TYR G 71 -38.14 32.43 5.44
N GLN G 72 -39.07 32.09 4.56
CA GLN G 72 -39.66 33.05 3.64
C GLN G 72 -38.57 33.71 2.80
N ILE G 73 -37.90 32.88 2.00
CA ILE G 73 -36.76 33.37 1.22
C ILE G 73 -37.18 34.49 0.28
N THR G 74 -38.31 34.32 -0.41
CA THR G 74 -38.78 35.31 -1.38
C THR G 74 -37.71 35.57 -2.42
N ASN G 75 -37.42 34.52 -3.20
CA ASN G 75 -36.31 34.57 -4.15
C ASN G 75 -36.37 35.81 -5.03
N LYS G 76 -35.20 36.24 -5.48
CA LYS G 76 -35.07 37.42 -6.33
C LYS G 76 -34.39 37.04 -7.65
N LEU G 77 -34.05 38.04 -8.46
CA LEU G 77 -33.63 37.83 -9.84
C LEU G 77 -32.46 38.74 -10.20
N PHE G 78 -31.64 38.28 -11.15
CA PHE G 78 -30.43 38.97 -11.56
C PHE G 78 -30.27 38.87 -13.08
N GLU G 79 -29.44 39.75 -13.64
CA GLU G 79 -29.24 39.80 -15.08
C GLU G 79 -27.96 40.58 -15.40
N SER G 80 -27.60 40.55 -16.68
CA SER G 80 -26.50 41.34 -17.21
C SER G 80 -26.68 41.46 -18.71
N THR G 81 -25.96 42.41 -19.31
CA THR G 81 -26.10 42.65 -20.74
C THR G 81 -24.80 43.23 -21.30
N VAL G 82 -24.65 43.12 -22.61
CA VAL G 82 -23.48 43.64 -23.33
C VAL G 82 -23.95 44.12 -24.71
N GLY G 83 -23.11 44.96 -25.34
CA GLY G 83 -23.42 45.51 -26.63
C GLY G 83 -22.25 45.37 -27.59
N VAL G 84 -22.53 45.60 -28.87
CA VAL G 84 -21.51 45.47 -29.92
C VAL G 84 -21.34 46.73 -30.76
N LYS G 85 -22.35 47.59 -30.88
CA LYS G 85 -22.33 48.86 -31.59
C LYS G 85 -22.41 48.69 -33.11
N ARG G 86 -22.36 47.47 -33.63
CA ARG G 86 -22.55 47.23 -35.07
C ARG G 86 -21.47 47.89 -35.92
N THR G 87 -20.48 48.52 -35.30
CA THR G 87 -19.42 49.16 -36.08
C THR G 87 -18.48 48.13 -36.69
N ASP G 88 -18.59 46.86 -36.32
CA ASP G 88 -17.66 45.84 -36.78
C ASP G 88 -18.06 45.25 -38.14
N ILE G 89 -19.28 45.47 -38.60
CA ILE G 89 -19.71 44.90 -39.88
C ILE G 89 -18.79 45.41 -40.99
N GLU G 90 -18.44 46.69 -40.95
CA GLU G 90 -17.47 47.23 -41.91
C GLU G 90 -16.06 46.77 -41.57
N ASP G 91 -15.75 46.60 -40.28
CA ASP G 91 -14.44 46.15 -39.87
C ASP G 91 -14.24 44.65 -40.09
N ASP G 92 -15.31 43.89 -40.20
CA ASP G 92 -15.23 42.43 -40.33
C ASP G 92 -14.48 41.82 -39.15
N ASN G 93 -14.68 42.39 -37.97
CA ASN G 93 -14.00 41.95 -36.76
C ASN G 93 -14.89 40.99 -35.98
N LEU G 94 -15.12 39.83 -36.58
CA LEU G 94 -15.98 38.80 -35.97
C LEU G 94 -15.21 37.81 -35.11
N GLY G 95 -13.88 37.75 -35.24
CA GLY G 95 -13.12 36.84 -34.39
C GLY G 95 -13.28 37.16 -32.92
N VAL G 96 -13.35 38.45 -32.58
CA VAL G 96 -13.62 38.91 -31.22
C VAL G 96 -15.06 38.57 -30.88
N TYR G 97 -15.46 38.80 -29.62
CA TYR G 97 -16.77 38.49 -29.07
C TYR G 97 -16.89 37.04 -28.65
N GLY G 98 -15.80 36.26 -28.66
CA GLY G 98 -15.80 34.96 -28.05
C GLY G 98 -15.41 35.06 -26.59
N PRO G 99 -14.22 35.60 -26.33
CA PRO G 99 -13.78 35.73 -24.93
C PRO G 99 -14.74 36.53 -24.07
N LEU G 100 -15.39 37.55 -24.63
CA LEU G 100 -16.32 38.35 -23.84
C LEU G 100 -17.47 37.48 -23.31
N MET G 101 -18.07 36.67 -24.18
CA MET G 101 -19.17 35.83 -23.75
C MET G 101 -18.69 34.68 -22.87
N GLN G 102 -17.48 34.17 -23.11
CA GLN G 102 -16.94 33.16 -22.20
C GLN G 102 -16.77 33.73 -20.80
N GLU G 103 -16.25 34.96 -20.69
CA GLU G 103 -16.13 35.61 -19.40
C GLU G 103 -17.50 35.86 -18.78
N MET G 104 -18.48 36.25 -19.60
CA MET G 104 -19.83 36.46 -19.09
C MET G 104 -20.39 35.17 -18.51
N GLY G 105 -20.22 34.05 -19.21
CA GLY G 105 -20.69 32.78 -18.71
C GLY G 105 -19.98 32.36 -17.44
N ARG G 106 -18.67 32.57 -17.37
CA ARG G 106 -17.94 32.25 -16.15
C ARG G 106 -18.43 33.09 -14.98
N ALA G 107 -18.68 34.38 -15.21
CA ALA G 107 -19.21 35.24 -14.16
C ALA G 107 -20.59 34.77 -13.71
N ALA G 108 -21.44 34.39 -14.66
CA ALA G 108 -22.76 33.88 -14.30
C ALA G 108 -22.64 32.62 -13.45
N GLY G 109 -21.72 31.72 -13.83
CA GLY G 109 -21.53 30.51 -13.04
C GLY G 109 -21.01 30.80 -11.64
N ALA G 110 -20.10 31.78 -11.52
CA ALA G 110 -19.51 32.11 -10.23
C ALA G 110 -20.43 32.95 -9.35
N HIS G 111 -21.44 33.58 -9.93
CA HIS G 111 -22.34 34.43 -9.15
C HIS G 111 -22.93 33.75 -7.93
N PRO G 112 -23.44 32.50 -8.00
CA PRO G 112 -23.98 31.89 -6.78
C PRO G 112 -22.98 31.84 -5.64
N ASP G 113 -21.71 31.59 -5.94
CA ASP G 113 -20.69 31.59 -4.88
C ASP G 113 -20.62 32.96 -4.22
N GLU G 114 -20.58 34.02 -5.04
CA GLU G 114 -20.51 35.37 -4.49
C GLU G 114 -21.72 35.67 -3.63
N LEU G 115 -22.91 35.29 -4.09
CA LEU G 115 -24.13 35.57 -3.33
C LEU G 115 -24.14 34.81 -2.01
N VAL G 116 -23.76 33.53 -2.03
CA VAL G 116 -23.75 32.74 -0.81
C VAL G 116 -22.75 33.31 0.19
N PHE G 117 -21.56 33.67 -0.27
CA PHE G 117 -20.56 34.20 0.64
C PHE G 117 -20.93 35.58 1.15
N ALA G 118 -21.60 36.39 0.32
CA ALA G 118 -22.09 37.67 0.79
C ALA G 118 -23.13 37.50 1.89
N LEU G 119 -24.04 36.53 1.73
CA LEU G 119 -24.98 36.24 2.80
C LEU G 119 -24.25 35.78 4.05
N LEU G 120 -23.25 34.91 3.88
CA LEU G 120 -22.51 34.40 5.03
C LEU G 120 -21.83 35.53 5.79
N LYS G 121 -21.23 36.48 5.07
CA LYS G 121 -20.56 37.60 5.73
C LYS G 121 -21.55 38.49 6.48
N ALA G 122 -22.85 38.41 6.18
CA ALA G 122 -23.87 39.23 6.81
C ALA G 122 -24.51 38.54 8.01
N GLY G 123 -23.78 37.67 8.70
CA GLY G 123 -24.36 36.98 9.84
C GLY G 123 -24.82 37.91 10.93
N ASN G 124 -24.07 38.99 11.17
CA ASN G 124 -24.41 39.94 12.22
C ASN G 124 -25.42 40.99 11.78
N ALA G 125 -25.75 41.05 10.49
CA ALA G 125 -26.66 42.05 9.94
C ALA G 125 -27.87 41.40 9.29
N ASN G 126 -28.43 40.39 9.96
CA ASN G 126 -29.65 39.74 9.49
C ASN G 126 -30.46 39.27 10.69
N LEU G 127 -31.76 39.53 10.66
CA LEU G 127 -32.66 39.15 11.74
C LEU G 127 -33.19 37.75 11.49
N CYS G 128 -32.99 36.86 12.47
CA CYS G 128 -33.45 35.49 12.36
C CYS G 128 -34.93 35.41 12.77
N TYR G 129 -35.47 34.20 12.72
CA TYR G 129 -36.87 34.00 13.07
C TYR G 129 -37.16 34.35 14.51
N ASP G 130 -36.15 34.32 15.39
CA ASP G 130 -36.35 34.60 16.80
C ASP G 130 -36.63 36.06 17.08
N GLY G 131 -36.51 36.95 16.09
CA GLY G 131 -36.69 38.36 16.32
C GLY G 131 -35.47 39.10 16.81
N GLN G 132 -34.33 38.42 16.91
CA GLN G 132 -33.08 39.01 17.34
C GLN G 132 -32.00 38.69 16.31
N ASN G 133 -30.84 39.32 16.46
CA ASN G 133 -29.73 39.09 15.56
C ASN G 133 -29.49 37.59 15.36
N PHE G 134 -29.03 37.23 14.17
CA PHE G 134 -28.82 35.82 13.86
C PHE G 134 -27.80 35.19 14.79
N PHE G 135 -26.71 35.89 15.07
CA PHE G 135 -25.69 35.45 16.02
C PHE G 135 -25.91 36.22 17.32
N ASP G 136 -26.60 35.60 18.26
CA ASP G 136 -26.90 36.20 19.55
C ASP G 136 -26.39 35.32 20.67
N THR G 137 -26.07 35.93 21.80
CA THR G 137 -25.53 35.22 22.96
C THR G 137 -26.62 34.58 23.80
N ASP G 138 -27.88 34.75 23.46
CA ASP G 138 -29.01 34.26 24.26
C ASP G 138 -29.93 33.40 23.39
N HIS G 139 -29.35 32.47 22.65
CA HIS G 139 -30.17 31.54 21.88
C HIS G 139 -31.03 30.71 22.83
N PRO G 140 -32.32 30.51 22.51
CA PRO G 140 -33.17 29.70 23.39
C PRO G 140 -33.14 28.23 23.03
N VAL G 141 -33.02 27.39 24.07
CA VAL G 141 -33.08 25.94 23.94
C VAL G 141 -33.81 25.42 25.17
N TYR G 142 -35.03 24.92 24.98
CA TYR G 142 -35.84 24.48 26.11
C TYR G 142 -35.53 23.04 26.48
N PRO G 143 -35.70 22.66 27.75
CA PRO G 143 -35.44 21.28 28.17
C PRO G 143 -36.63 20.32 28.05
N ASN G 144 -37.72 20.75 27.41
CA ASN G 144 -38.91 19.93 27.28
C ASN G 144 -39.41 19.96 25.84
N VAL G 145 -40.14 18.91 25.47
CA VAL G 145 -40.66 18.81 24.10
C VAL G 145 -41.62 19.95 23.82
N ASP G 146 -42.49 20.28 24.77
CA ASP G 146 -43.44 21.36 24.57
C ASP G 146 -42.75 22.70 24.33
N GLY G 147 -41.49 22.83 24.76
CA GLY G 147 -40.75 24.05 24.49
C GLY G 147 -41.10 25.17 25.44
N THR G 148 -40.91 24.96 26.74
CA THR G 148 -41.19 25.98 27.74
C THR G 148 -40.24 25.79 28.91
N GLY G 149 -40.08 26.86 29.68
CA GLY G 149 -39.21 26.87 30.84
C GLY G 149 -37.95 27.66 30.58
N THR G 150 -37.11 27.71 31.62
CA THR G 150 -35.85 28.43 31.53
C THR G 150 -34.98 27.87 30.42
N ALA G 151 -34.35 28.76 29.67
CA ALA G 151 -33.45 28.39 28.59
C ALA G 151 -32.02 28.39 29.11
N THR G 152 -31.06 28.22 28.20
CA THR G 152 -29.65 28.20 28.54
C THR G 152 -28.88 29.07 27.57
N THR G 153 -27.69 29.50 28.00
CA THR G 153 -26.85 30.39 27.20
C THR G 153 -26.09 29.58 26.16
N VAL G 154 -26.41 29.82 24.88
CA VAL G 154 -25.70 29.22 23.76
C VAL G 154 -25.16 30.34 22.90
N SER G 155 -23.84 30.32 22.65
CA SER G 155 -23.16 31.37 21.91
C SER G 155 -22.40 30.75 20.75
N ASN G 156 -22.58 31.33 19.55
CA ASN G 156 -21.82 30.93 18.37
C ASN G 156 -21.02 32.08 17.81
N LEU G 157 -20.77 33.12 18.61
CA LEU G 157 -20.05 34.31 18.17
C LEU G 157 -19.07 34.69 19.26
N PHE G 158 -17.79 34.41 19.03
CA PHE G 158 -16.71 34.71 19.97
C PHE G 158 -15.93 35.90 19.45
N ALA G 159 -16.01 37.03 20.15
CA ALA G 159 -15.30 38.23 19.78
C ALA G 159 -14.56 38.79 20.99
N PRO G 160 -13.43 39.47 20.78
CA PRO G 160 -12.72 40.07 21.91
C PRO G 160 -13.51 41.20 22.55
N ALA G 161 -12.98 41.78 23.63
CA ALA G 161 -13.65 42.91 24.27
C ALA G 161 -13.73 44.10 23.32
N ALA G 162 -12.67 44.36 22.57
CA ALA G 162 -12.62 45.47 21.62
C ALA G 162 -11.72 45.07 20.46
N ASP G 163 -11.33 46.08 19.66
CA ASP G 163 -10.40 45.96 18.54
C ASP G 163 -10.50 44.60 17.85
N PRO G 164 -11.68 44.21 17.38
CA PRO G 164 -11.81 42.90 16.73
C PRO G 164 -10.98 42.84 15.45
N GLY G 165 -10.47 41.64 15.16
CA GLY G 165 -9.69 41.38 13.98
C GLY G 165 -10.52 40.77 12.87
N ALA G 166 -9.86 40.01 12.00
CA ALA G 166 -10.55 39.35 10.90
C ALA G 166 -11.52 38.30 11.43
N ALA G 167 -12.61 38.11 10.71
CA ALA G 167 -13.65 37.16 11.07
C ALA G 167 -13.43 35.85 10.32
N TRP G 168 -13.39 34.74 11.05
CA TRP G 168 -13.21 33.42 10.48
C TRP G 168 -14.34 32.51 10.94
N TYR G 169 -14.70 31.57 10.07
CA TYR G 169 -15.86 30.71 10.26
C TYR G 169 -15.43 29.26 10.43
N LEU G 170 -16.13 28.54 11.31
CA LEU G 170 -15.97 27.10 11.47
C LEU G 170 -17.28 26.44 11.04
N LEU G 171 -17.20 25.56 10.06
CA LEU G 171 -18.37 24.92 9.47
C LEU G 171 -18.21 23.41 9.51
N ASP G 172 -19.35 22.72 9.41
CA ASP G 172 -19.39 21.27 9.35
C ASP G 172 -20.29 20.85 8.20
N THR G 173 -19.81 19.89 7.41
CA THR G 173 -20.57 19.36 6.27
C THR G 173 -20.89 17.88 6.44
N SER G 174 -20.81 17.37 7.68
CA SER G 174 -21.10 15.96 7.91
C SER G 174 -22.53 15.62 7.54
N ARG G 175 -23.47 16.50 7.89
CA ARG G 175 -24.88 16.25 7.60
C ARG G 175 -25.13 16.36 6.10
N SER G 176 -26.25 15.77 5.66
CA SER G 176 -26.58 15.79 4.24
C SER G 176 -26.80 17.20 3.74
N LEU G 177 -27.49 18.03 4.51
CA LEU G 177 -27.75 19.41 4.15
C LEU G 177 -26.87 20.34 4.97
N LYS G 178 -26.35 21.37 4.32
CA LYS G 178 -25.36 22.26 4.90
C LYS G 178 -26.04 23.42 5.61
N PRO G 179 -25.27 24.22 6.35
CA PRO G 179 -25.87 25.35 7.07
C PRO G 179 -26.52 26.39 6.16
N LEU G 180 -26.14 26.44 4.90
CA LEU G 180 -26.69 27.41 3.95
C LEU G 180 -27.44 26.68 2.85
N ILE G 181 -28.48 27.33 2.34
CA ILE G 181 -29.33 26.77 1.29
C ILE G 181 -29.38 27.76 0.13
N TYR G 182 -29.28 27.23 -1.09
CA TYR G 182 -29.30 28.03 -2.31
C TYR G 182 -30.47 27.57 -3.17
N GLN G 183 -31.45 28.45 -3.37
CA GLN G 183 -32.60 28.11 -4.19
C GLN G 183 -32.24 28.15 -5.67
N GLU G 184 -33.06 27.49 -6.48
CA GLU G 184 -32.88 27.43 -7.93
C GLU G 184 -34.27 27.48 -8.57
N ARG G 185 -34.73 28.70 -8.89
CA ARG G 185 -36.05 28.86 -9.50
C ARG G 185 -35.98 28.64 -11.00
N MET G 186 -35.08 29.34 -11.68
CA MET G 186 -34.90 29.18 -13.12
C MET G 186 -33.41 29.21 -13.43
N LYS G 187 -32.97 28.31 -14.30
CA LYS G 187 -31.57 28.28 -14.69
C LYS G 187 -31.23 29.53 -15.50
N PRO G 188 -29.98 29.98 -15.45
CA PRO G 188 -29.61 31.16 -16.23
C PRO G 188 -29.89 30.95 -17.71
N SER G 189 -30.40 32.01 -18.35
CA SER G 189 -30.74 31.96 -19.77
C SER G 189 -30.42 33.32 -20.38
N PHE G 190 -29.89 33.29 -21.61
CA PHE G 190 -29.53 34.50 -22.34
C PHE G 190 -30.52 34.70 -23.48
N THR G 191 -31.05 35.91 -23.59
CA THR G 191 -32.02 36.27 -24.61
C THR G 191 -31.35 37.10 -25.69
N SER G 192 -31.42 36.64 -26.93
CA SER G 192 -30.87 37.36 -28.07
C SER G 192 -31.95 38.25 -28.65
N MET G 193 -31.66 39.55 -28.77
CA MET G 193 -32.65 40.49 -29.28
C MET G 193 -31.94 41.74 -29.78
N THR G 194 -32.10 42.03 -31.06
CA THR G 194 -31.61 43.25 -31.70
C THR G 194 -32.72 44.13 -32.28
N LYS G 195 -33.58 43.57 -33.13
CA LYS G 195 -34.43 44.37 -34.00
C LYS G 195 -35.73 44.72 -33.27
N GLU G 196 -35.75 45.92 -32.68
CA GLU G 196 -36.94 46.50 -32.06
C GLU G 196 -37.13 47.94 -32.49
N ASP G 197 -36.48 48.34 -33.58
CA ASP G 197 -36.42 49.73 -34.01
C ASP G 197 -35.71 50.60 -32.97
N ASP G 198 -35.06 49.98 -32.00
CA ASP G 198 -34.33 50.68 -30.96
C ASP G 198 -33.09 49.88 -30.61
N GLU G 199 -31.93 50.54 -30.64
CA GLU G 199 -30.66 49.92 -30.27
C GLU G 199 -30.33 48.73 -31.17
N GLN G 200 -30.68 48.85 -32.45
CA GLN G 200 -30.16 47.97 -33.49
C GLN G 200 -29.41 48.73 -34.57
N VAL G 201 -30.01 49.80 -35.08
CA VAL G 201 -29.38 50.62 -36.12
C VAL G 201 -29.52 52.09 -35.78
N PHE G 202 -30.31 52.39 -34.74
CA PHE G 202 -30.78 53.75 -34.49
C PHE G 202 -30.29 54.32 -33.17
N MET G 203 -30.48 53.60 -32.06
CA MET G 203 -30.03 54.06 -30.75
C MET G 203 -28.64 53.48 -30.49
N ALA G 204 -27.62 54.22 -30.93
CA ALA G 204 -26.22 53.88 -30.71
C ALA G 204 -25.77 52.63 -31.45
N ASP G 205 -26.57 52.13 -32.39
CA ASP G 205 -26.22 50.99 -33.23
C ASP G 205 -25.90 49.75 -32.43
N GLU G 206 -26.35 49.66 -31.18
CA GLU G 206 -25.93 48.59 -30.30
C GLU G 206 -26.55 47.27 -30.73
N TYR G 207 -26.05 46.18 -30.15
CA TYR G 207 -26.61 44.83 -30.32
C TYR G 207 -26.72 44.23 -28.93
N ARG G 208 -27.87 44.42 -28.28
CA ARG G 208 -28.02 44.01 -26.90
C ARG G 208 -27.96 42.49 -26.80
N TYR G 209 -27.24 41.99 -25.79
CA TYR G 209 -27.15 40.56 -25.50
C TYR G 209 -27.18 40.41 -23.99
N GLY G 210 -28.26 39.86 -23.46
CA GLY G 210 -28.46 39.82 -22.03
C GLY G 210 -28.66 38.43 -21.46
N VAL G 211 -28.47 38.29 -20.14
CA VAL G 211 -28.68 37.05 -19.43
C VAL G 211 -29.61 37.32 -18.26
N ARG G 212 -30.43 36.33 -17.91
CA ARG G 212 -31.37 36.44 -16.80
C ARG G 212 -31.29 35.19 -15.94
N SER G 213 -31.46 35.38 -14.63
CA SER G 213 -31.39 34.28 -13.68
C SER G 213 -32.36 34.56 -12.54
N ARG G 214 -32.78 33.48 -11.87
CA ARG G 214 -33.73 33.55 -10.75
C ARG G 214 -33.20 32.66 -9.64
N CYS G 215 -32.53 33.27 -8.65
CA CYS G 215 -31.92 32.52 -7.57
C CYS G 215 -31.90 33.38 -6.31
N ASN G 216 -31.77 32.70 -5.18
CA ASN G 216 -31.59 33.37 -3.89
C ASN G 216 -31.00 32.37 -2.92
N VAL G 217 -30.41 32.89 -1.84
CA VAL G 217 -29.73 32.09 -0.84
C VAL G 217 -30.29 32.42 0.53
N GLY G 218 -30.41 31.42 1.39
CA GLY G 218 -30.90 31.61 2.73
C GLY G 218 -30.14 30.74 3.71
N PHE G 219 -30.36 31.03 5.00
CA PHE G 219 -29.69 30.30 6.06
C PHE G 219 -30.35 28.94 6.30
N GLY G 220 -29.61 28.05 6.94
CA GLY G 220 -30.15 26.78 7.38
C GLY G 220 -30.42 26.81 8.87
N PHE G 221 -29.72 25.97 9.64
CA PHE G 221 -29.80 25.98 11.09
C PHE G 221 -28.41 26.22 11.68
N TRP G 222 -28.38 26.95 12.78
CA TRP G 222 -27.16 27.54 13.32
C TRP G 222 -26.39 26.62 14.25
N GLN G 223 -26.88 25.41 14.51
CA GLN G 223 -26.20 24.52 15.44
C GLN G 223 -24.83 24.06 14.95
N LEU G 224 -24.50 24.28 13.68
CA LEU G 224 -23.20 23.91 13.13
C LEU G 224 -22.34 25.12 12.79
N ALA G 225 -22.85 26.05 11.99
CA ALA G 225 -22.06 27.21 11.61
C ALA G 225 -21.72 28.05 12.83
N ALA G 226 -20.47 28.48 12.92
CA ALA G 226 -20.01 29.33 14.01
C ALA G 226 -19.07 30.39 13.45
N MET G 227 -18.97 31.52 14.16
CA MET G 227 -18.11 32.62 13.75
C MET G 227 -17.34 33.14 14.95
N SER G 228 -16.20 33.76 14.66
CA SER G 228 -15.37 34.35 15.72
C SER G 228 -14.38 35.30 15.08
N THR G 229 -14.36 36.54 15.57
CA THR G 229 -13.42 37.55 15.10
C THR G 229 -12.18 37.65 15.97
N GLU G 230 -12.03 36.78 16.96
CA GLU G 230 -10.86 36.80 17.81
C GLU G 230 -9.62 36.43 17.01
N GLU G 231 -8.46 36.92 17.46
CA GLU G 231 -7.21 36.62 16.79
C GLU G 231 -7.00 35.12 16.72
N LEU G 232 -6.51 34.64 15.58
CA LEU G 232 -6.41 33.21 15.31
C LEU G 232 -5.10 32.69 15.90
N ASN G 233 -5.20 32.06 17.08
CA ASN G 233 -4.08 31.41 17.74
C ASN G 233 -4.49 30.01 18.17
N GLN G 234 -3.52 29.26 18.70
CA GLN G 234 -3.80 27.89 19.14
C GLN G 234 -4.82 27.88 20.28
N VAL G 235 -4.67 28.79 21.24
CA VAL G 235 -5.59 28.81 22.38
C VAL G 235 -6.99 29.19 21.93
N ASN G 236 -7.11 30.21 21.08
CA ASN G 236 -8.42 30.61 20.59
C ASN G 236 -9.05 29.51 19.75
N PHE G 237 -8.24 28.86 18.90
CA PHE G 237 -8.75 27.76 18.09
C PHE G 237 -9.27 26.64 18.97
N GLU G 238 -8.50 26.27 20.01
CA GLU G 238 -8.94 25.21 20.90
C GLU G 238 -10.21 25.58 21.64
N LYS G 239 -10.30 26.83 22.10
CA LYS G 239 -11.50 27.27 22.82
C LYS G 239 -12.72 27.19 21.91
N VAL G 240 -12.60 27.69 20.67
CA VAL G 240 -13.72 27.67 19.74
C VAL G 240 -14.10 26.23 19.40
N TYR G 241 -13.11 25.38 19.18
CA TYR G 241 -13.38 23.98 18.86
C TYR G 241 -14.12 23.29 20.01
N ASP G 242 -13.66 23.49 21.24
CA ASP G 242 -14.32 22.88 22.39
C ASP G 242 -15.75 23.42 22.55
N ALA G 243 -15.93 24.73 22.38
CA ALA G 243 -17.26 25.31 22.52
C ALA G 243 -18.21 24.75 21.47
N MET G 244 -17.74 24.63 20.23
CA MET G 244 -18.59 24.06 19.18
C MET G 244 -18.90 22.60 19.46
N ARG G 245 -17.91 21.85 19.96
CA ARG G 245 -18.12 20.44 20.27
C ARG G 245 -19.17 20.26 21.37
N ASN G 246 -19.15 21.14 22.37
CA ASN G 246 -20.08 21.02 23.48
C ASN G 246 -21.52 21.30 23.07
N GLN G 247 -21.74 21.93 21.92
CA GLN G 247 -23.09 22.25 21.49
C GLN G 247 -23.93 20.99 21.40
N LYS G 248 -25.17 21.07 21.88
CA LYS G 248 -26.08 19.93 21.95
C LYS G 248 -27.34 20.22 21.16
N ALA G 249 -27.87 19.19 20.50
CA ALA G 249 -29.11 19.33 19.74
C ALA G 249 -30.20 19.99 20.57
N ASP G 250 -30.57 19.35 21.68
CA ASP G 250 -31.62 19.85 22.55
C ASP G 250 -31.31 19.43 23.97
N GLY G 251 -31.94 20.10 24.93
CA GLY G 251 -31.70 19.80 26.32
C GLY G 251 -31.85 18.33 26.66
N GLY G 252 -30.77 17.73 27.15
CA GLY G 252 -30.79 16.33 27.55
C GLY G 252 -29.64 15.51 27.00
N ARG G 253 -29.22 15.78 25.76
CA ARG G 253 -28.13 15.02 25.15
C ARG G 253 -27.68 15.69 23.87
N PRO G 254 -26.38 15.68 23.55
CA PRO G 254 -25.90 16.38 22.36
C PRO G 254 -25.96 15.53 21.09
N LEU G 255 -25.64 16.18 19.98
CA LEU G 255 -25.50 15.55 18.68
C LEU G 255 -24.02 15.39 18.36
N ASP G 256 -23.73 14.86 17.17
CA ASP G 256 -22.35 14.57 16.76
C ASP G 256 -21.78 15.78 16.00
N ILE G 257 -21.38 16.80 16.77
CA ILE G 257 -20.76 17.98 16.19
C ILE G 257 -19.34 17.63 15.79
N ARG G 258 -19.05 17.70 14.49
CA ARG G 258 -17.75 17.33 13.94
C ARG G 258 -17.27 18.43 13.00
N PRO G 259 -16.71 19.52 13.55
CA PRO G 259 -16.20 20.60 12.70
C PRO G 259 -15.25 20.07 11.62
N ASN G 260 -15.64 20.24 10.36
CA ASN G 260 -14.92 19.65 9.23
C ASN G 260 -13.96 20.63 8.56
N LEU G 261 -14.42 21.83 8.23
CA LEU G 261 -13.62 22.79 7.48
C LEU G 261 -13.65 24.14 8.17
N LEU G 262 -12.63 24.94 7.90
CA LEU G 262 -12.48 26.28 8.46
C LEU G 262 -12.23 27.27 7.34
N VAL G 263 -12.86 28.43 7.42
CA VAL G 263 -12.82 29.45 6.38
C VAL G 263 -12.24 30.72 6.96
N VAL G 264 -11.30 31.33 6.25
CA VAL G 264 -10.67 32.58 6.69
C VAL G 264 -10.64 33.56 5.53
N PRO G 265 -10.61 34.86 5.78
CA PRO G 265 -10.31 35.82 4.71
C PRO G 265 -8.86 35.69 4.27
N THR G 266 -8.60 36.13 3.04
CA THR G 266 -7.27 35.98 2.47
C THR G 266 -6.21 36.69 3.32
N THR G 267 -6.59 37.69 4.11
CA THR G 267 -5.62 38.38 4.97
C THR G 267 -5.23 37.58 6.20
N LEU G 268 -5.93 36.47 6.48
CA LEU G 268 -5.63 35.64 7.64
C LEU G 268 -5.20 34.23 7.24
N ARG G 269 -5.00 33.96 5.95
CA ARG G 269 -4.59 32.64 5.51
C ARG G 269 -3.22 32.28 6.06
N SER G 270 -2.31 33.26 6.13
CA SER G 270 -0.98 32.99 6.68
C SER G 270 -1.08 32.52 8.13
N LYS G 271 -1.89 33.21 8.94
CA LYS G 271 -2.06 32.79 10.33
C LYS G 271 -2.75 31.43 10.42
N ALA G 272 -3.72 31.18 9.53
CA ALA G 272 -4.38 29.88 9.52
C ALA G 272 -3.38 28.76 9.25
N LYS G 273 -2.49 28.97 8.28
CA LYS G 273 -1.46 27.98 8.01
C LYS G 273 -0.49 27.85 9.19
N GLU G 274 -0.15 28.97 9.83
CA GLU G 274 0.77 28.91 10.95
C GLU G 274 0.20 28.10 12.11
N VAL G 275 -1.07 28.32 12.44
CA VAL G 275 -1.68 27.58 13.55
C VAL G 275 -1.85 26.10 13.17
N VAL G 276 -2.23 25.82 11.93
CA VAL G 276 -2.42 24.47 11.44
C VAL G 276 -1.60 24.30 10.18
N GLY G 277 -0.59 23.43 10.22
CA GLY G 277 0.28 23.22 9.09
C GLY G 277 1.73 23.04 9.46
N VAL G 278 2.08 23.32 10.71
CA VAL G 278 3.45 23.16 11.21
C VAL G 278 3.43 22.10 12.29
N GLN G 279 4.35 21.14 12.20
CA GLN G 279 4.34 20.01 13.12
C GLN G 279 5.17 20.30 14.37
N ARG G 280 6.44 20.66 14.20
CA ARG G 280 7.31 20.92 15.34
C ARG G 280 7.22 22.39 15.74
N LEU G 281 7.12 22.62 17.05
CA LEU G 281 7.14 23.97 17.62
C LEU G 281 8.58 24.31 17.99
N ALA G 282 8.77 25.46 18.66
CA ALA G 282 10.10 25.83 19.12
C ALA G 282 10.62 24.83 20.14
N ASN G 283 9.76 24.39 21.06
CA ASN G 283 10.19 23.43 22.07
C ASN G 283 10.58 22.09 21.44
N GLY G 284 9.81 21.64 20.45
CA GLY G 284 10.10 20.38 19.79
C GLY G 284 9.01 19.34 19.98
N ALA G 285 7.75 19.79 20.09
CA ALA G 285 6.61 18.91 20.26
C ALA G 285 5.69 19.02 19.06
N ASP G 286 5.05 17.90 18.72
CA ASP G 286 4.15 17.86 17.57
C ASP G 286 2.85 18.60 17.88
N ASN G 287 2.31 19.28 16.87
CA ASN G 287 1.06 20.00 17.04
C ASN G 287 -0.11 19.05 16.87
N PRO G 288 -1.03 18.96 17.83
CA PRO G 288 -2.16 18.04 17.72
C PRO G 288 -3.27 18.49 16.80
N ASN G 289 -3.10 19.60 16.08
CA ASN G 289 -4.13 20.14 15.21
C ASN G 289 -3.80 19.99 13.73
N PHE G 290 -2.72 19.29 13.39
CA PHE G 290 -2.33 19.16 12.00
C PHE G 290 -3.40 18.43 11.20
N GLU G 291 -3.78 19.02 10.06
CA GLU G 291 -4.76 18.41 9.16
C GLU G 291 -6.04 18.03 9.91
N LEU G 292 -6.40 18.81 10.93
CA LEU G 292 -7.64 18.56 11.64
C LEU G 292 -8.85 19.02 10.84
N VAL G 293 -8.70 20.09 10.06
CA VAL G 293 -9.77 20.64 9.24
C VAL G 293 -9.23 20.88 7.83
N GLN G 294 -10.15 21.03 6.89
CA GLN G 294 -9.82 21.30 5.48
C GLN G 294 -9.92 22.79 5.25
N VAL G 295 -8.76 23.46 5.15
CA VAL G 295 -8.76 24.90 4.92
C VAL G 295 -9.35 25.21 3.55
N LEU G 296 -10.13 26.28 3.48
CA LEU G 296 -10.79 26.70 2.24
C LEU G 296 -10.69 28.23 2.16
N ASP G 297 -9.65 28.71 1.48
CA ASP G 297 -9.49 30.15 1.30
C ASP G 297 -10.48 30.67 0.27
N THR G 298 -11.00 31.87 0.53
CA THR G 298 -11.98 32.48 -0.37
C THR G 298 -11.76 33.98 -0.40
N ALA G 299 -11.93 34.57 -1.58
CA ALA G 299 -11.79 36.01 -1.76
C ALA G 299 -13.10 36.77 -1.61
N TRP G 300 -14.24 36.06 -1.63
CA TRP G 300 -15.53 36.73 -1.50
C TRP G 300 -15.72 37.37 -0.14
N LEU G 301 -14.95 36.95 0.87
CA LEU G 301 -15.04 37.49 2.22
C LEU G 301 -14.02 38.59 2.48
N ASN G 302 -13.46 39.18 1.43
CA ASN G 302 -12.50 40.26 1.58
C ASN G 302 -11.27 39.80 2.36
#